data_8GSA
#
_entry.id   8GSA
#
_entity_poly.entity_id   1
_entity_poly.type   'polypeptide(L)'
_entity_poly.pdbx_seq_one_letter_code
;MVFEKIQAIIVEELGKDAEEVQLTTNIQEELDADSLDLFQIINEIEDEFDVKIETEDGIQTVQDLVTYVEKQQAN
;
_entity_poly.pdbx_strand_id   A
#
# COMPACT_ATOMS: atom_id res chain seq x y z
N MET A 1 6.37 -7.62 8.75
CA MET A 1 6.57 -8.54 7.59
C MET A 1 5.59 -8.19 6.48
N VAL A 2 4.34 -7.95 6.87
CA VAL A 2 3.30 -7.59 5.89
C VAL A 2 3.69 -6.28 5.24
N PHE A 3 4.04 -5.30 6.06
CA PHE A 3 4.45 -3.99 5.58
C PHE A 3 5.68 -4.11 4.70
N GLU A 4 6.51 -5.11 4.99
CA GLU A 4 7.69 -5.38 4.20
C GLU A 4 7.26 -5.75 2.79
N LYS A 5 6.11 -6.43 2.70
CA LYS A 5 5.56 -6.90 1.44
C LYS A 5 4.83 -5.77 0.71
N ILE A 6 3.99 -5.06 1.44
CA ILE A 6 3.25 -3.93 0.89
C ILE A 6 4.27 -2.90 0.39
N GLN A 7 5.32 -2.72 1.19
CA GLN A 7 6.43 -1.84 0.85
C GLN A 7 7.11 -2.39 -0.41
N ALA A 8 7.22 -3.72 -0.49
CA ALA A 8 7.85 -4.35 -1.66
C ALA A 8 7.06 -4.02 -2.91
N ILE A 9 5.73 -4.10 -2.78
CA ILE A 9 4.81 -3.79 -3.88
C ILE A 9 4.90 -2.31 -4.28
N ILE A 10 4.89 -1.44 -3.28
CA ILE A 10 4.93 0.00 -3.52
C ILE A 10 6.28 0.41 -4.12
N VAL A 11 7.34 -0.16 -3.57
CA VAL A 11 8.70 0.11 -4.02
C VAL A 11 8.88 -0.33 -5.47
N GLU A 12 8.38 -1.53 -5.79
CA GLU A 12 8.50 -2.06 -7.14
C GLU A 12 7.54 -1.35 -8.11
N GLU A 13 6.29 -1.20 -7.69
CA GLU A 13 5.25 -0.58 -8.51
C GLU A 13 5.59 0.88 -8.82
N LEU A 14 6.10 1.57 -7.81
CA LEU A 14 6.46 2.99 -7.96
C LEU A 14 7.92 3.18 -8.35
N GLY A 15 8.74 2.14 -8.15
CA GLY A 15 10.16 2.24 -8.44
C GLY A 15 10.84 3.20 -7.46
N LYS A 16 10.24 3.33 -6.27
CA LYS A 16 10.76 4.20 -5.23
C LYS A 16 11.46 3.34 -4.18
N ASP A 17 12.30 3.95 -3.33
CA ASP A 17 13.02 3.19 -2.32
C ASP A 17 12.12 2.91 -1.12
N ALA A 18 12.43 1.83 -0.40
CA ALA A 18 11.66 1.44 0.78
C ALA A 18 11.71 2.56 1.82
N GLU A 19 12.89 3.17 1.96
CA GLU A 19 13.08 4.27 2.90
C GLU A 19 12.19 5.46 2.54
N GLU A 20 11.97 5.65 1.23
CA GLU A 20 11.11 6.75 0.76
C GLU A 20 9.65 6.51 1.12
N VAL A 21 9.26 5.23 1.23
CA VAL A 21 7.88 4.88 1.59
C VAL A 21 7.74 4.99 3.12
N GLN A 22 6.91 5.93 3.57
CA GLN A 22 6.71 6.16 5.00
C GLN A 22 5.27 5.89 5.43
N LEU A 23 5.16 5.23 6.59
CA LEU A 23 3.86 4.87 7.15
C LEU A 23 3.01 6.11 7.44
N THR A 24 3.61 7.09 8.13
CA THR A 24 2.90 8.32 8.49
C THR A 24 2.64 9.23 7.27
N THR A 25 3.38 9.01 6.20
CA THR A 25 3.25 9.82 4.99
C THR A 25 2.23 9.23 4.01
N ASN A 26 1.57 10.10 3.24
CA ASN A 26 0.60 9.69 2.21
C ASN A 26 1.29 9.59 0.86
N ILE A 27 1.15 8.45 0.20
CA ILE A 27 1.76 8.20 -1.11
C ILE A 27 1.15 9.07 -2.21
N GLN A 28 -0.17 9.28 -2.17
CA GLN A 28 -0.84 10.06 -3.21
C GLN A 28 -0.27 11.48 -3.28
N GLU A 29 0.15 12.02 -2.14
CA GLU A 29 0.73 13.35 -2.08
C GLU A 29 2.26 13.31 -2.06
N GLU A 30 2.81 12.32 -1.35
CA GLU A 30 4.26 12.16 -1.24
C GLU A 30 4.85 11.87 -2.62
N LEU A 31 4.24 10.92 -3.30
CA LEU A 31 4.70 10.52 -4.63
C LEU A 31 3.78 10.98 -5.75
N ASP A 32 2.79 11.84 -5.43
CA ASP A 32 1.85 12.33 -6.43
C ASP A 32 1.16 11.14 -7.12
N ALA A 33 0.74 10.18 -6.30
CA ALA A 33 0.10 8.97 -6.80
C ALA A 33 -1.40 9.18 -7.03
N ASP A 34 -1.88 8.59 -8.13
CA ASP A 34 -3.29 8.70 -8.49
C ASP A 34 -4.02 7.43 -8.05
N SER A 35 -5.33 7.41 -8.30
CA SER A 35 -6.16 6.25 -7.91
C SER A 35 -5.66 4.98 -8.60
N LEU A 36 -5.12 5.11 -9.81
CA LEU A 36 -4.60 3.95 -10.53
C LEU A 36 -3.41 3.31 -9.83
N ASP A 37 -2.49 4.17 -9.35
CA ASP A 37 -1.30 3.67 -8.66
C ASP A 37 -1.69 2.93 -7.40
N LEU A 38 -2.63 3.51 -6.65
CA LEU A 38 -3.13 2.89 -5.42
C LEU A 38 -3.89 1.62 -5.77
N PHE A 39 -4.67 1.71 -6.84
CA PHE A 39 -5.46 0.60 -7.34
C PHE A 39 -4.55 -0.57 -7.64
N GLN A 40 -3.44 -0.29 -8.34
CA GLN A 40 -2.46 -1.32 -8.68
C GLN A 40 -1.74 -1.86 -7.46
N ILE A 41 -1.38 -0.99 -6.51
CA ILE A 41 -0.68 -1.45 -5.30
C ILE A 41 -1.60 -2.41 -4.55
N ILE A 42 -2.88 -2.05 -4.51
CA ILE A 42 -3.89 -2.89 -3.86
C ILE A 42 -4.11 -4.16 -4.70
N ASN A 43 -4.02 -4.04 -6.03
CA ASN A 43 -4.18 -5.23 -6.87
C ASN A 43 -2.99 -6.17 -6.62
N GLU A 44 -1.82 -5.55 -6.43
CA GLU A 44 -0.59 -6.27 -6.18
C GLU A 44 -0.61 -6.93 -4.81
N ILE A 45 -1.07 -6.21 -3.77
CA ILE A 45 -1.15 -6.82 -2.44
C ILE A 45 -2.26 -7.87 -2.47
N GLU A 46 -3.30 -7.59 -3.26
CA GLU A 46 -4.40 -8.53 -3.43
C GLU A 46 -3.85 -9.80 -4.09
N ASP A 47 -2.98 -9.62 -5.08
CA ASP A 47 -2.36 -10.75 -5.76
C ASP A 47 -1.35 -11.46 -4.84
N GLU A 48 -0.67 -10.67 -4.00
CA GLU A 48 0.36 -11.21 -3.10
C GLU A 48 -0.26 -11.92 -1.87
N PHE A 49 -0.95 -11.16 -1.03
CA PHE A 49 -1.58 -11.71 0.19
C PHE A 49 -3.04 -12.10 -0.03
N ASP A 50 -3.69 -11.51 -1.04
CA ASP A 50 -5.11 -11.76 -1.31
C ASP A 50 -5.91 -11.66 0.00
N VAL A 51 -6.03 -10.42 0.44
CA VAL A 51 -6.72 -10.06 1.69
C VAL A 51 -7.70 -8.95 1.40
N LYS A 52 -8.57 -8.63 2.37
CA LYS A 52 -9.55 -7.57 2.17
C LYS A 52 -8.87 -6.21 2.34
N ILE A 53 -8.58 -5.57 1.20
CA ILE A 53 -7.91 -4.26 1.22
C ILE A 53 -8.89 -3.16 0.82
N GLU A 54 -9.51 -2.56 1.82
CA GLU A 54 -10.45 -1.47 1.58
C GLU A 54 -9.66 -0.24 1.11
N THR A 55 -9.99 0.26 -0.08
CA THR A 55 -9.27 1.42 -0.64
C THR A 55 -10.21 2.34 -1.42
N GLU A 56 -9.63 3.42 -1.95
CA GLU A 56 -10.40 4.42 -2.71
C GLU A 56 -11.53 5.00 -1.86
N ASP A 57 -11.36 4.92 -0.54
CA ASP A 57 -12.34 5.45 0.41
C ASP A 57 -11.63 6.25 1.51
N GLY A 58 -10.55 6.94 1.13
CA GLY A 58 -9.77 7.74 2.07
C GLY A 58 -8.42 7.09 2.40
N ILE A 59 -8.17 5.87 1.88
CA ILE A 59 -6.92 5.17 2.14
C ILE A 59 -5.90 5.46 1.04
N GLN A 60 -4.88 6.25 1.40
CA GLN A 60 -3.80 6.60 0.47
C GLN A 60 -2.48 6.77 1.24
N THR A 61 -2.43 6.21 2.44
CA THR A 61 -1.27 6.29 3.29
C THR A 61 -0.81 4.89 3.62
N VAL A 62 0.50 4.72 3.63
CA VAL A 62 1.10 3.43 3.92
C VAL A 62 0.58 2.89 5.26
N GLN A 63 0.41 3.79 6.25
CA GLN A 63 -0.09 3.37 7.56
C GLN A 63 -1.50 2.76 7.44
N ASP A 64 -2.44 3.43 6.74
CA ASP A 64 -3.79 2.87 6.62
C ASP A 64 -3.80 1.63 5.75
N LEU A 65 -3.06 1.69 4.64
CA LEU A 65 -2.97 0.57 3.72
C LEU A 65 -2.45 -0.66 4.45
N VAL A 66 -1.29 -0.49 5.08
CA VAL A 66 -0.64 -1.56 5.82
C VAL A 66 -1.52 -2.04 6.97
N THR A 67 -2.08 -1.09 7.72
CA THR A 67 -2.93 -1.43 8.85
C THR A 67 -4.14 -2.23 8.38
N TYR A 68 -4.74 -1.81 7.26
CA TYR A 68 -5.92 -2.47 6.73
C TYR A 68 -5.58 -3.86 6.16
N VAL A 69 -4.56 -3.94 5.29
CA VAL A 69 -4.18 -5.23 4.70
C VAL A 69 -3.76 -6.18 5.82
N GLU A 70 -2.93 -5.68 6.70
CA GLU A 70 -2.42 -6.48 7.81
C GLU A 70 -3.53 -6.89 8.78
N LYS A 71 -4.41 -5.94 9.11
CA LYS A 71 -5.52 -6.23 10.03
C LYS A 71 -6.47 -7.24 9.41
N GLN A 72 -6.82 -6.99 8.15
CA GLN A 72 -7.74 -7.87 7.41
C GLN A 72 -7.12 -9.24 7.17
N GLN A 73 -5.82 -9.29 6.86
CA GLN A 73 -5.14 -10.57 6.59
C GLN A 73 -5.07 -11.43 7.85
N ALA A 74 -5.18 -10.79 9.02
CA ALA A 74 -5.13 -11.50 10.29
C ALA A 74 -6.34 -12.43 10.45
N ASN A 75 -6.12 -13.59 11.06
CA ASN A 75 -7.19 -14.56 11.27
C ASN A 75 -8.34 -13.92 12.06
N MET A 1 6.16 -7.66 9.04
CA MET A 1 6.47 -8.58 7.92
C MET A 1 5.54 -8.28 6.74
N VAL A 2 4.26 -8.06 7.05
CA VAL A 2 3.28 -7.75 6.02
C VAL A 2 3.67 -6.45 5.34
N PHE A 3 3.98 -5.44 6.16
CA PHE A 3 4.37 -4.14 5.64
C PHE A 3 5.60 -4.27 4.77
N GLU A 4 6.44 -5.25 5.10
CA GLU A 4 7.64 -5.51 4.31
C GLU A 4 7.21 -5.89 2.90
N LYS A 5 6.07 -6.58 2.82
CA LYS A 5 5.53 -7.06 1.56
C LYS A 5 4.78 -5.96 0.81
N ILE A 6 3.91 -5.25 1.53
CA ILE A 6 3.15 -4.15 0.94
C ILE A 6 4.14 -3.11 0.43
N GLN A 7 5.16 -2.87 1.24
CA GLN A 7 6.24 -1.96 0.90
C GLN A 7 6.99 -2.52 -0.30
N ALA A 8 7.16 -3.85 -0.35
CA ALA A 8 7.84 -4.50 -1.46
C ALA A 8 7.08 -4.27 -2.76
N ILE A 9 5.75 -4.34 -2.66
CA ILE A 9 4.87 -4.15 -3.81
C ILE A 9 4.96 -2.69 -4.31
N ILE A 10 4.86 -1.75 -3.38
CA ILE A 10 4.89 -0.32 -3.72
C ILE A 10 6.27 0.07 -4.26
N VAL A 11 7.30 -0.37 -3.55
CA VAL A 11 8.68 -0.08 -3.90
C VAL A 11 9.04 -0.68 -5.25
N GLU A 12 8.64 -1.92 -5.49
CA GLU A 12 8.94 -2.59 -6.75
C GLU A 12 8.07 -2.04 -7.90
N GLU A 13 6.77 -1.90 -7.63
CA GLU A 13 5.82 -1.44 -8.65
C GLU A 13 6.11 0.00 -9.07
N LEU A 14 6.47 0.83 -8.11
CA LEU A 14 6.76 2.24 -8.39
C LEU A 14 8.26 2.51 -8.55
N GLY A 15 9.09 1.59 -8.06
CA GLY A 15 10.54 1.74 -8.16
C GLY A 15 11.05 2.88 -7.26
N LYS A 16 10.36 3.10 -6.13
CA LYS A 16 10.76 4.17 -5.20
C LYS A 16 11.80 3.64 -4.21
N ASP A 17 12.26 4.53 -3.32
CA ASP A 17 13.27 4.16 -2.33
C ASP A 17 12.63 3.84 -0.98
N ALA A 18 13.40 3.18 -0.11
CA ALA A 18 12.93 2.81 1.23
C ALA A 18 12.57 4.07 2.03
N GLU A 19 13.37 5.12 1.88
CA GLU A 19 13.12 6.37 2.61
C GLU A 19 11.79 7.00 2.16
N GLU A 20 11.43 6.76 0.89
CA GLU A 20 10.19 7.31 0.33
C GLU A 20 8.94 6.63 0.91
N VAL A 21 9.09 5.36 1.33
CA VAL A 21 7.97 4.60 1.89
C VAL A 21 7.91 4.75 3.40
N GLN A 22 7.01 5.63 3.86
CA GLN A 22 6.82 5.87 5.29
C GLN A 22 5.35 5.74 5.68
N LEU A 23 5.13 5.19 6.86
CA LEU A 23 3.78 4.97 7.37
C LEU A 23 3.04 6.29 7.53
N THR A 24 3.73 7.29 8.09
CA THR A 24 3.14 8.62 8.32
C THR A 24 2.98 9.42 7.02
N THR A 25 3.75 9.04 5.98
CA THR A 25 3.70 9.75 4.70
C THR A 25 2.58 9.18 3.81
N ASN A 26 1.86 10.08 3.12
CA ASN A 26 0.79 9.69 2.20
C ASN A 26 1.39 9.59 0.81
N ILE A 27 1.29 8.42 0.20
CA ILE A 27 1.85 8.17 -1.13
C ILE A 27 1.14 8.99 -2.23
N GLN A 28 -0.18 9.14 -2.13
CA GLN A 28 -0.91 9.88 -3.16
C GLN A 28 -0.42 11.33 -3.27
N GLU A 29 0.02 11.90 -2.15
CA GLU A 29 0.53 13.27 -2.13
C GLU A 29 2.06 13.31 -2.20
N GLU A 30 2.69 12.35 -1.51
CA GLU A 30 4.15 12.27 -1.47
C GLU A 30 4.69 11.92 -2.84
N LEU A 31 4.07 10.94 -3.47
CA LEU A 31 4.49 10.48 -4.80
C LEU A 31 3.52 10.93 -5.89
N ASP A 32 2.51 11.76 -5.54
CA ASP A 32 1.54 12.23 -6.52
C ASP A 32 0.85 11.03 -7.17
N ALA A 33 0.50 10.04 -6.32
CA ALA A 33 -0.14 8.82 -6.81
C ALA A 33 -1.65 8.99 -6.92
N ASP A 34 -2.17 8.62 -8.08
CA ASP A 34 -3.60 8.72 -8.36
C ASP A 34 -4.31 7.43 -7.94
N SER A 35 -5.60 7.33 -8.26
CA SER A 35 -6.40 6.16 -7.91
C SER A 35 -5.81 4.89 -8.54
N LEU A 36 -5.34 5.00 -9.77
CA LEU A 36 -4.76 3.84 -10.46
C LEU A 36 -3.52 3.31 -9.76
N ASP A 37 -2.65 4.22 -9.32
CA ASP A 37 -1.41 3.82 -8.65
C ASP A 37 -1.72 3.04 -7.38
N LEU A 38 -2.68 3.55 -6.61
CA LEU A 38 -3.10 2.88 -5.38
C LEU A 38 -3.84 1.60 -5.69
N PHE A 39 -4.67 1.67 -6.73
CA PHE A 39 -5.46 0.54 -7.17
C PHE A 39 -4.52 -0.61 -7.54
N GLN A 40 -3.47 -0.30 -8.30
CA GLN A 40 -2.49 -1.30 -8.72
C GLN A 40 -1.73 -1.87 -7.54
N ILE A 41 -1.38 -1.02 -6.58
CA ILE A 41 -0.66 -1.47 -5.38
C ILE A 41 -1.58 -2.45 -4.63
N ILE A 42 -2.86 -2.10 -4.58
CA ILE A 42 -3.86 -2.95 -3.95
C ILE A 42 -4.06 -4.22 -4.77
N ASN A 43 -3.95 -4.10 -6.10
CA ASN A 43 -4.07 -5.27 -6.96
C ASN A 43 -2.88 -6.19 -6.70
N GLU A 44 -1.72 -5.56 -6.49
CA GLU A 44 -0.48 -6.27 -6.22
C GLU A 44 -0.52 -6.96 -4.87
N ILE A 45 -0.99 -6.25 -3.83
CA ILE A 45 -1.10 -6.88 -2.52
C ILE A 45 -2.23 -7.91 -2.55
N GLU A 46 -3.24 -7.62 -3.36
CA GLU A 46 -4.36 -8.54 -3.55
C GLU A 46 -3.82 -9.83 -4.19
N ASP A 47 -2.93 -9.67 -5.16
CA ASP A 47 -2.32 -10.82 -5.82
C ASP A 47 -1.35 -11.53 -4.86
N GLU A 48 -0.66 -10.74 -4.03
CA GLU A 48 0.33 -11.29 -3.10
C GLU A 48 -0.31 -11.98 -1.88
N PHE A 49 -1.02 -11.21 -1.05
CA PHE A 49 -1.68 -11.76 0.15
C PHE A 49 -3.14 -12.12 -0.09
N ASP A 50 -3.76 -11.53 -1.13
CA ASP A 50 -5.17 -11.75 -1.42
C ASP A 50 -6.00 -11.61 -0.15
N VAL A 51 -6.12 -10.36 0.27
CA VAL A 51 -6.84 -9.98 1.49
C VAL A 51 -7.85 -8.90 1.14
N LYS A 52 -8.69 -8.52 2.11
CA LYS A 52 -9.69 -7.47 1.87
C LYS A 52 -9.06 -6.10 2.03
N ILE A 53 -8.73 -5.46 0.91
CA ILE A 53 -8.12 -4.12 0.96
C ILE A 53 -9.14 -3.08 0.53
N GLU A 54 -9.68 -2.37 1.51
CA GLU A 54 -10.65 -1.32 1.24
C GLU A 54 -9.90 -0.08 0.74
N THR A 55 -10.30 0.42 -0.44
CA THR A 55 -9.63 1.57 -1.04
C THR A 55 -10.62 2.67 -1.40
N GLU A 56 -10.08 3.89 -1.49
CA GLU A 56 -10.88 5.09 -1.78
C GLU A 56 -11.81 5.40 -0.60
N ASP A 57 -11.42 4.90 0.59
CA ASP A 57 -12.19 5.14 1.81
C ASP A 57 -11.37 6.02 2.76
N GLY A 58 -10.50 6.85 2.17
CA GLY A 58 -9.63 7.74 2.95
C GLY A 58 -8.25 7.12 3.18
N ILE A 59 -7.96 6.00 2.49
CA ILE A 59 -6.68 5.32 2.66
C ILE A 59 -5.77 5.52 1.43
N GLN A 60 -4.72 6.30 1.64
CA GLN A 60 -3.71 6.57 0.60
C GLN A 60 -2.33 6.71 1.25
N THR A 61 -2.16 6.03 2.39
CA THR A 61 -0.93 6.08 3.16
C THR A 61 -0.46 4.69 3.48
N VAL A 62 0.85 4.54 3.60
CA VAL A 62 1.44 3.24 3.92
C VAL A 62 0.85 2.75 5.25
N GLN A 63 0.66 3.66 6.22
CA GLN A 63 0.09 3.27 7.51
C GLN A 63 -1.31 2.68 7.33
N ASP A 64 -2.19 3.37 6.57
CA ASP A 64 -3.55 2.87 6.36
C ASP A 64 -3.56 1.63 5.49
N LEU A 65 -2.74 1.63 4.44
CA LEU A 65 -2.65 0.51 3.51
C LEU A 65 -2.17 -0.75 4.25
N VAL A 66 -1.13 -0.57 5.05
CA VAL A 66 -0.56 -1.66 5.84
C VAL A 66 -1.55 -2.12 6.92
N THR A 67 -2.12 -1.16 7.62
CA THR A 67 -3.07 -1.46 8.70
C THR A 67 -4.27 -2.21 8.13
N TYR A 68 -4.76 -1.75 6.97
CA TYR A 68 -5.92 -2.36 6.34
C TYR A 68 -5.60 -3.78 5.84
N VAL A 69 -4.53 -3.91 5.05
CA VAL A 69 -4.16 -5.22 4.50
C VAL A 69 -3.86 -6.18 5.64
N GLU A 70 -3.05 -5.71 6.57
CA GLU A 70 -2.63 -6.51 7.71
C GLU A 70 -3.81 -6.86 8.64
N LYS A 71 -4.68 -5.87 8.91
CA LYS A 71 -5.82 -6.11 9.79
C LYS A 71 -6.78 -7.09 9.14
N GLN A 72 -7.06 -6.85 7.86
CA GLN A 72 -7.97 -7.70 7.11
C GLN A 72 -7.40 -9.09 6.87
N GLN A 73 -6.07 -9.18 6.64
CA GLN A 73 -5.45 -10.49 6.39
C GLN A 73 -5.48 -11.38 7.65
N ALA A 74 -5.68 -10.75 8.80
CA ALA A 74 -5.75 -11.48 10.07
C ALA A 74 -6.94 -12.44 10.08
N ASN A 75 -6.73 -13.62 10.67
CA ASN A 75 -7.77 -14.64 10.75
C ASN A 75 -8.78 -14.28 11.84
N MET A 1 6.27 -7.41 8.90
CA MET A 1 6.55 -8.36 7.77
C MET A 1 5.60 -8.06 6.61
N VAL A 2 4.34 -7.80 6.94
CA VAL A 2 3.34 -7.50 5.92
C VAL A 2 3.73 -6.21 5.22
N PHE A 3 4.04 -5.19 6.02
CA PHE A 3 4.44 -3.90 5.48
C PHE A 3 5.67 -4.04 4.61
N GLU A 4 6.51 -5.04 4.92
CA GLU A 4 7.69 -5.31 4.14
C GLU A 4 7.24 -5.69 2.71
N LYS A 5 6.09 -6.38 2.66
CA LYS A 5 5.53 -6.86 1.40
C LYS A 5 4.79 -5.74 0.66
N ILE A 6 3.95 -5.02 1.39
CA ILE A 6 3.21 -3.91 0.80
C ILE A 6 4.22 -2.88 0.28
N GLN A 7 5.26 -2.66 1.09
CA GLN A 7 6.35 -1.78 0.73
C GLN A 7 7.06 -2.34 -0.49
N ALA A 8 7.20 -3.68 -0.54
CA ALA A 8 7.85 -4.33 -1.67
C ALA A 8 7.08 -4.03 -2.96
N ILE A 9 5.75 -4.08 -2.87
CA ILE A 9 4.87 -3.80 -4.00
C ILE A 9 5.02 -2.35 -4.46
N ILE A 10 4.98 -1.42 -3.51
CA ILE A 10 5.08 0.01 -3.83
C ILE A 10 6.47 0.34 -4.40
N VAL A 11 7.48 -0.23 -3.76
CA VAL A 11 8.86 -0.03 -4.13
C VAL A 11 9.12 -0.59 -5.53
N GLU A 12 8.61 -1.80 -5.81
CA GLU A 12 8.83 -2.44 -7.11
C GLU A 12 7.94 -1.84 -8.20
N GLU A 13 6.67 -1.60 -7.86
CA GLU A 13 5.70 -1.04 -8.79
C GLU A 13 6.06 0.39 -9.17
N LEU A 14 6.43 1.18 -8.16
CA LEU A 14 6.79 2.57 -8.38
C LEU A 14 8.28 2.74 -8.71
N GLY A 15 9.10 1.78 -8.29
CA GLY A 15 10.54 1.84 -8.53
C GLY A 15 11.18 2.91 -7.63
N LYS A 16 10.58 3.10 -6.44
CA LYS A 16 11.08 4.07 -5.48
C LYS A 16 11.91 3.36 -4.41
N ASP A 17 12.30 4.06 -3.35
CA ASP A 17 13.11 3.46 -2.28
C ASP A 17 12.22 3.05 -1.12
N ALA A 18 12.64 2.01 -0.40
CA ALA A 18 11.88 1.52 0.76
C ALA A 18 11.80 2.63 1.81
N GLU A 19 12.89 3.36 1.98
CA GLU A 19 12.94 4.47 2.95
C GLU A 19 11.95 5.57 2.57
N GLU A 20 11.67 5.69 1.26
CA GLU A 20 10.74 6.70 0.75
C GLU A 20 9.31 6.39 1.21
N VAL A 21 9.00 5.10 1.39
CA VAL A 21 7.67 4.69 1.84
C VAL A 21 7.58 4.84 3.36
N GLN A 22 6.68 5.72 3.83
CA GLN A 22 6.51 5.97 5.27
C GLN A 22 5.05 5.82 5.69
N LEU A 23 4.87 5.22 6.86
CA LEU A 23 3.53 4.99 7.43
C LEU A 23 2.80 6.31 7.67
N THR A 24 3.50 7.26 8.28
CA THR A 24 2.91 8.57 8.60
C THR A 24 2.71 9.43 7.35
N THR A 25 3.42 9.10 6.27
CA THR A 25 3.33 9.86 5.03
C THR A 25 2.24 9.31 4.09
N ASN A 26 1.63 10.20 3.30
CA ASN A 26 0.60 9.81 2.33
C ASN A 26 1.24 9.73 0.95
N ILE A 27 1.19 8.56 0.33
CA ILE A 27 1.78 8.33 -0.98
C ILE A 27 1.13 9.16 -2.08
N GLN A 28 -0.20 9.30 -2.04
CA GLN A 28 -0.90 10.05 -3.08
C GLN A 28 -0.40 11.50 -3.15
N GLU A 29 0.02 12.05 -2.01
CA GLU A 29 0.53 13.43 -1.95
C GLU A 29 2.06 13.45 -2.02
N GLU A 30 2.70 12.52 -1.31
CA GLU A 30 4.15 12.44 -1.27
C GLU A 30 4.71 12.10 -2.64
N LEU A 31 4.14 11.05 -3.23
CA LEU A 31 4.57 10.56 -4.53
C LEU A 31 3.64 11.01 -5.66
N ASP A 32 2.63 11.85 -5.34
CA ASP A 32 1.69 12.32 -6.36
C ASP A 32 1.03 11.11 -7.04
N ALA A 33 0.59 10.16 -6.21
CA ALA A 33 -0.02 8.94 -6.72
C ALA A 33 -1.51 9.13 -7.00
N ASP A 34 -1.96 8.57 -8.12
CA ASP A 34 -3.35 8.65 -8.53
C ASP A 34 -4.10 7.41 -8.08
N SER A 35 -5.40 7.35 -8.39
CA SER A 35 -6.23 6.22 -8.02
C SER A 35 -5.70 4.93 -8.63
N LEU A 36 -5.23 5.01 -9.88
CA LEU A 36 -4.70 3.83 -10.57
C LEU A 36 -3.46 3.28 -9.88
N ASP A 37 -2.56 4.17 -9.46
CA ASP A 37 -1.32 3.75 -8.80
C ASP A 37 -1.62 3.00 -7.52
N LEU A 38 -2.56 3.53 -6.74
CA LEU A 38 -2.98 2.90 -5.49
C LEU A 38 -3.77 1.63 -5.78
N PHE A 39 -4.60 1.70 -6.81
CA PHE A 39 -5.42 0.59 -7.23
C PHE A 39 -4.53 -0.59 -7.59
N GLN A 40 -3.48 -0.32 -8.37
CA GLN A 40 -2.53 -1.35 -8.77
C GLN A 40 -1.77 -1.91 -7.58
N ILE A 41 -1.36 -1.05 -6.66
CA ILE A 41 -0.64 -1.50 -5.47
C ILE A 41 -1.57 -2.43 -4.67
N ILE A 42 -2.85 -2.06 -4.63
CA ILE A 42 -3.85 -2.86 -3.94
C ILE A 42 -4.09 -4.15 -4.73
N ASN A 43 -4.04 -4.08 -6.07
CA ASN A 43 -4.21 -5.28 -6.88
C ASN A 43 -3.02 -6.22 -6.61
N GLU A 44 -1.85 -5.60 -6.47
CA GLU A 44 -0.62 -6.32 -6.22
C GLU A 44 -0.63 -6.96 -4.84
N ILE A 45 -1.08 -6.22 -3.81
CA ILE A 45 -1.15 -6.82 -2.47
C ILE A 45 -2.27 -7.86 -2.47
N GLU A 46 -3.30 -7.60 -3.26
CA GLU A 46 -4.41 -8.53 -3.42
C GLU A 46 -3.87 -9.82 -4.05
N ASP A 47 -2.99 -9.67 -5.03
CA ASP A 47 -2.39 -10.82 -5.69
C ASP A 47 -1.36 -11.51 -4.78
N GLU A 48 -0.66 -10.70 -3.97
CA GLU A 48 0.39 -11.20 -3.08
C GLU A 48 -0.17 -11.90 -1.82
N PHE A 49 -1.03 -11.20 -1.08
CA PHE A 49 -1.63 -11.74 0.16
C PHE A 49 -3.08 -12.14 -0.03
N ASP A 50 -3.75 -11.53 -1.03
CA ASP A 50 -5.18 -11.78 -1.28
C ASP A 50 -5.96 -11.68 0.04
N VAL A 51 -6.06 -10.44 0.48
CA VAL A 51 -6.74 -10.08 1.73
C VAL A 51 -7.73 -8.95 1.45
N LYS A 52 -8.58 -8.63 2.43
CA LYS A 52 -9.55 -7.56 2.22
C LYS A 52 -8.85 -6.20 2.31
N ILE A 53 -8.56 -5.63 1.14
CA ILE A 53 -7.88 -4.33 1.08
C ILE A 53 -8.85 -3.25 0.65
N GLU A 54 -9.43 -2.56 1.62
CA GLU A 54 -10.36 -1.47 1.35
C GLU A 54 -9.57 -0.24 0.89
N THR A 55 -10.02 0.37 -0.21
CA THR A 55 -9.32 1.54 -0.75
C THR A 55 -10.31 2.56 -1.32
N GLU A 56 -9.77 3.69 -1.79
CA GLU A 56 -10.59 4.78 -2.33
C GLU A 56 -11.64 5.22 -1.30
N ASP A 57 -11.41 4.88 -0.02
CA ASP A 57 -12.30 5.25 1.06
C ASP A 57 -11.53 6.08 2.10
N GLY A 58 -10.56 6.86 1.61
CA GLY A 58 -9.74 7.70 2.48
C GLY A 58 -8.37 7.06 2.76
N ILE A 59 -8.07 5.94 2.08
CA ILE A 59 -6.79 5.25 2.28
C ILE A 59 -5.83 5.54 1.13
N GLN A 60 -4.81 6.32 1.44
CA GLN A 60 -3.74 6.67 0.49
C GLN A 60 -2.42 6.84 1.27
N THR A 61 -2.37 6.25 2.46
CA THR A 61 -1.22 6.33 3.33
C THR A 61 -0.76 4.92 3.65
N VAL A 62 0.55 4.75 3.69
CA VAL A 62 1.14 3.44 3.97
C VAL A 62 0.57 2.91 5.30
N GLN A 63 0.38 3.80 6.29
CA GLN A 63 -0.16 3.38 7.57
C GLN A 63 -1.58 2.78 7.42
N ASP A 64 -2.49 3.47 6.72
CA ASP A 64 -3.85 2.93 6.56
C ASP A 64 -3.86 1.69 5.68
N LEU A 65 -3.09 1.75 4.58
CA LEU A 65 -3.02 0.63 3.64
C LEU A 65 -2.50 -0.61 4.39
N VAL A 66 -1.33 -0.45 5.00
CA VAL A 66 -0.69 -1.52 5.75
C VAL A 66 -1.58 -1.99 6.90
N THR A 67 -2.15 -1.04 7.63
CA THR A 67 -3.02 -1.39 8.76
C THR A 67 -4.21 -2.19 8.26
N TYR A 68 -4.80 -1.75 7.15
CA TYR A 68 -5.97 -2.42 6.59
C TYR A 68 -5.63 -3.82 6.07
N VAL A 69 -4.59 -3.93 5.22
CA VAL A 69 -4.21 -5.22 4.65
C VAL A 69 -3.79 -6.15 5.78
N GLU A 70 -2.95 -5.65 6.66
CA GLU A 70 -2.42 -6.41 7.77
C GLU A 70 -3.53 -6.81 8.76
N LYS A 71 -4.43 -5.87 9.06
CA LYS A 71 -5.53 -6.16 10.00
C LYS A 71 -6.47 -7.18 9.39
N GLN A 72 -6.82 -6.95 8.12
CA GLN A 72 -7.74 -7.84 7.40
C GLN A 72 -7.12 -9.22 7.17
N GLN A 73 -5.82 -9.25 6.86
CA GLN A 73 -5.14 -10.53 6.58
C GLN A 73 -5.09 -11.41 7.85
N ALA A 74 -5.21 -10.77 9.01
CA ALA A 74 -5.17 -11.50 10.29
C ALA A 74 -6.36 -12.45 10.39
N ASN A 75 -6.12 -13.63 10.97
CA ASN A 75 -7.17 -14.64 11.13
C ASN A 75 -8.32 -14.08 11.97
N MET A 1 5.79 -9.09 9.07
CA MET A 1 6.49 -8.27 8.05
C MET A 1 5.57 -8.04 6.84
N VAL A 2 4.29 -7.81 7.13
CA VAL A 2 3.31 -7.54 6.08
C VAL A 2 3.71 -6.25 5.37
N PHE A 3 4.04 -5.25 6.16
CA PHE A 3 4.46 -3.96 5.64
C PHE A 3 5.70 -4.10 4.78
N GLU A 4 6.52 -5.09 5.12
CA GLU A 4 7.73 -5.37 4.36
C GLU A 4 7.31 -5.78 2.95
N LYS A 5 6.17 -6.47 2.87
CA LYS A 5 5.64 -6.97 1.62
C LYS A 5 4.92 -5.88 0.85
N ILE A 6 4.06 -5.14 1.54
CA ILE A 6 3.33 -4.04 0.94
C ILE A 6 4.35 -3.03 0.42
N GLN A 7 5.41 -2.82 1.22
CA GLN A 7 6.51 -1.96 0.85
C GLN A 7 7.16 -2.55 -0.40
N ALA A 8 7.26 -3.88 -0.45
CA ALA A 8 7.85 -4.57 -1.60
C ALA A 8 7.03 -4.29 -2.87
N ILE A 9 5.70 -4.31 -2.70
CA ILE A 9 4.78 -4.07 -3.81
C ILE A 9 4.84 -2.59 -4.25
N ILE A 10 4.84 -1.68 -3.28
CA ILE A 10 4.87 -0.25 -3.56
C ILE A 10 6.21 0.13 -4.21
N VAL A 11 7.28 -0.39 -3.63
CA VAL A 11 8.64 -0.14 -4.10
C VAL A 11 8.81 -0.67 -5.52
N GLU A 12 8.33 -1.88 -5.79
CA GLU A 12 8.45 -2.46 -7.12
C GLU A 12 7.51 -1.78 -8.12
N GLU A 13 6.26 -1.58 -7.70
CA GLU A 13 5.23 -0.99 -8.54
C GLU A 13 5.56 0.46 -8.91
N LEU A 14 6.07 1.20 -7.94
CA LEU A 14 6.41 2.62 -8.13
C LEU A 14 7.89 2.84 -8.44
N GLY A 15 8.72 1.86 -8.12
CA GLY A 15 10.16 1.96 -8.37
C GLY A 15 10.84 2.93 -7.39
N LYS A 16 10.24 3.13 -6.21
CA LYS A 16 10.81 4.03 -5.21
C LYS A 16 11.74 3.26 -4.28
N ASP A 17 12.28 3.93 -3.25
CA ASP A 17 13.17 3.28 -2.30
C ASP A 17 12.40 2.86 -1.04
N ALA A 18 12.98 1.94 -0.27
CA ALA A 18 12.35 1.47 0.96
C ALA A 18 12.15 2.61 1.94
N GLU A 19 13.15 3.50 2.01
CA GLU A 19 13.10 4.66 2.90
C GLU A 19 11.98 5.63 2.49
N GLU A 20 11.65 5.64 1.19
CA GLU A 20 10.60 6.51 0.67
C GLU A 20 9.21 6.09 1.17
N VAL A 21 9.04 4.79 1.46
CA VAL A 21 7.76 4.30 1.96
C VAL A 21 7.68 4.50 3.47
N GLN A 22 6.77 5.39 3.89
CA GLN A 22 6.59 5.68 5.32
C GLN A 22 5.12 5.66 5.69
N LEU A 23 4.82 5.06 6.84
CA LEU A 23 3.45 4.95 7.32
C LEU A 23 2.85 6.33 7.53
N THR A 24 3.63 7.22 8.15
CA THR A 24 3.18 8.59 8.42
C THR A 24 3.06 9.42 7.14
N THR A 25 3.72 8.98 6.06
CA THR A 25 3.68 9.69 4.78
C THR A 25 2.52 9.22 3.90
N ASN A 26 1.90 10.17 3.20
CA ASN A 26 0.80 9.87 2.28
C ASN A 26 1.38 9.79 0.87
N ILE A 27 1.28 8.62 0.25
CA ILE A 27 1.83 8.40 -1.10
C ILE A 27 1.10 9.22 -2.18
N GLN A 28 -0.22 9.33 -2.09
CA GLN A 28 -0.96 10.07 -3.10
C GLN A 28 -0.52 11.55 -3.16
N GLU A 29 -0.08 12.09 -2.03
CA GLU A 29 0.39 13.47 -1.98
C GLU A 29 1.91 13.55 -2.07
N GLU A 30 2.59 12.62 -1.40
CA GLU A 30 4.05 12.58 -1.38
C GLU A 30 4.59 12.26 -2.76
N LEU A 31 4.00 11.25 -3.39
CA LEU A 31 4.44 10.83 -4.72
C LEU A 31 3.45 11.28 -5.82
N ASP A 32 2.41 12.04 -5.44
CA ASP A 32 1.43 12.50 -6.42
C ASP A 32 0.81 11.29 -7.12
N ALA A 33 0.40 10.30 -6.30
CA ALA A 33 -0.18 9.07 -6.84
C ALA A 33 -1.67 9.21 -7.12
N ASP A 34 -2.10 8.59 -8.21
CA ASP A 34 -3.49 8.62 -8.63
C ASP A 34 -4.20 7.34 -8.19
N SER A 35 -5.50 7.28 -8.46
CA SER A 35 -6.30 6.10 -8.09
C SER A 35 -5.78 4.84 -8.77
N LEU A 36 -5.27 4.98 -10.00
CA LEU A 36 -4.75 3.83 -10.72
C LEU A 36 -3.54 3.22 -10.03
N ASP A 37 -2.62 4.08 -9.58
CA ASP A 37 -1.41 3.61 -8.91
C ASP A 37 -1.78 2.89 -7.62
N LEU A 38 -2.71 3.48 -6.87
CA LEU A 38 -3.17 2.89 -5.62
C LEU A 38 -3.91 1.59 -5.92
N PHE A 39 -4.70 1.62 -6.97
CA PHE A 39 -5.46 0.47 -7.42
C PHE A 39 -4.48 -0.68 -7.72
N GLN A 40 -3.42 -0.36 -8.46
CA GLN A 40 -2.42 -1.36 -8.82
C GLN A 40 -1.65 -1.88 -7.60
N ILE A 41 -1.32 -0.99 -6.66
CA ILE A 41 -0.59 -1.41 -5.45
C ILE A 41 -1.48 -2.40 -4.69
N ILE A 42 -2.76 -2.07 -4.62
CA ILE A 42 -3.73 -2.92 -3.96
C ILE A 42 -3.93 -4.20 -4.77
N ASN A 43 -3.85 -4.11 -6.10
CA ASN A 43 -3.98 -5.30 -6.94
C ASN A 43 -2.77 -6.20 -6.68
N GLU A 44 -1.61 -5.55 -6.50
CA GLU A 44 -0.36 -6.24 -6.25
C GLU A 44 -0.37 -6.91 -4.88
N ILE A 45 -0.84 -6.20 -3.84
CA ILE A 45 -0.91 -6.82 -2.53
C ILE A 45 -2.02 -7.88 -2.54
N GLU A 46 -3.06 -7.60 -3.34
CA GLU A 46 -4.17 -8.54 -3.49
C GLU A 46 -3.63 -9.82 -4.15
N ASP A 47 -2.76 -9.64 -5.14
CA ASP A 47 -2.16 -10.78 -5.81
C ASP A 47 -1.17 -11.49 -4.88
N GLU A 48 -0.49 -10.71 -4.03
CA GLU A 48 0.52 -11.25 -3.11
C GLU A 48 -0.12 -11.95 -1.89
N PHE A 49 -0.83 -11.18 -1.06
CA PHE A 49 -1.47 -11.71 0.15
C PHE A 49 -2.92 -12.13 -0.10
N ASP A 50 -3.56 -11.53 -1.10
CA ASP A 50 -4.97 -11.78 -1.40
C ASP A 50 -5.79 -11.70 -0.11
N VAL A 51 -5.92 -10.45 0.35
CA VAL A 51 -6.63 -10.12 1.58
C VAL A 51 -7.64 -9.00 1.28
N LYS A 52 -8.50 -8.69 2.24
CA LYS A 52 -9.49 -7.64 2.02
C LYS A 52 -8.82 -6.28 2.13
N ILE A 53 -8.51 -5.68 0.98
CA ILE A 53 -7.83 -4.38 0.97
C ILE A 53 -8.82 -3.29 0.56
N GLU A 54 -9.20 -2.48 1.53
CA GLU A 54 -10.13 -1.38 1.29
C GLU A 54 -9.34 -0.11 0.98
N THR A 55 -9.71 0.56 -0.11
CA THR A 55 -9.02 1.79 -0.52
C THR A 55 -9.98 2.78 -1.17
N GLU A 56 -9.45 3.94 -1.53
CA GLU A 56 -10.27 5.00 -2.15
C GLU A 56 -11.41 5.40 -1.22
N ASP A 57 -11.25 5.14 0.08
CA ASP A 57 -12.26 5.50 1.08
C ASP A 57 -11.66 6.52 2.07
N GLY A 58 -10.70 7.30 1.58
CA GLY A 58 -10.01 8.29 2.40
C GLY A 58 -8.65 7.75 2.87
N ILE A 59 -8.38 6.47 2.61
CA ILE A 59 -7.13 5.84 3.00
C ILE A 59 -6.22 5.55 1.79
N GLN A 60 -5.06 6.21 1.80
CA GLN A 60 -4.05 6.06 0.76
C GLN A 60 -2.69 5.81 1.42
N THR A 61 -2.48 6.57 2.50
CA THR A 61 -1.26 6.51 3.29
C THR A 61 -0.86 5.07 3.60
N VAL A 62 0.46 4.85 3.63
CA VAL A 62 1.01 3.54 3.91
C VAL A 62 0.46 3.04 5.26
N GLN A 63 0.31 3.94 6.23
CA GLN A 63 -0.21 3.55 7.55
C GLN A 63 -1.59 2.91 7.41
N ASP A 64 -2.51 3.55 6.65
CA ASP A 64 -3.85 2.98 6.49
C ASP A 64 -3.85 1.74 5.62
N LEU A 65 -3.08 1.78 4.53
CA LEU A 65 -2.99 0.65 3.60
C LEU A 65 -2.44 -0.58 4.32
N VAL A 66 -1.30 -0.39 4.98
CA VAL A 66 -0.63 -1.46 5.71
C VAL A 66 -1.52 -1.98 6.84
N THR A 67 -2.10 -1.05 7.60
CA THR A 67 -2.96 -1.42 8.71
C THR A 67 -4.18 -2.18 8.20
N TYR A 68 -4.74 -1.74 7.09
CA TYR A 68 -5.92 -2.39 6.52
C TYR A 68 -5.59 -3.79 5.98
N VAL A 69 -4.56 -3.89 5.15
CA VAL A 69 -4.17 -5.19 4.58
C VAL A 69 -3.77 -6.12 5.70
N GLU A 70 -2.94 -5.63 6.60
CA GLU A 70 -2.44 -6.40 7.72
C GLU A 70 -3.57 -6.81 8.68
N LYS A 71 -4.46 -5.87 8.97
CA LYS A 71 -5.58 -6.15 9.89
C LYS A 71 -6.52 -7.16 9.26
N GLN A 72 -6.85 -6.93 7.99
CA GLN A 72 -7.75 -7.81 7.26
C GLN A 72 -7.13 -9.18 7.03
N GLN A 73 -5.83 -9.23 6.75
CA GLN A 73 -5.16 -10.51 6.49
C GLN A 73 -5.12 -11.39 7.75
N ALA A 74 -5.28 -10.76 8.92
CA ALA A 74 -5.27 -11.47 10.19
C ALA A 74 -6.44 -12.46 10.26
N ASN A 75 -6.19 -13.62 10.87
CA ASN A 75 -7.21 -14.65 11.01
C ASN A 75 -7.82 -15.01 9.65
N MET A 1 5.76 -9.55 8.75
CA MET A 1 6.43 -8.65 7.76
C MET A 1 5.49 -8.41 6.57
N VAL A 2 4.21 -8.22 6.88
CA VAL A 2 3.21 -7.93 5.85
C VAL A 2 3.54 -6.57 5.23
N PHE A 3 3.86 -5.62 6.10
CA PHE A 3 4.22 -4.26 5.68
C PHE A 3 5.46 -4.30 4.81
N GLU A 4 6.33 -5.27 5.07
CA GLU A 4 7.53 -5.45 4.30
C GLU A 4 7.15 -5.78 2.86
N LYS A 5 6.02 -6.49 2.73
CA LYS A 5 5.52 -6.93 1.43
C LYS A 5 4.75 -5.82 0.74
N ILE A 6 3.88 -5.14 1.49
CA ILE A 6 3.11 -4.02 0.96
C ILE A 6 4.10 -2.96 0.50
N GLN A 7 5.13 -2.76 1.32
CA GLN A 7 6.22 -1.85 1.03
C GLN A 7 6.95 -2.34 -0.22
N ALA A 8 7.12 -3.67 -0.34
CA ALA A 8 7.78 -4.25 -1.50
C ALA A 8 7.01 -3.92 -2.78
N ILE A 9 5.69 -4.00 -2.67
CA ILE A 9 4.80 -3.71 -3.79
C ILE A 9 4.91 -2.23 -4.19
N ILE A 10 4.86 -1.36 -3.18
CA ILE A 10 4.91 0.08 -3.40
C ILE A 10 6.28 0.50 -3.95
N VAL A 11 7.33 -0.06 -3.36
CA VAL A 11 8.71 0.19 -3.74
C VAL A 11 8.95 -0.30 -5.17
N GLU A 12 8.43 -1.48 -5.49
CA GLU A 12 8.60 -2.03 -6.83
C GLU A 12 7.75 -1.28 -7.86
N GLU A 13 6.48 -1.05 -7.50
CA GLU A 13 5.54 -0.36 -8.40
C GLU A 13 6.03 1.06 -8.67
N LEU A 14 6.49 1.71 -7.62
CA LEU A 14 6.99 3.08 -7.71
C LEU A 14 8.43 3.11 -8.22
N GLY A 15 9.15 2.00 -8.00
CA GLY A 15 10.55 1.93 -8.40
C GLY A 15 11.39 2.84 -7.52
N LYS A 16 10.93 3.02 -6.26
CA LYS A 16 11.62 3.87 -5.31
C LYS A 16 12.30 2.99 -4.26
N ASP A 17 12.96 3.59 -3.26
CA ASP A 17 13.64 2.81 -2.23
C ASP A 17 12.70 2.51 -1.06
N ALA A 18 13.01 1.46 -0.31
CA ALA A 18 12.20 1.07 0.85
C ALA A 18 12.18 2.19 1.88
N GLU A 19 13.33 2.83 2.06
CA GLU A 19 13.46 3.94 3.01
C GLU A 19 12.56 5.13 2.61
N GLU A 20 12.36 5.28 1.29
CA GLU A 20 11.53 6.37 0.77
C GLU A 20 10.05 6.17 1.11
N VAL A 21 9.62 4.91 1.22
CA VAL A 21 8.22 4.61 1.54
C VAL A 21 8.04 4.69 3.06
N GLN A 22 7.19 5.64 3.50
CA GLN A 22 6.94 5.84 4.93
C GLN A 22 5.45 5.70 5.25
N LEU A 23 5.17 4.97 6.34
CA LEU A 23 3.80 4.75 6.78
C LEU A 23 3.12 6.06 7.11
N THR A 24 3.81 6.91 7.86
CA THR A 24 3.26 8.22 8.26
C THR A 24 3.11 9.18 7.06
N THR A 25 3.79 8.88 5.96
CA THR A 25 3.73 9.72 4.76
C THR A 25 2.60 9.28 3.82
N ASN A 26 1.98 10.26 3.15
CA ASN A 26 0.90 10.00 2.19
C ASN A 26 1.48 10.00 0.78
N ILE A 27 1.33 8.90 0.08
CA ILE A 27 1.84 8.74 -1.29
C ILE A 27 1.06 9.60 -2.30
N GLN A 28 -0.25 9.68 -2.14
CA GLN A 28 -1.06 10.46 -3.07
C GLN A 28 -0.64 11.92 -3.08
N GLU A 29 -0.15 12.41 -1.93
CA GLU A 29 0.30 13.80 -1.82
C GLU A 29 1.81 13.91 -1.98
N GLU A 30 2.54 12.96 -1.39
CA GLU A 30 4.00 12.95 -1.46
C GLU A 30 4.46 12.75 -2.89
N LEU A 31 3.86 11.78 -3.56
CA LEU A 31 4.23 11.46 -4.94
C LEU A 31 3.17 11.88 -5.96
N ASP A 32 2.13 12.60 -5.51
CA ASP A 32 1.06 13.01 -6.44
C ASP A 32 0.49 11.77 -7.12
N ALA A 33 0.16 10.77 -6.29
CA ALA A 33 -0.35 9.50 -6.79
C ALA A 33 -1.85 9.53 -7.05
N ASP A 34 -2.27 8.79 -8.07
CA ASP A 34 -3.67 8.71 -8.45
C ASP A 34 -4.26 7.37 -8.00
N SER A 35 -5.57 7.24 -8.17
CA SER A 35 -6.28 6.02 -7.79
C SER A 35 -5.74 4.81 -8.53
N LEU A 36 -5.19 5.01 -9.73
CA LEU A 36 -4.64 3.91 -10.51
C LEU A 36 -3.45 3.27 -9.83
N ASP A 37 -2.53 4.12 -9.36
CA ASP A 37 -1.32 3.63 -8.68
C ASP A 37 -1.69 2.87 -7.42
N LEU A 38 -2.62 3.43 -6.66
CA LEU A 38 -3.10 2.80 -5.43
C LEU A 38 -3.84 1.52 -5.77
N PHE A 39 -4.64 1.60 -6.82
CA PHE A 39 -5.41 0.46 -7.30
C PHE A 39 -4.45 -0.67 -7.63
N GLN A 40 -3.37 -0.36 -8.35
CA GLN A 40 -2.38 -1.35 -8.72
C GLN A 40 -1.67 -1.92 -7.49
N ILE A 41 -1.34 -1.06 -6.52
CA ILE A 41 -0.68 -1.52 -5.30
C ILE A 41 -1.61 -2.51 -4.59
N ILE A 42 -2.89 -2.18 -4.58
CA ILE A 42 -3.91 -3.03 -3.98
C ILE A 42 -4.08 -4.30 -4.82
N ASN A 43 -3.96 -4.16 -6.15
CA ASN A 43 -4.07 -5.33 -7.03
C ASN A 43 -2.89 -6.26 -6.73
N GLU A 44 -1.74 -5.64 -6.51
CA GLU A 44 -0.51 -6.34 -6.20
C GLU A 44 -0.56 -7.01 -4.84
N ILE A 45 -1.05 -6.30 -3.80
CA ILE A 45 -1.15 -6.92 -2.48
C ILE A 45 -2.27 -7.98 -2.54
N GLU A 46 -3.27 -7.72 -3.37
CA GLU A 46 -4.37 -8.66 -3.58
C GLU A 46 -3.80 -9.92 -4.24
N ASP A 47 -2.89 -9.73 -5.19
CA ASP A 47 -2.26 -10.87 -5.87
C ASP A 47 -1.22 -11.55 -4.98
N GLU A 48 -0.56 -10.76 -4.12
CA GLU A 48 0.50 -11.28 -3.24
C GLU A 48 -0.07 -12.01 -2.01
N PHE A 49 -0.94 -11.33 -1.26
CA PHE A 49 -1.55 -11.89 -0.05
C PHE A 49 -3.01 -12.27 -0.24
N ASP A 50 -3.67 -11.67 -1.24
CA ASP A 50 -5.10 -11.91 -1.50
C ASP A 50 -5.87 -11.82 -0.18
N VAL A 51 -5.98 -10.59 0.30
CA VAL A 51 -6.64 -10.28 1.57
C VAL A 51 -7.72 -9.24 1.32
N LYS A 52 -8.39 -8.80 2.39
CA LYS A 52 -9.44 -7.79 2.23
C LYS A 52 -8.85 -6.39 2.37
N ILE A 53 -8.77 -5.68 1.24
CA ILE A 53 -8.20 -4.32 1.24
C ILE A 53 -9.26 -3.30 0.86
N GLU A 54 -9.87 -2.70 1.88
CA GLU A 54 -10.90 -1.69 1.64
C GLU A 54 -10.20 -0.36 1.34
N THR A 55 -9.92 -0.15 0.05
CA THR A 55 -9.20 1.05 -0.39
C THR A 55 -10.13 2.01 -1.13
N GLU A 56 -9.59 3.16 -1.50
CA GLU A 56 -10.35 4.19 -2.18
C GLU A 56 -11.52 4.65 -1.29
N ASP A 57 -11.37 4.45 0.03
CA ASP A 57 -12.38 4.86 1.00
C ASP A 57 -11.86 5.99 1.88
N GLY A 58 -10.86 6.72 1.36
CA GLY A 58 -10.21 7.80 2.10
C GLY A 58 -8.79 7.40 2.52
N ILE A 59 -8.39 6.15 2.25
CA ILE A 59 -7.06 5.67 2.61
C ILE A 59 -6.14 5.59 1.38
N GLN A 60 -5.00 6.23 1.52
CA GLN A 60 -3.96 6.27 0.47
C GLN A 60 -2.60 6.01 1.09
N THR A 61 -2.44 6.56 2.29
CA THR A 61 -1.23 6.44 3.06
C THR A 61 -0.87 5.00 3.33
N VAL A 62 0.42 4.72 3.28
CA VAL A 62 0.92 3.38 3.52
C VAL A 62 0.46 2.90 4.91
N GLN A 63 0.37 3.82 5.88
CA GLN A 63 -0.07 3.42 7.22
C GLN A 63 -1.48 2.82 7.14
N ASP A 64 -2.42 3.50 6.44
CA ASP A 64 -3.78 2.97 6.32
C ASP A 64 -3.80 1.72 5.47
N LEU A 65 -3.02 1.72 4.38
CA LEU A 65 -2.96 0.59 3.47
C LEU A 65 -2.42 -0.66 4.18
N VAL A 66 -1.35 -0.47 4.94
CA VAL A 66 -0.72 -1.55 5.68
C VAL A 66 -1.61 -1.99 6.84
N THR A 67 -2.18 -1.01 7.55
CA THR A 67 -3.06 -1.31 8.68
C THR A 67 -4.27 -2.10 8.17
N TYR A 68 -4.80 -1.69 7.02
CA TYR A 68 -5.96 -2.35 6.43
C TYR A 68 -5.63 -3.78 6.02
N VAL A 69 -4.58 -3.96 5.21
CA VAL A 69 -4.20 -5.31 4.75
C VAL A 69 -3.84 -6.17 5.96
N GLU A 70 -3.03 -5.61 6.83
CA GLU A 70 -2.56 -6.32 8.02
C GLU A 70 -3.72 -6.69 8.94
N LYS A 71 -4.62 -5.73 9.16
CA LYS A 71 -5.77 -5.96 10.05
C LYS A 71 -6.75 -6.96 9.44
N GLN A 72 -7.06 -6.78 8.16
CA GLN A 72 -8.00 -7.65 7.47
C GLN A 72 -7.43 -9.05 7.29
N GLN A 73 -6.17 -9.10 6.86
CA GLN A 73 -5.48 -10.37 6.65
C GLN A 73 -5.29 -11.10 8.00
N ALA A 74 -5.03 -10.32 9.04
CA ALA A 74 -4.82 -10.88 10.38
C ALA A 74 -6.07 -11.61 10.86
N ASN A 75 -5.85 -12.72 11.56
CA ASN A 75 -6.96 -13.52 12.08
C ASN A 75 -6.44 -14.59 13.05
N MET A 1 5.76 -8.26 9.45
CA MET A 1 6.53 -8.29 8.17
C MET A 1 5.61 -8.04 6.98
N VAL A 2 4.30 -7.87 7.23
CA VAL A 2 3.35 -7.61 6.14
C VAL A 2 3.76 -6.31 5.46
N PHE A 3 4.10 -5.32 6.29
CA PHE A 3 4.50 -4.02 5.79
C PHE A 3 5.76 -4.12 4.93
N GLU A 4 6.63 -5.06 5.28
CA GLU A 4 7.84 -5.29 4.50
C GLU A 4 7.43 -5.71 3.09
N LYS A 5 6.31 -6.43 3.00
CA LYS A 5 5.79 -6.93 1.73
C LYS A 5 5.06 -5.83 0.97
N ILE A 6 4.16 -5.12 1.65
CA ILE A 6 3.41 -4.03 1.03
C ILE A 6 4.43 -2.99 0.55
N GLN A 7 5.46 -2.77 1.36
CA GLN A 7 6.56 -1.90 1.02
C GLN A 7 7.23 -2.48 -0.22
N ALA A 8 7.34 -3.81 -0.29
CA ALA A 8 7.96 -4.47 -1.43
C ALA A 8 7.15 -4.18 -2.70
N ILE A 9 5.82 -4.23 -2.58
CA ILE A 9 4.94 -3.95 -3.71
C ILE A 9 5.08 -2.49 -4.15
N ILE A 10 5.05 -1.57 -3.19
CA ILE A 10 5.15 -0.14 -3.48
C ILE A 10 6.53 0.19 -4.06
N VAL A 11 7.56 -0.38 -3.45
CA VAL A 11 8.94 -0.17 -3.86
C VAL A 11 9.13 -0.66 -5.30
N GLU A 12 8.63 -1.85 -5.59
CA GLU A 12 8.77 -2.42 -6.93
C GLU A 12 7.87 -1.70 -7.94
N GLU A 13 6.61 -1.47 -7.55
CA GLU A 13 5.64 -0.84 -8.44
C GLU A 13 6.01 0.60 -8.77
N LEU A 14 6.52 1.33 -7.79
CA LEU A 14 6.89 2.74 -7.99
C LEU A 14 8.38 2.93 -8.21
N GLY A 15 9.19 1.91 -7.89
CA GLY A 15 10.64 2.02 -8.04
C GLY A 15 11.21 3.00 -7.01
N LYS A 16 10.54 3.09 -5.86
CA LYS A 16 10.94 3.97 -4.78
C LYS A 16 11.58 3.13 -3.68
N ASP A 17 12.69 3.61 -3.10
CA ASP A 17 13.40 2.85 -2.07
C ASP A 17 12.51 2.63 -0.84
N ALA A 18 12.75 1.52 -0.15
CA ALA A 18 11.97 1.19 1.05
C ALA A 18 12.12 2.29 2.08
N GLU A 19 13.34 2.81 2.24
CA GLU A 19 13.61 3.90 3.16
C GLU A 19 12.82 5.15 2.75
N GLU A 20 12.68 5.33 1.43
CA GLU A 20 11.94 6.46 0.89
C GLU A 20 10.44 6.30 1.11
N VAL A 21 9.96 5.04 1.19
CA VAL A 21 8.54 4.79 1.44
C VAL A 21 8.29 4.90 2.95
N GLN A 22 7.43 5.84 3.34
CA GLN A 22 7.12 6.07 4.76
C GLN A 22 5.68 5.74 5.08
N LEU A 23 5.48 5.17 6.28
CA LEU A 23 4.15 4.79 6.75
C LEU A 23 3.24 6.01 6.90
N THR A 24 3.75 7.05 7.56
CA THR A 24 2.96 8.27 7.80
C THR A 24 2.74 9.09 6.52
N THR A 25 3.64 8.94 5.57
CA THR A 25 3.55 9.69 4.32
C THR A 25 2.42 9.14 3.43
N ASN A 26 1.61 10.07 2.92
CA ASN A 26 0.53 9.73 1.99
C ASN A 26 1.08 9.76 0.58
N ILE A 27 1.02 8.62 -0.10
CA ILE A 27 1.56 8.47 -1.45
C ILE A 27 0.81 9.30 -2.50
N GLN A 28 -0.53 9.38 -2.41
CA GLN A 28 -1.29 10.13 -3.42
C GLN A 28 -0.89 11.61 -3.43
N GLU A 29 -0.49 12.12 -2.27
CA GLU A 29 -0.08 13.53 -2.17
C GLU A 29 1.44 13.66 -2.24
N GLU A 30 2.13 12.73 -1.58
CA GLU A 30 3.60 12.74 -1.55
C GLU A 30 4.15 12.54 -2.96
N LEU A 31 3.64 11.52 -3.64
CA LEU A 31 4.09 11.20 -4.98
C LEU A 31 3.09 11.63 -6.06
N ASP A 32 2.02 12.35 -5.67
CA ASP A 32 1.00 12.78 -6.64
C ASP A 32 0.45 11.55 -7.35
N ALA A 33 0.15 10.51 -6.56
CA ALA A 33 -0.35 9.25 -7.10
C ALA A 33 -1.86 9.29 -7.30
N ASP A 34 -2.30 8.71 -8.41
CA ASP A 34 -3.71 8.65 -8.77
C ASP A 34 -4.34 7.37 -8.22
N SER A 35 -5.65 7.22 -8.46
CA SER A 35 -6.37 6.05 -8.00
C SER A 35 -5.76 4.77 -8.58
N LEU A 36 -5.23 4.87 -9.80
CA LEU A 36 -4.60 3.72 -10.45
C LEU A 36 -3.37 3.26 -9.68
N ASP A 37 -2.56 4.22 -9.22
CA ASP A 37 -1.34 3.87 -8.48
C ASP A 37 -1.69 3.09 -7.21
N LEU A 38 -2.68 3.59 -6.47
CA LEU A 38 -3.13 2.92 -5.24
C LEU A 38 -3.84 1.61 -5.57
N PHE A 39 -4.65 1.66 -6.63
CA PHE A 39 -5.41 0.51 -7.08
C PHE A 39 -4.46 -0.63 -7.43
N GLN A 40 -3.41 -0.30 -8.20
CA GLN A 40 -2.41 -1.29 -8.60
C GLN A 40 -1.64 -1.83 -7.40
N ILE A 41 -1.31 -0.96 -6.45
CA ILE A 41 -0.60 -1.41 -5.24
C ILE A 41 -1.49 -2.41 -4.51
N ILE A 42 -2.80 -2.10 -4.50
CA ILE A 42 -3.78 -2.97 -3.89
C ILE A 42 -3.89 -4.25 -4.72
N ASN A 43 -3.80 -4.14 -6.05
CA ASN A 43 -3.85 -5.32 -6.92
C ASN A 43 -2.65 -6.20 -6.65
N GLU A 44 -1.50 -5.55 -6.46
CA GLU A 44 -0.24 -6.22 -6.19
C GLU A 44 -0.26 -6.92 -4.85
N ILE A 45 -0.73 -6.22 -3.81
CA ILE A 45 -0.80 -6.85 -2.51
C ILE A 45 -1.92 -7.90 -2.54
N GLU A 46 -2.95 -7.63 -3.36
CA GLU A 46 -4.04 -8.58 -3.54
C GLU A 46 -3.48 -9.85 -4.19
N ASP A 47 -2.59 -9.67 -5.15
CA ASP A 47 -1.95 -10.81 -5.81
C ASP A 47 -0.99 -11.52 -4.85
N GLU A 48 -0.32 -10.72 -4.01
CA GLU A 48 0.66 -11.25 -3.05
C GLU A 48 0.00 -11.95 -1.84
N PHE A 49 -0.72 -11.16 -1.03
CA PHE A 49 -1.40 -11.68 0.17
C PHE A 49 -2.85 -12.06 -0.08
N ASP A 50 -3.45 -11.51 -1.15
CA ASP A 50 -4.87 -11.76 -1.46
C ASP A 50 -5.72 -11.60 -0.21
N VAL A 51 -5.91 -10.33 0.15
CA VAL A 51 -6.65 -9.94 1.34
C VAL A 51 -7.79 -9.00 0.95
N LYS A 52 -8.73 -8.75 1.87
CA LYS A 52 -9.85 -7.87 1.56
C LYS A 52 -9.47 -6.43 1.90
N ILE A 53 -9.37 -5.57 0.88
CA ILE A 53 -8.95 -4.19 1.09
C ILE A 53 -10.04 -3.21 0.71
N GLU A 54 -10.51 -2.47 1.72
CA GLU A 54 -11.52 -1.44 1.50
C GLU A 54 -10.81 -0.14 1.21
N THR A 55 -10.83 0.30 -0.07
CA THR A 55 -10.13 1.52 -0.47
C THR A 55 -11.08 2.65 -0.81
N GLU A 56 -10.51 3.81 -1.10
CA GLU A 56 -11.30 5.00 -1.40
C GLU A 56 -12.18 5.35 -0.19
N ASP A 57 -11.76 4.89 0.99
CA ASP A 57 -12.47 5.18 2.24
C ASP A 57 -11.64 6.14 3.08
N GLY A 58 -10.82 6.95 2.40
CA GLY A 58 -9.95 7.91 3.07
C GLY A 58 -8.55 7.33 3.28
N ILE A 59 -8.23 6.21 2.60
CA ILE A 59 -6.92 5.59 2.74
C ILE A 59 -6.08 5.72 1.48
N GLN A 60 -4.96 6.41 1.62
CA GLN A 60 -4.00 6.64 0.53
C GLN A 60 -2.58 6.80 1.10
N THR A 61 -2.36 6.15 2.24
CA THR A 61 -1.09 6.21 2.94
C THR A 61 -0.64 4.81 3.30
N VAL A 62 0.67 4.62 3.30
CA VAL A 62 1.26 3.33 3.61
C VAL A 62 0.77 2.86 4.99
N GLN A 63 0.64 3.80 5.95
CA GLN A 63 0.16 3.44 7.29
C GLN A 63 -1.24 2.82 7.21
N ASP A 64 -2.16 3.47 6.48
CA ASP A 64 -3.53 2.95 6.36
C ASP A 64 -3.56 1.70 5.50
N LEU A 65 -2.77 1.71 4.43
CA LEU A 65 -2.70 0.58 3.50
C LEU A 65 -2.18 -0.67 4.22
N VAL A 66 -1.13 -0.48 5.02
CA VAL A 66 -0.52 -1.56 5.78
C VAL A 66 -1.47 -2.03 6.89
N THR A 67 -2.06 -1.07 7.61
CA THR A 67 -2.97 -1.39 8.70
C THR A 67 -4.18 -2.15 8.14
N TYR A 68 -4.68 -1.68 7.00
CA TYR A 68 -5.84 -2.30 6.38
C TYR A 68 -5.53 -3.71 5.88
N VAL A 69 -4.46 -3.85 5.08
CA VAL A 69 -4.09 -5.16 4.54
C VAL A 69 -3.76 -6.11 5.69
N GLU A 70 -2.96 -5.64 6.60
CA GLU A 70 -2.51 -6.43 7.74
C GLU A 70 -3.68 -6.80 8.67
N LYS A 71 -4.58 -5.85 8.91
CA LYS A 71 -5.73 -6.10 9.78
C LYS A 71 -6.73 -7.04 9.10
N GLN A 72 -7.00 -6.75 7.82
CA GLN A 72 -7.94 -7.54 7.04
C GLN A 72 -7.40 -8.93 6.73
N GLN A 73 -6.10 -9.04 6.52
CA GLN A 73 -5.49 -10.34 6.19
C GLN A 73 -5.60 -11.32 7.36
N ALA A 74 -5.82 -10.78 8.57
CA ALA A 74 -5.95 -11.60 9.76
C ALA A 74 -7.19 -12.48 9.67
N ASN A 75 -7.08 -13.72 10.16
CA ASN A 75 -8.19 -14.67 10.14
C ASN A 75 -7.85 -15.91 10.94
N MET A 1 6.53 -7.50 8.66
CA MET A 1 6.49 -8.66 7.74
C MET A 1 5.53 -8.36 6.61
N VAL A 2 4.29 -8.04 6.96
CA VAL A 2 3.27 -7.73 5.94
C VAL A 2 3.70 -6.46 5.22
N PHE A 3 4.04 -5.44 6.01
CA PHE A 3 4.47 -4.17 5.44
C PHE A 3 5.71 -4.36 4.59
N GLU A 4 6.50 -5.37 4.91
CA GLU A 4 7.69 -5.70 4.14
C GLU A 4 7.24 -6.08 2.73
N LYS A 5 6.06 -6.72 2.67
CA LYS A 5 5.49 -7.20 1.41
C LYS A 5 4.79 -6.07 0.66
N ILE A 6 3.96 -5.31 1.38
CA ILE A 6 3.26 -4.19 0.79
C ILE A 6 4.31 -3.20 0.26
N GLN A 7 5.36 -3.02 1.06
CA GLN A 7 6.48 -2.19 0.70
C GLN A 7 7.15 -2.78 -0.55
N ALA A 8 7.23 -4.12 -0.61
CA ALA A 8 7.85 -4.78 -1.76
C ALA A 8 7.07 -4.42 -3.02
N ILE A 9 5.75 -4.42 -2.90
CA ILE A 9 4.86 -4.08 -4.00
C ILE A 9 4.98 -2.60 -4.39
N ILE A 10 4.96 -1.72 -3.39
CA ILE A 10 5.03 -0.27 -3.64
C ILE A 10 6.39 0.13 -4.21
N VAL A 11 7.43 -0.43 -3.62
CA VAL A 11 8.80 -0.16 -4.04
C VAL A 11 9.00 -0.60 -5.49
N GLU A 12 8.56 -1.81 -5.81
CA GLU A 12 8.71 -2.34 -7.16
C GLU A 12 7.76 -1.68 -8.16
N GLU A 13 6.49 -1.57 -7.78
CA GLU A 13 5.46 -0.99 -8.65
C GLU A 13 5.72 0.50 -8.91
N LEU A 14 6.13 1.19 -7.86
CA LEU A 14 6.38 2.63 -7.94
C LEU A 14 7.83 2.94 -8.31
N GLY A 15 8.74 2.00 -8.04
CA GLY A 15 10.16 2.20 -8.32
C GLY A 15 10.77 3.19 -7.32
N LYS A 16 10.21 3.20 -6.10
CA LYS A 16 10.68 4.09 -5.05
C LYS A 16 11.73 3.35 -4.20
N ASP A 17 12.33 4.04 -3.22
CA ASP A 17 13.35 3.41 -2.37
C ASP A 17 12.74 2.94 -1.05
N ALA A 18 13.46 2.06 -0.36
CA ALA A 18 13.01 1.52 0.92
C ALA A 18 12.87 2.65 1.94
N GLU A 19 13.79 3.61 1.91
CA GLU A 19 13.75 4.74 2.84
C GLU A 19 12.54 5.64 2.56
N GLU A 20 12.07 5.64 1.30
CA GLU A 20 10.94 6.47 0.89
C GLU A 20 9.61 5.98 1.48
N VAL A 21 9.48 4.67 1.76
CA VAL A 21 8.23 4.16 2.33
C VAL A 21 8.07 4.64 3.78
N GLN A 22 6.99 5.38 4.04
CA GLN A 22 6.73 5.92 5.37
C GLN A 22 5.25 5.82 5.73
N LEU A 23 4.99 5.33 6.94
CA LEU A 23 3.62 5.15 7.43
C LEU A 23 2.87 6.48 7.53
N THR A 24 3.54 7.50 8.05
CA THR A 24 2.92 8.83 8.22
C THR A 24 2.85 9.62 6.92
N THR A 25 3.60 9.18 5.91
CA THR A 25 3.61 9.88 4.63
C THR A 25 2.40 9.46 3.79
N ASN A 26 1.70 10.47 3.28
CA ASN A 26 0.55 10.26 2.41
C ASN A 26 1.09 10.27 0.98
N ILE A 27 1.23 9.09 0.40
CA ILE A 27 1.80 8.94 -0.94
C ILE A 27 1.00 9.63 -2.06
N GLN A 28 -0.32 9.57 -2.02
CA GLN A 28 -1.11 10.18 -3.10
C GLN A 28 -0.85 11.69 -3.19
N GLU A 29 -0.56 12.33 -2.06
CA GLU A 29 -0.27 13.77 -2.04
C GLU A 29 1.23 14.05 -2.05
N GLU A 30 1.98 13.25 -1.30
CA GLU A 30 3.43 13.43 -1.21
C GLU A 30 4.13 13.06 -2.50
N LEU A 31 3.69 11.96 -3.10
CA LEU A 31 4.25 11.49 -4.37
C LEU A 31 3.33 11.77 -5.55
N ASP A 32 2.19 12.44 -5.30
CA ASP A 32 1.24 12.77 -6.37
C ASP A 32 0.80 11.48 -7.07
N ALA A 33 0.40 10.48 -6.26
CA ALA A 33 -0.03 9.20 -6.81
C ALA A 33 -1.49 9.23 -7.22
N ASP A 34 -1.78 8.55 -8.33
CA ASP A 34 -3.14 8.50 -8.86
C ASP A 34 -3.88 7.25 -8.38
N SER A 35 -5.17 7.20 -8.68
CA SER A 35 -6.01 6.08 -8.28
C SER A 35 -5.51 4.77 -8.89
N LEU A 36 -5.05 4.83 -10.14
CA LEU A 36 -4.56 3.63 -10.82
C LEU A 36 -3.34 3.04 -10.11
N ASP A 37 -2.41 3.90 -9.70
CA ASP A 37 -1.19 3.44 -9.01
C ASP A 37 -1.56 2.74 -7.72
N LEU A 38 -2.48 3.35 -6.98
CA LEU A 38 -2.95 2.79 -5.71
C LEU A 38 -3.73 1.50 -5.96
N PHE A 39 -4.53 1.54 -7.02
CA PHE A 39 -5.36 0.41 -7.41
C PHE A 39 -4.45 -0.78 -7.72
N GLN A 40 -3.38 -0.52 -8.48
CA GLN A 40 -2.44 -1.57 -8.85
C GLN A 40 -1.69 -2.12 -7.64
N ILE A 41 -1.29 -1.23 -6.72
CA ILE A 41 -0.60 -1.66 -5.51
C ILE A 41 -1.53 -2.58 -4.72
N ILE A 42 -2.80 -2.21 -4.68
CA ILE A 42 -3.81 -2.98 -3.99
C ILE A 42 -4.07 -4.28 -4.77
N ASN A 43 -4.01 -4.23 -6.10
CA ASN A 43 -4.20 -5.42 -6.89
C ASN A 43 -3.03 -6.37 -6.64
N GLU A 44 -1.85 -5.77 -6.50
CA GLU A 44 -0.62 -6.50 -6.24
C GLU A 44 -0.64 -7.13 -4.85
N ILE A 45 -1.08 -6.38 -3.83
CA ILE A 45 -1.16 -6.96 -2.49
C ILE A 45 -2.31 -7.98 -2.48
N GLU A 46 -3.33 -7.71 -3.29
CA GLU A 46 -4.45 -8.62 -3.43
C GLU A 46 -3.94 -9.92 -4.05
N ASP A 47 -3.06 -9.81 -5.04
CA ASP A 47 -2.48 -10.98 -5.68
C ASP A 47 -1.45 -11.67 -4.77
N GLU A 48 -0.74 -10.86 -3.97
CA GLU A 48 0.33 -11.37 -3.09
C GLU A 48 -0.24 -12.05 -1.82
N PHE A 49 -1.13 -11.35 -1.11
CA PHE A 49 -1.73 -11.86 0.12
C PHE A 49 -3.20 -12.25 -0.05
N ASP A 50 -3.86 -11.66 -1.05
CA ASP A 50 -5.29 -11.89 -1.27
C ASP A 50 -6.06 -11.74 0.03
N VAL A 51 -6.13 -10.48 0.46
CA VAL A 51 -6.79 -10.09 1.71
C VAL A 51 -7.76 -8.96 1.41
N LYS A 52 -8.59 -8.59 2.39
CA LYS A 52 -9.55 -7.51 2.18
C LYS A 52 -8.86 -6.17 2.28
N ILE A 53 -8.56 -5.57 1.12
CA ILE A 53 -7.88 -4.28 1.09
C ILE A 53 -8.83 -3.18 0.65
N GLU A 54 -9.44 -2.52 1.64
CA GLU A 54 -10.35 -1.42 1.35
C GLU A 54 -9.54 -0.16 1.03
N THR A 55 -9.86 0.50 -0.09
CA THR A 55 -9.13 1.70 -0.50
C THR A 55 -10.05 2.69 -1.21
N GLU A 56 -9.48 3.84 -1.57
CA GLU A 56 -10.25 4.90 -2.23
C GLU A 56 -11.42 5.34 -1.34
N ASP A 57 -11.24 5.18 -0.03
CA ASP A 57 -12.26 5.57 0.95
C ASP A 57 -11.65 6.53 1.97
N GLY A 58 -10.67 7.31 1.53
CA GLY A 58 -9.98 8.26 2.39
C GLY A 58 -8.62 7.71 2.86
N ILE A 59 -8.34 6.44 2.54
CA ILE A 59 -7.09 5.79 2.94
C ILE A 59 -6.19 5.49 1.74
N GLN A 60 -5.01 6.11 1.77
CA GLN A 60 -3.99 5.94 0.74
C GLN A 60 -2.65 5.70 1.43
N THR A 61 -2.43 6.49 2.46
CA THR A 61 -1.22 6.45 3.28
C THR A 61 -0.79 5.02 3.58
N VAL A 62 0.52 4.81 3.65
CA VAL A 62 1.09 3.51 3.92
C VAL A 62 0.53 2.99 5.25
N GLN A 63 0.35 3.89 6.23
CA GLN A 63 -0.18 3.48 7.53
C GLN A 63 -1.57 2.86 7.38
N ASP A 64 -2.49 3.50 6.63
CA ASP A 64 -3.84 2.95 6.47
C ASP A 64 -3.82 1.70 5.61
N LEU A 65 -3.07 1.74 4.51
CA LEU A 65 -2.98 0.60 3.59
C LEU A 65 -2.41 -0.62 4.32
N VAL A 66 -1.26 -0.45 4.95
CA VAL A 66 -0.59 -1.51 5.68
C VAL A 66 -1.47 -2.02 6.82
N THR A 67 -2.04 -1.09 7.58
CA THR A 67 -2.89 -1.44 8.71
C THR A 67 -4.11 -2.21 8.22
N TYR A 68 -4.68 -1.76 7.10
CA TYR A 68 -5.87 -2.41 6.55
C TYR A 68 -5.56 -3.81 6.03
N VAL A 69 -4.53 -3.93 5.18
CA VAL A 69 -4.15 -5.25 4.62
C VAL A 69 -3.76 -6.17 5.76
N GLU A 70 -2.90 -5.67 6.63
CA GLU A 70 -2.38 -6.44 7.75
C GLU A 70 -3.50 -6.83 8.73
N LYS A 71 -4.40 -5.89 9.03
CA LYS A 71 -5.49 -6.16 9.96
C LYS A 71 -6.46 -7.16 9.34
N GLN A 72 -6.81 -6.92 8.09
CA GLN A 72 -7.74 -7.80 7.37
C GLN A 72 -7.15 -9.18 7.13
N GLN A 73 -5.85 -9.23 6.83
CA GLN A 73 -5.19 -10.53 6.55
C GLN A 73 -5.15 -11.41 7.80
N ALA A 74 -5.30 -10.78 8.97
CA ALA A 74 -5.30 -11.52 10.23
C ALA A 74 -6.48 -12.47 10.31
N ASN A 75 -6.25 -13.65 10.89
CA ASN A 75 -7.30 -14.66 11.02
C ASN A 75 -7.13 -15.43 12.33
N MET A 1 5.84 -9.02 9.11
CA MET A 1 6.54 -8.21 8.08
C MET A 1 5.63 -7.99 6.87
N VAL A 2 4.35 -7.81 7.13
CA VAL A 2 3.37 -7.56 6.06
C VAL A 2 3.75 -6.25 5.37
N PHE A 3 4.07 -5.25 6.17
CA PHE A 3 4.47 -3.94 5.66
C PHE A 3 5.72 -4.07 4.80
N GLU A 4 6.56 -5.04 5.14
CA GLU A 4 7.76 -5.30 4.38
C GLU A 4 7.36 -5.70 2.96
N LYS A 5 6.21 -6.38 2.88
CA LYS A 5 5.69 -6.87 1.61
C LYS A 5 4.95 -5.77 0.85
N ILE A 6 4.06 -5.07 1.56
CA ILE A 6 3.32 -3.95 0.97
C ILE A 6 4.33 -2.92 0.46
N GLN A 7 5.36 -2.71 1.28
CA GLN A 7 6.46 -1.82 0.93
C GLN A 7 7.14 -2.38 -0.33
N ALA A 8 7.26 -3.72 -0.39
CA ALA A 8 7.86 -4.37 -1.55
C ALA A 8 7.05 -4.08 -2.81
N ILE A 9 5.72 -4.11 -2.68
CA ILE A 9 4.81 -3.83 -3.79
C ILE A 9 4.93 -2.36 -4.23
N ILE A 10 4.92 -1.46 -3.26
CA ILE A 10 4.99 -0.02 -3.56
C ILE A 10 6.37 0.32 -4.15
N VAL A 11 7.40 -0.25 -3.55
CA VAL A 11 8.79 -0.05 -3.98
C VAL A 11 8.99 -0.57 -5.40
N GLU A 12 8.45 -1.75 -5.70
CA GLU A 12 8.62 -2.33 -7.03
C GLU A 12 7.71 -1.65 -8.07
N GLU A 13 6.47 -1.34 -7.66
CA GLU A 13 5.50 -0.70 -8.54
C GLU A 13 5.89 0.75 -8.88
N LEU A 14 6.33 1.50 -7.86
CA LEU A 14 6.70 2.90 -8.07
C LEU A 14 8.21 3.04 -8.32
N GLY A 15 8.99 2.02 -7.96
CA GLY A 15 10.45 2.06 -8.14
C GLY A 15 11.09 2.98 -7.10
N LYS A 16 10.40 3.20 -5.98
CA LYS A 16 10.90 4.03 -4.90
C LYS A 16 11.62 3.14 -3.89
N ASP A 17 12.52 3.71 -3.08
CA ASP A 17 13.25 2.92 -2.09
C ASP A 17 12.36 2.61 -0.89
N ALA A 18 12.62 1.47 -0.24
CA ALA A 18 11.84 1.07 0.93
C ALA A 18 11.98 2.12 2.03
N GLU A 19 13.20 2.64 2.20
CA GLU A 19 13.47 3.67 3.21
C GLU A 19 12.64 4.93 2.92
N GLU A 20 12.44 5.21 1.62
CA GLU A 20 11.67 6.37 1.19
C GLU A 20 10.17 6.20 1.48
N VAL A 21 9.71 4.93 1.49
CA VAL A 21 8.30 4.67 1.78
C VAL A 21 8.08 4.74 3.29
N GLN A 22 7.20 5.66 3.71
CA GLN A 22 6.93 5.86 5.14
C GLN A 22 5.45 5.74 5.44
N LEU A 23 5.15 5.10 6.56
CA LEU A 23 3.77 4.90 7.01
C LEU A 23 3.09 6.24 7.27
N THR A 24 3.83 7.15 7.90
CA THR A 24 3.29 8.49 8.21
C THR A 24 3.14 9.36 6.96
N THR A 25 3.85 8.99 5.88
CA THR A 25 3.80 9.74 4.62
C THR A 25 2.60 9.28 3.77
N ASN A 26 1.99 10.25 3.07
CA ASN A 26 0.85 9.97 2.19
C ASN A 26 1.37 9.86 0.76
N ILE A 27 1.23 8.69 0.14
CA ILE A 27 1.71 8.46 -1.23
C ILE A 27 0.96 9.30 -2.27
N GLN A 28 -0.35 9.44 -2.13
CA GLN A 28 -1.13 10.19 -3.11
C GLN A 28 -0.66 11.65 -3.20
N GLU A 29 -0.17 12.19 -2.08
CA GLU A 29 0.32 13.57 -2.05
C GLU A 29 1.84 13.63 -2.20
N GLU A 30 2.53 12.69 -1.54
CA GLU A 30 3.98 12.64 -1.56
C GLU A 30 4.49 12.30 -2.95
N LEU A 31 3.88 11.27 -3.55
CA LEU A 31 4.26 10.83 -4.89
C LEU A 31 3.25 11.27 -5.96
N ASP A 32 2.24 12.05 -5.57
CA ASP A 32 1.22 12.50 -6.52
C ASP A 32 0.57 11.29 -7.18
N ALA A 33 0.16 10.34 -6.33
CA ALA A 33 -0.46 9.11 -6.81
C ALA A 33 -1.95 9.27 -7.06
N ASP A 34 -2.42 8.61 -8.12
CA ASP A 34 -3.82 8.64 -8.51
C ASP A 34 -4.51 7.35 -8.11
N SER A 35 -5.79 7.22 -8.46
CA SER A 35 -6.58 6.04 -8.13
C SER A 35 -5.96 4.79 -8.74
N LEU A 36 -5.47 4.91 -9.97
CA LEU A 36 -4.87 3.76 -10.66
C LEU A 36 -3.62 3.26 -9.93
N ASP A 37 -2.76 4.19 -9.49
CA ASP A 37 -1.53 3.81 -8.80
C ASP A 37 -1.84 3.04 -7.53
N LEU A 38 -2.82 3.54 -6.77
CA LEU A 38 -3.24 2.89 -5.53
C LEU A 38 -3.96 1.58 -5.84
N PHE A 39 -4.77 1.61 -6.89
CA PHE A 39 -5.52 0.45 -7.33
C PHE A 39 -4.55 -0.67 -7.68
N GLN A 40 -3.48 -0.32 -8.40
CA GLN A 40 -2.45 -1.29 -8.78
C GLN A 40 -1.70 -1.81 -7.55
N ILE A 41 -1.39 -0.93 -6.60
CA ILE A 41 -0.70 -1.34 -5.38
C ILE A 41 -1.60 -2.35 -4.65
N ILE A 42 -2.90 -2.05 -4.65
CA ILE A 42 -3.89 -2.92 -4.03
C ILE A 42 -3.99 -4.21 -4.85
N ASN A 43 -3.87 -4.10 -6.19
CA ASN A 43 -3.92 -5.28 -7.05
C ASN A 43 -2.73 -6.18 -6.72
N GLU A 44 -1.60 -5.52 -6.52
CA GLU A 44 -0.34 -6.17 -6.21
C GLU A 44 -0.37 -6.83 -4.84
N ILE A 45 -0.87 -6.11 -3.83
CA ILE A 45 -0.96 -6.71 -2.50
C ILE A 45 -2.08 -7.77 -2.52
N GLU A 46 -3.09 -7.53 -3.35
CA GLU A 46 -4.19 -8.49 -3.52
C GLU A 46 -3.61 -9.78 -4.12
N ASP A 47 -2.72 -9.62 -5.09
CA ASP A 47 -2.09 -10.77 -5.72
C ASP A 47 -1.08 -11.43 -4.76
N GLU A 48 -0.43 -10.60 -3.94
CA GLU A 48 0.59 -11.08 -2.99
C GLU A 48 0.00 -11.79 -1.77
N PHE A 49 -0.89 -11.10 -1.05
CA PHE A 49 -1.52 -11.65 0.17
C PHE A 49 -2.98 -12.03 -0.05
N ASP A 50 -3.62 -11.44 -1.08
CA ASP A 50 -5.04 -11.67 -1.36
C ASP A 50 -5.85 -11.58 -0.07
N VAL A 51 -6.00 -10.34 0.37
CA VAL A 51 -6.71 -10.01 1.61
C VAL A 51 -7.81 -9.02 1.31
N LYS A 52 -8.64 -8.70 2.32
CA LYS A 52 -9.72 -7.73 2.12
C LYS A 52 -9.10 -6.34 2.15
N ILE A 53 -8.87 -5.75 0.98
CA ILE A 53 -8.24 -4.43 0.91
C ILE A 53 -9.29 -3.37 0.60
N GLU A 54 -9.68 -2.63 1.63
CA GLU A 54 -10.65 -1.56 1.47
C GLU A 54 -9.89 -0.31 1.06
N THR A 55 -10.27 0.28 -0.08
CA THR A 55 -9.57 1.48 -0.57
C THR A 55 -10.51 2.47 -1.24
N GLU A 56 -9.94 3.61 -1.59
CA GLU A 56 -10.70 4.70 -2.20
C GLU A 56 -11.78 5.16 -1.21
N ASP A 57 -11.48 5.03 0.09
CA ASP A 57 -12.40 5.44 1.15
C ASP A 57 -11.65 6.32 2.16
N GLY A 58 -10.72 7.13 1.63
CA GLY A 58 -9.93 8.03 2.45
C GLY A 58 -8.56 7.43 2.79
N ILE A 59 -8.34 6.16 2.43
CA ILE A 59 -7.06 5.49 2.73
C ILE A 59 -6.15 5.44 1.52
N GLN A 60 -5.01 6.12 1.63
CA GLN A 60 -3.99 6.16 0.59
C GLN A 60 -2.60 5.96 1.21
N THR A 61 -2.47 6.49 2.43
CA THR A 61 -1.24 6.43 3.21
C THR A 61 -0.83 4.99 3.48
N VAL A 62 0.48 4.78 3.45
CA VAL A 62 1.06 3.46 3.72
C VAL A 62 0.58 2.97 5.07
N GLN A 63 0.43 3.87 6.06
CA GLN A 63 -0.05 3.47 7.37
C GLN A 63 -1.44 2.83 7.25
N ASP A 64 -2.36 3.47 6.50
CA ASP A 64 -3.71 2.91 6.34
C ASP A 64 -3.68 1.66 5.47
N LEU A 65 -2.88 1.69 4.39
CA LEU A 65 -2.76 0.55 3.49
C LEU A 65 -2.26 -0.67 4.26
N VAL A 66 -1.18 -0.48 5.00
CA VAL A 66 -0.57 -1.52 5.79
C VAL A 66 -1.51 -2.00 6.89
N THR A 67 -2.11 -1.06 7.60
CA THR A 67 -3.03 -1.38 8.69
C THR A 67 -4.21 -2.17 8.16
N TYR A 68 -4.75 -1.74 7.02
CA TYR A 68 -5.90 -2.39 6.42
C TYR A 68 -5.56 -3.79 5.91
N VAL A 69 -4.50 -3.90 5.10
CA VAL A 69 -4.11 -5.21 4.54
C VAL A 69 -3.76 -6.14 5.69
N GLU A 70 -2.94 -5.64 6.59
CA GLU A 70 -2.47 -6.42 7.73
C GLU A 70 -3.61 -6.80 8.68
N LYS A 71 -4.50 -5.84 8.97
CA LYS A 71 -5.62 -6.11 9.88
C LYS A 71 -6.56 -7.13 9.25
N GLN A 72 -6.88 -6.91 7.98
CA GLN A 72 -7.78 -7.80 7.26
C GLN A 72 -7.16 -9.17 7.03
N GLN A 73 -5.85 -9.22 6.76
CA GLN A 73 -5.18 -10.50 6.50
C GLN A 73 -5.15 -11.38 7.78
N ALA A 74 -5.35 -10.73 8.94
CA ALA A 74 -5.35 -11.44 10.22
C ALA A 74 -6.48 -12.45 10.27
N ASN A 75 -6.21 -13.61 10.88
CA ASN A 75 -7.21 -14.68 11.01
C ASN A 75 -7.71 -15.09 9.63
N MET A 1 6.11 -9.20 8.77
CA MET A 1 6.73 -8.31 7.75
C MET A 1 5.77 -8.09 6.58
N VAL A 2 4.49 -7.90 6.91
CA VAL A 2 3.47 -7.65 5.88
C VAL A 2 3.82 -6.33 5.19
N PHE A 3 4.13 -5.32 6.00
CA PHE A 3 4.48 -4.00 5.48
C PHE A 3 5.70 -4.09 4.58
N GLU A 4 6.56 -5.06 4.88
CA GLU A 4 7.74 -5.29 4.07
C GLU A 4 7.29 -5.67 2.66
N LYS A 5 6.17 -6.40 2.61
CA LYS A 5 5.60 -6.87 1.35
C LYS A 5 4.84 -5.78 0.64
N ILE A 6 3.97 -5.08 1.37
CA ILE A 6 3.20 -3.97 0.81
C ILE A 6 4.18 -2.93 0.29
N GLN A 7 5.22 -2.69 1.08
CA GLN A 7 6.29 -1.78 0.71
C GLN A 7 6.96 -2.33 -0.53
N ALA A 8 7.11 -3.67 -0.60
CA ALA A 8 7.72 -4.31 -1.75
C ALA A 8 6.90 -4.01 -3.01
N ILE A 9 5.57 -4.03 -2.87
CA ILE A 9 4.67 -3.75 -3.99
C ILE A 9 4.90 -2.32 -4.49
N ILE A 10 4.92 -1.38 -3.56
CA ILE A 10 5.06 0.04 -3.88
C ILE A 10 6.46 0.32 -4.46
N VAL A 11 7.45 -0.28 -3.81
CA VAL A 11 8.85 -0.13 -4.21
C VAL A 11 9.07 -0.69 -5.60
N GLU A 12 8.53 -1.88 -5.87
CA GLU A 12 8.72 -2.52 -7.17
C GLU A 12 7.84 -1.88 -8.26
N GLU A 13 6.59 -1.59 -7.89
CA GLU A 13 5.63 -0.99 -8.82
C GLU A 13 6.04 0.43 -9.21
N LEU A 14 6.48 1.21 -8.23
CA LEU A 14 6.89 2.60 -8.48
C LEU A 14 8.39 2.73 -8.72
N GLY A 15 9.16 1.75 -8.28
CA GLY A 15 10.61 1.80 -8.43
C GLY A 15 11.21 2.86 -7.51
N LYS A 16 10.56 3.06 -6.36
CA LYS A 16 10.98 4.05 -5.37
C LYS A 16 11.86 3.36 -4.32
N ASP A 17 12.28 4.12 -3.30
CA ASP A 17 13.12 3.56 -2.23
C ASP A 17 12.27 3.22 -1.01
N ALA A 18 12.80 2.35 -0.15
CA ALA A 18 12.10 1.94 1.06
C ALA A 18 11.86 3.15 1.97
N GLU A 19 12.86 4.03 2.05
CA GLU A 19 12.75 5.24 2.87
C GLU A 19 11.65 6.17 2.36
N GLU A 20 11.39 6.12 1.05
CA GLU A 20 10.36 6.95 0.43
C GLU A 20 8.97 6.51 0.88
N VAL A 21 8.82 5.23 1.25
CA VAL A 21 7.53 4.71 1.72
C VAL A 21 7.47 4.83 3.24
N GLN A 22 6.60 5.72 3.74
CA GLN A 22 6.45 5.95 5.19
C GLN A 22 5.00 5.80 5.63
N LEU A 23 4.83 5.18 6.80
CA LEU A 23 3.51 4.93 7.38
C LEU A 23 2.77 6.23 7.67
N THR A 24 3.46 7.16 8.33
CA THR A 24 2.87 8.46 8.69
C THR A 24 2.51 9.27 7.43
N THR A 25 3.37 9.16 6.42
CA THR A 25 3.21 9.90 5.17
C THR A 25 2.15 9.28 4.25
N ASN A 26 1.60 10.13 3.36
CA ASN A 26 0.61 9.71 2.36
C ASN A 26 1.29 9.62 0.99
N ILE A 27 1.17 8.46 0.36
CA ILE A 27 1.79 8.22 -0.96
C ILE A 27 1.15 9.05 -2.06
N GLN A 28 -0.19 9.19 -2.03
CA GLN A 28 -0.87 9.96 -3.08
C GLN A 28 -0.38 11.40 -3.13
N GLU A 29 0.04 11.92 -1.97
CA GLU A 29 0.53 13.30 -1.88
C GLU A 29 2.06 13.36 -1.94
N GLU A 30 2.71 12.40 -1.26
CA GLU A 30 4.16 12.35 -1.22
C GLU A 30 4.73 12.00 -2.58
N LEU A 31 4.19 10.93 -3.17
CA LEU A 31 4.64 10.46 -4.47
C LEU A 31 3.72 10.93 -5.61
N ASP A 32 2.70 11.75 -5.29
CA ASP A 32 1.76 12.23 -6.30
C ASP A 32 1.11 11.03 -6.99
N ALA A 33 0.64 10.08 -6.18
CA ALA A 33 0.02 8.87 -6.69
C ALA A 33 -1.46 9.08 -6.97
N ASP A 34 -1.91 8.48 -8.07
CA ASP A 34 -3.31 8.58 -8.48
C ASP A 34 -4.07 7.33 -8.05
N SER A 35 -5.35 7.27 -8.41
CA SER A 35 -6.20 6.14 -8.06
C SER A 35 -5.63 4.84 -8.63
N LEU A 36 -5.11 4.91 -9.86
CA LEU A 36 -4.55 3.72 -10.52
C LEU A 36 -3.34 3.18 -9.77
N ASP A 37 -2.44 4.08 -9.34
CA ASP A 37 -1.23 3.65 -8.63
C ASP A 37 -1.59 2.92 -7.35
N LEU A 38 -2.54 3.48 -6.61
CA LEU A 38 -3.00 2.87 -5.36
C LEU A 38 -3.79 1.60 -5.65
N PHE A 39 -4.58 1.65 -6.72
CA PHE A 39 -5.40 0.54 -7.14
C PHE A 39 -4.49 -0.64 -7.48
N GLN A 40 -3.44 -0.38 -8.25
CA GLN A 40 -2.49 -1.42 -8.64
C GLN A 40 -1.75 -1.99 -7.45
N ILE A 41 -1.36 -1.14 -6.51
CA ILE A 41 -0.66 -1.60 -5.30
C ILE A 41 -1.60 -2.54 -4.54
N ILE A 42 -2.89 -2.18 -4.55
CA ILE A 42 -3.92 -2.98 -3.91
C ILE A 42 -4.15 -4.27 -4.71
N ASN A 43 -4.09 -4.18 -6.04
CA ASN A 43 -4.26 -5.38 -6.87
C ASN A 43 -3.09 -6.32 -6.63
N GLU A 44 -1.91 -5.71 -6.48
CA GLU A 44 -0.67 -6.43 -6.24
C GLU A 44 -0.67 -7.06 -4.86
N ILE A 45 -1.10 -6.31 -3.83
CA ILE A 45 -1.15 -6.90 -2.49
C ILE A 45 -2.29 -7.93 -2.48
N GLU A 46 -3.33 -7.67 -3.28
CA GLU A 46 -4.44 -8.61 -3.43
C GLU A 46 -3.89 -9.90 -4.06
N ASP A 47 -3.02 -9.76 -5.05
CA ASP A 47 -2.42 -10.91 -5.70
C ASP A 47 -1.42 -11.60 -4.76
N GLU A 48 -0.72 -10.78 -3.95
CA GLU A 48 0.30 -11.29 -3.03
C GLU A 48 -0.32 -11.98 -1.80
N PHE A 49 -1.04 -11.22 -0.97
CA PHE A 49 -1.67 -11.76 0.24
C PHE A 49 -3.15 -12.09 0.05
N ASP A 50 -3.77 -11.51 -0.99
CA ASP A 50 -5.20 -11.70 -1.25
C ASP A 50 -5.98 -11.51 0.05
N VAL A 51 -6.06 -10.24 0.44
CA VAL A 51 -6.72 -9.83 1.67
C VAL A 51 -7.74 -8.74 1.34
N LYS A 52 -8.54 -8.33 2.32
CA LYS A 52 -9.53 -7.28 2.07
C LYS A 52 -8.92 -5.90 2.33
N ILE A 53 -8.48 -5.25 1.25
CA ILE A 53 -7.89 -3.91 1.37
C ILE A 53 -8.85 -2.87 0.85
N GLU A 54 -9.57 -2.24 1.78
CA GLU A 54 -10.52 -1.20 1.42
C GLU A 54 -9.75 0.06 1.04
N THR A 55 -10.01 0.57 -0.17
CA THR A 55 -9.33 1.76 -0.68
C THR A 55 -10.30 2.72 -1.36
N GLU A 56 -9.74 3.82 -1.88
CA GLU A 56 -10.56 4.84 -2.53
C GLU A 56 -11.65 5.34 -1.57
N ASP A 57 -11.38 5.22 -0.27
CA ASP A 57 -12.30 5.65 0.77
C ASP A 57 -11.51 6.31 1.91
N GLY A 58 -10.50 7.10 1.52
CA GLY A 58 -9.66 7.80 2.48
C GLY A 58 -8.35 7.06 2.78
N ILE A 59 -8.07 5.98 2.02
CA ILE A 59 -6.83 5.20 2.24
C ILE A 59 -5.83 5.48 1.11
N GLN A 60 -4.79 6.23 1.45
CA GLN A 60 -3.71 6.56 0.52
C GLN A 60 -2.41 6.76 1.30
N THR A 61 -2.36 6.16 2.47
CA THR A 61 -1.22 6.25 3.37
C THR A 61 -0.72 4.85 3.66
N VAL A 62 0.60 4.70 3.71
CA VAL A 62 1.20 3.40 3.97
C VAL A 62 0.64 2.86 5.30
N GLN A 63 0.46 3.74 6.29
CA GLN A 63 -0.08 3.30 7.58
C GLN A 63 -1.49 2.70 7.42
N ASP A 64 -2.41 3.39 6.72
CA ASP A 64 -3.76 2.85 6.55
C ASP A 64 -3.78 1.63 5.63
N LEU A 65 -2.99 1.68 4.56
CA LEU A 65 -2.90 0.59 3.59
C LEU A 65 -2.40 -0.66 4.31
N VAL A 66 -1.24 -0.50 4.95
CA VAL A 66 -0.60 -1.58 5.70
C VAL A 66 -1.47 -2.06 6.84
N THR A 67 -2.05 -1.11 7.58
CA THR A 67 -2.91 -1.46 8.71
C THR A 67 -4.11 -2.25 8.21
N TYR A 68 -4.68 -1.82 7.09
CA TYR A 68 -5.83 -2.48 6.52
C TYR A 68 -5.48 -3.88 6.01
N VAL A 69 -4.43 -4.00 5.18
CA VAL A 69 -4.03 -5.31 4.65
C VAL A 69 -3.67 -6.23 5.81
N GLU A 70 -2.85 -5.71 6.68
CA GLU A 70 -2.35 -6.46 7.83
C GLU A 70 -3.46 -6.86 8.79
N LYS A 71 -4.38 -5.94 9.05
CA LYS A 71 -5.50 -6.21 9.96
C LYS A 71 -6.47 -7.20 9.34
N GLN A 72 -6.78 -6.99 8.07
CA GLN A 72 -7.72 -7.85 7.35
C GLN A 72 -7.11 -9.22 7.05
N GLN A 73 -5.80 -9.26 6.80
CA GLN A 73 -5.14 -10.54 6.49
C GLN A 73 -5.12 -11.46 7.72
N ALA A 74 -5.31 -10.86 8.91
CA ALA A 74 -5.33 -11.61 10.15
C ALA A 74 -6.50 -12.60 10.18
N ASN A 75 -6.25 -13.78 10.75
CA ASN A 75 -7.27 -14.82 10.83
C ASN A 75 -7.23 -15.51 12.19
N MET A 1 6.27 -7.65 8.81
CA MET A 1 6.56 -8.55 7.66
C MET A 1 5.62 -8.25 6.51
N VAL A 2 4.34 -8.04 6.84
CA VAL A 2 3.34 -7.73 5.82
C VAL A 2 3.71 -6.40 5.17
N PHE A 3 4.01 -5.41 6.02
CA PHE A 3 4.38 -4.09 5.52
C PHE A 3 5.61 -4.18 4.63
N GLU A 4 6.45 -5.17 4.91
CA GLU A 4 7.63 -5.38 4.09
C GLU A 4 7.19 -5.74 2.67
N LYS A 5 6.05 -6.44 2.60
CA LYS A 5 5.49 -6.90 1.33
C LYS A 5 4.70 -5.79 0.64
N ILE A 6 3.84 -5.12 1.41
CA ILE A 6 3.04 -4.03 0.88
C ILE A 6 4.00 -2.94 0.37
N GLN A 7 5.05 -2.72 1.16
CA GLN A 7 6.10 -1.78 0.81
C GLN A 7 6.83 -2.30 -0.42
N ALA A 8 7.02 -3.63 -0.49
CA ALA A 8 7.72 -4.24 -1.63
C ALA A 8 6.95 -3.95 -2.93
N ILE A 9 5.62 -4.03 -2.84
CA ILE A 9 4.76 -3.76 -3.99
C ILE A 9 4.95 -2.32 -4.47
N ILE A 10 4.93 -1.40 -3.52
CA ILE A 10 5.05 0.03 -3.81
C ILE A 10 6.46 0.36 -4.31
N VAL A 11 7.45 -0.21 -3.65
CA VAL A 11 8.84 -0.01 -3.99
C VAL A 11 9.13 -0.53 -5.39
N GLU A 12 8.58 -1.71 -5.72
CA GLU A 12 8.78 -2.30 -7.03
C GLU A 12 7.93 -1.59 -8.10
N GLU A 13 6.65 -1.39 -7.79
CA GLU A 13 5.71 -0.78 -8.72
C GLU A 13 6.12 0.65 -9.06
N LEU A 14 6.58 1.37 -8.05
CA LEU A 14 7.02 2.76 -8.24
C LEU A 14 8.52 2.86 -8.47
N GLY A 15 9.26 1.81 -8.11
CA GLY A 15 10.71 1.83 -8.24
C GLY A 15 11.29 2.94 -7.37
N LYS A 16 10.58 3.22 -6.26
CA LYS A 16 10.99 4.27 -5.34
C LYS A 16 11.80 3.66 -4.19
N ASP A 17 12.52 4.51 -3.45
CA ASP A 17 13.35 4.04 -2.34
C ASP A 17 12.53 3.80 -1.09
N ALA A 18 13.10 3.00 -0.18
CA ALA A 18 12.43 2.68 1.08
C ALA A 18 12.18 3.95 1.89
N GLU A 19 13.15 4.87 1.85
CA GLU A 19 13.04 6.14 2.57
C GLU A 19 11.85 6.96 2.07
N GLU A 20 11.55 6.85 0.79
CA GLU A 20 10.43 7.58 0.19
C GLU A 20 9.08 7.05 0.67
N VAL A 21 9.04 5.75 0.97
CA VAL A 21 7.80 5.11 1.46
C VAL A 21 7.78 5.11 3.00
N GLN A 22 6.79 5.80 3.57
CA GLN A 22 6.66 5.90 5.02
C GLN A 22 5.23 5.70 5.48
N LEU A 23 5.08 5.08 6.65
CA LEU A 23 3.77 4.81 7.23
C LEU A 23 3.00 6.09 7.52
N THR A 24 3.67 7.03 8.16
CA THR A 24 3.07 8.33 8.51
C THR A 24 2.76 9.14 7.25
N THR A 25 3.63 9.02 6.26
CA THR A 25 3.50 9.76 5.01
C THR A 25 2.44 9.15 4.08
N ASN A 26 1.76 10.01 3.30
CA ASN A 26 0.74 9.58 2.34
C ASN A 26 1.39 9.47 0.96
N ILE A 27 1.22 8.32 0.30
CA ILE A 27 1.80 8.09 -1.02
C ILE A 27 1.17 8.97 -2.11
N GLN A 28 -0.15 9.15 -2.06
CA GLN A 28 -0.82 9.94 -3.08
C GLN A 28 -0.30 11.37 -3.11
N GLU A 29 0.15 11.88 -1.95
CA GLU A 29 0.70 13.24 -1.87
C GLU A 29 2.24 13.22 -1.93
N GLU A 30 2.82 12.23 -1.27
CA GLU A 30 4.29 12.09 -1.21
C GLU A 30 4.85 11.79 -2.58
N LEU A 31 4.24 10.81 -3.24
CA LEU A 31 4.70 10.40 -4.57
C LEU A 31 3.76 10.88 -5.68
N ASP A 32 2.75 11.70 -5.33
CA ASP A 32 1.80 12.19 -6.34
C ASP A 32 1.14 11.00 -7.03
N ALA A 33 0.66 10.06 -6.21
CA ALA A 33 0.03 8.85 -6.72
C ALA A 33 -1.44 9.05 -7.02
N ASP A 34 -1.88 8.48 -8.14
CA ASP A 34 -3.27 8.57 -8.56
C ASP A 34 -4.03 7.34 -8.09
N SER A 35 -5.33 7.31 -8.36
CA SER A 35 -6.17 6.19 -7.96
C SER A 35 -5.69 4.88 -8.60
N LEU A 36 -5.18 4.97 -9.83
CA LEU A 36 -4.68 3.79 -10.53
C LEU A 36 -3.45 3.20 -9.85
N ASP A 37 -2.53 4.08 -9.44
CA ASP A 37 -1.29 3.63 -8.79
C ASP A 37 -1.61 2.90 -7.50
N LEU A 38 -2.53 3.47 -6.72
CA LEU A 38 -2.96 2.87 -5.46
C LEU A 38 -3.76 1.61 -5.73
N PHE A 39 -4.60 1.68 -6.75
CA PHE A 39 -5.44 0.56 -7.15
C PHE A 39 -4.54 -0.63 -7.51
N GLN A 40 -3.51 -0.38 -8.31
CA GLN A 40 -2.58 -1.42 -8.72
C GLN A 40 -1.81 -1.99 -7.54
N ILE A 41 -1.38 -1.13 -6.61
CA ILE A 41 -0.66 -1.58 -5.43
C ILE A 41 -1.57 -2.52 -4.64
N ILE A 42 -2.85 -2.15 -4.57
CA ILE A 42 -3.85 -2.95 -3.88
C ILE A 42 -4.14 -4.22 -4.68
N ASN A 43 -4.08 -4.14 -6.02
CA ASN A 43 -4.27 -5.34 -6.83
C ASN A 43 -3.11 -6.28 -6.59
N GLU A 44 -1.93 -5.68 -6.46
CA GLU A 44 -0.69 -6.40 -6.21
C GLU A 44 -0.70 -7.05 -4.83
N ILE A 45 -1.16 -6.31 -3.79
CA ILE A 45 -1.23 -6.92 -2.46
C ILE A 45 -2.36 -7.94 -2.47
N GLU A 46 -3.39 -7.67 -3.25
CA GLU A 46 -4.51 -8.59 -3.42
C GLU A 46 -3.97 -9.88 -4.05
N ASP A 47 -3.08 -9.73 -5.02
CA ASP A 47 -2.49 -10.89 -5.67
C ASP A 47 -1.48 -11.59 -4.75
N GLU A 48 -0.77 -10.79 -3.94
CA GLU A 48 0.28 -11.31 -3.04
C GLU A 48 -0.30 -11.99 -1.78
N PHE A 49 -1.13 -11.27 -1.03
CA PHE A 49 -1.74 -11.81 0.21
C PHE A 49 -3.22 -12.14 0.03
N ASP A 50 -3.85 -11.54 -0.99
CA ASP A 50 -5.29 -11.73 -1.24
C ASP A 50 -6.08 -11.57 0.06
N VAL A 51 -6.17 -10.32 0.47
CA VAL A 51 -6.88 -9.94 1.70
C VAL A 51 -7.85 -8.80 1.38
N LYS A 52 -8.73 -8.45 2.31
CA LYS A 52 -9.68 -7.38 2.06
C LYS A 52 -9.00 -6.02 2.22
N ILE A 53 -8.63 -5.42 1.08
CA ILE A 53 -7.97 -4.11 1.10
C ILE A 53 -8.93 -3.04 0.60
N GLU A 54 -9.61 -2.40 1.55
CA GLU A 54 -10.56 -1.35 1.20
C GLU A 54 -9.80 -0.14 0.65
N THR A 55 -10.20 0.32 -0.54
CA THR A 55 -9.52 1.44 -1.20
C THR A 55 -10.51 2.54 -1.56
N GLU A 56 -9.97 3.77 -1.66
CA GLU A 56 -10.77 4.97 -1.98
C GLU A 56 -11.57 5.43 -0.74
N ASP A 57 -11.54 4.63 0.34
CA ASP A 57 -12.23 5.00 1.57
C ASP A 57 -11.27 5.74 2.51
N GLY A 58 -10.41 6.56 1.91
CA GLY A 58 -9.44 7.35 2.68
C GLY A 58 -8.09 6.63 2.85
N ILE A 59 -7.86 5.55 2.09
CA ILE A 59 -6.60 4.82 2.20
C ILE A 59 -5.65 5.18 1.06
N GLN A 60 -4.62 5.95 1.40
CA GLN A 60 -3.58 6.37 0.45
C GLN A 60 -2.25 6.54 1.19
N THR A 61 -2.16 5.92 2.37
CA THR A 61 -0.97 6.01 3.21
C THR A 61 -0.48 4.61 3.54
N VAL A 62 0.84 4.45 3.61
CA VAL A 62 1.42 3.14 3.92
C VAL A 62 0.84 2.64 5.26
N GLN A 63 0.70 3.55 6.23
CA GLN A 63 0.14 3.15 7.53
C GLN A 63 -1.29 2.60 7.37
N ASP A 64 -2.16 3.32 6.65
CA ASP A 64 -3.55 2.86 6.46
C ASP A 64 -3.62 1.60 5.61
N LEU A 65 -2.79 1.55 4.56
CA LEU A 65 -2.76 0.40 3.66
C LEU A 65 -2.31 -0.83 4.43
N VAL A 66 -1.17 -0.69 5.10
CA VAL A 66 -0.59 -1.77 5.89
C VAL A 66 -1.55 -2.19 7.00
N THR A 67 -2.10 -1.20 7.69
CA THR A 67 -3.03 -1.47 8.78
C THR A 67 -4.26 -2.21 8.25
N TYR A 68 -4.75 -1.76 7.10
CA TYR A 68 -5.93 -2.37 6.50
C TYR A 68 -5.66 -3.80 6.01
N VAL A 69 -4.60 -3.97 5.19
CA VAL A 69 -4.28 -5.30 4.67
C VAL A 69 -3.97 -6.23 5.82
N GLU A 70 -3.13 -5.77 6.72
CA GLU A 70 -2.71 -6.55 7.87
C GLU A 70 -3.87 -6.86 8.81
N LYS A 71 -4.72 -5.87 9.08
CA LYS A 71 -5.86 -6.06 9.97
C LYS A 71 -6.86 -7.02 9.34
N GLN A 72 -7.14 -6.79 8.06
CA GLN A 72 -8.09 -7.62 7.32
C GLN A 72 -7.55 -9.03 7.11
N GLN A 73 -6.23 -9.17 6.87
CA GLN A 73 -5.65 -10.50 6.65
C GLN A 73 -5.72 -11.36 7.92
N ALA A 74 -5.88 -10.70 9.07
CA ALA A 74 -5.96 -11.41 10.36
C ALA A 74 -7.17 -12.34 10.39
N ASN A 75 -6.97 -13.53 10.96
CA ASN A 75 -8.04 -14.52 11.06
C ASN A 75 -8.66 -14.80 9.70
N MET A 1 5.83 -9.25 8.78
CA MET A 1 6.49 -8.46 7.70
C MET A 1 5.49 -8.19 6.56
N VAL A 2 4.22 -7.98 6.93
CA VAL A 2 3.19 -7.68 5.94
C VAL A 2 3.54 -6.35 5.27
N PHE A 3 3.93 -5.38 6.09
CA PHE A 3 4.30 -4.06 5.61
C PHE A 3 5.51 -4.12 4.70
N GLU A 4 6.41 -5.06 4.98
CA GLU A 4 7.58 -5.25 4.14
C GLU A 4 7.11 -5.66 2.73
N LYS A 5 5.98 -6.36 2.69
CA LYS A 5 5.41 -6.86 1.43
C LYS A 5 4.62 -5.77 0.72
N ILE A 6 3.75 -5.08 1.47
CA ILE A 6 2.96 -3.99 0.92
C ILE A 6 3.94 -2.92 0.40
N GLN A 7 4.96 -2.68 1.21
CA GLN A 7 6.02 -1.74 0.87
C GLN A 7 6.76 -2.25 -0.36
N ALA A 8 6.95 -3.58 -0.44
CA ALA A 8 7.64 -4.18 -1.58
C ALA A 8 6.89 -3.87 -2.88
N ILE A 9 5.55 -3.92 -2.80
CA ILE A 9 4.70 -3.64 -3.95
C ILE A 9 4.90 -2.19 -4.40
N ILE A 10 4.87 -1.28 -3.43
CA ILE A 10 4.98 0.16 -3.72
C ILE A 10 6.40 0.51 -4.19
N VAL A 11 7.38 -0.08 -3.53
CA VAL A 11 8.79 0.14 -3.85
C VAL A 11 9.08 -0.36 -5.26
N GLU A 12 8.58 -1.55 -5.58
CA GLU A 12 8.79 -2.14 -6.91
C GLU A 12 7.95 -1.45 -7.98
N GLU A 13 6.66 -1.26 -7.70
CA GLU A 13 5.73 -0.64 -8.65
C GLU A 13 6.11 0.81 -8.93
N LEU A 14 6.52 1.51 -7.89
CA LEU A 14 6.91 2.92 -8.01
C LEU A 14 8.40 3.06 -8.33
N GLY A 15 9.18 2.05 -7.94
CA GLY A 15 10.62 2.07 -8.17
C GLY A 15 11.29 3.12 -7.29
N LYS A 16 10.73 3.31 -6.09
CA LYS A 16 11.25 4.30 -5.14
C LYS A 16 12.16 3.60 -4.12
N ASP A 17 12.75 4.39 -3.20
CA ASP A 17 13.65 3.86 -2.19
C ASP A 17 12.92 3.64 -0.87
N ALA A 18 13.53 2.85 0.01
CA ALA A 18 12.95 2.56 1.31
C ALA A 18 12.77 3.83 2.13
N GLU A 19 13.75 4.74 2.03
CA GLU A 19 13.69 6.01 2.76
C GLU A 19 12.54 6.90 2.25
N GLU A 20 12.25 6.79 0.95
CA GLU A 20 11.17 7.58 0.34
C GLU A 20 9.80 7.13 0.83
N VAL A 21 9.68 5.84 1.16
CA VAL A 21 8.42 5.27 1.65
C VAL A 21 8.38 5.30 3.17
N GLN A 22 7.24 5.74 3.72
CA GLN A 22 7.06 5.81 5.17
C GLN A 22 5.59 5.63 5.54
N LEU A 23 5.37 5.05 6.72
CA LEU A 23 4.02 4.79 7.21
C LEU A 23 3.23 6.08 7.38
N THR A 24 3.88 7.06 7.97
CA THR A 24 3.26 8.37 8.24
C THR A 24 2.90 9.09 6.93
N THR A 25 3.77 8.93 5.93
CA THR A 25 3.60 9.61 4.65
C THR A 25 2.44 9.04 3.82
N ASN A 26 1.82 9.91 3.01
CA ASN A 26 0.74 9.51 2.12
C ASN A 26 1.35 9.34 0.73
N ILE A 27 1.12 8.19 0.10
CA ILE A 27 1.69 7.91 -1.22
C ILE A 27 1.09 8.79 -2.31
N GLN A 28 -0.22 9.03 -2.24
CA GLN A 28 -0.88 9.85 -3.27
C GLN A 28 -0.31 11.27 -3.31
N GLU A 29 0.14 11.77 -2.16
CA GLU A 29 0.72 13.12 -2.08
C GLU A 29 2.25 13.07 -2.13
N GLU A 30 2.84 12.07 -1.48
CA GLU A 30 4.29 11.94 -1.44
C GLU A 30 4.83 11.53 -2.80
N LEU A 31 4.17 10.55 -3.41
CA LEU A 31 4.58 10.06 -4.72
C LEU A 31 3.69 10.62 -5.85
N ASP A 32 2.74 11.51 -5.50
CA ASP A 32 1.82 12.08 -6.50
C ASP A 32 1.09 10.92 -7.20
N ALA A 33 0.62 9.97 -6.38
CA ALA A 33 -0.07 8.79 -6.90
C ALA A 33 -1.56 9.06 -7.09
N ASP A 34 -2.10 8.47 -8.16
CA ASP A 34 -3.51 8.60 -8.49
C ASP A 34 -4.27 7.34 -8.04
N SER A 35 -5.55 7.29 -8.34
CA SER A 35 -6.38 6.15 -7.96
C SER A 35 -5.82 4.86 -8.57
N LEU A 36 -5.35 4.95 -9.81
CA LEU A 36 -4.79 3.77 -10.49
C LEU A 36 -3.55 3.24 -9.79
N ASP A 37 -2.66 4.15 -9.35
CA ASP A 37 -1.43 3.74 -8.69
C ASP A 37 -1.73 2.96 -7.42
N LEU A 38 -2.69 3.47 -6.65
CA LEU A 38 -3.10 2.81 -5.41
C LEU A 38 -3.88 1.54 -5.72
N PHE A 39 -4.71 1.62 -6.76
CA PHE A 39 -5.52 0.50 -7.20
C PHE A 39 -4.61 -0.66 -7.57
N GLN A 40 -3.55 -0.36 -8.33
CA GLN A 40 -2.59 -1.38 -8.74
C GLN A 40 -1.83 -1.95 -7.55
N ILE A 41 -1.46 -1.10 -6.62
CA ILE A 41 -0.75 -1.55 -5.41
C ILE A 41 -1.67 -2.51 -4.65
N ILE A 42 -2.96 -2.16 -4.62
CA ILE A 42 -3.98 -2.98 -3.97
C ILE A 42 -4.19 -4.26 -4.80
N ASN A 43 -4.10 -4.17 -6.13
CA ASN A 43 -4.23 -5.37 -6.96
C ASN A 43 -3.06 -6.28 -6.66
N GLU A 44 -1.90 -5.66 -6.48
CA GLU A 44 -0.66 -6.36 -6.18
C GLU A 44 -0.71 -7.00 -4.80
N ILE A 45 -1.20 -6.28 -3.79
CA ILE A 45 -1.30 -6.88 -2.45
C ILE A 45 -2.40 -7.93 -2.48
N GLU A 46 -3.41 -7.69 -3.31
CA GLU A 46 -4.50 -8.64 -3.49
C GLU A 46 -3.91 -9.92 -4.11
N ASP A 47 -3.02 -9.76 -5.07
CA ASP A 47 -2.38 -10.90 -5.71
C ASP A 47 -1.35 -11.56 -4.77
N GLU A 48 -0.70 -10.73 -3.94
CA GLU A 48 0.34 -11.22 -3.03
C GLU A 48 -0.25 -11.93 -1.79
N PHE A 49 -1.06 -11.21 -1.02
CA PHE A 49 -1.68 -11.76 0.20
C PHE A 49 -3.14 -12.15 0.00
N ASP A 50 -3.79 -11.57 -1.02
CA ASP A 50 -5.21 -11.80 -1.29
C ASP A 50 -6.01 -11.69 0.01
N VAL A 51 -6.16 -10.44 0.43
CA VAL A 51 -6.86 -10.10 1.67
C VAL A 51 -8.03 -9.18 1.34
N LYS A 52 -8.86 -8.87 2.33
CA LYS A 52 -10.00 -7.99 2.07
C LYS A 52 -9.46 -6.57 1.86
N ILE A 53 -9.33 -6.20 0.59
CA ILE A 53 -8.79 -4.89 0.22
C ILE A 53 -9.85 -3.81 0.16
N GLU A 54 -9.80 -2.91 1.15
CA GLU A 54 -10.74 -1.78 1.20
C GLU A 54 -9.96 -0.50 0.88
N THR A 55 -10.35 0.18 -0.20
CA THR A 55 -9.65 1.40 -0.61
C THR A 55 -10.61 2.48 -1.06
N GLU A 56 -10.03 3.65 -1.36
CA GLU A 56 -10.81 4.82 -1.77
C GLU A 56 -11.77 5.22 -0.63
N ASP A 57 -11.42 4.81 0.60
CA ASP A 57 -12.22 5.15 1.78
C ASP A 57 -11.43 6.12 2.66
N GLY A 58 -10.54 6.90 2.03
CA GLY A 58 -9.70 7.86 2.74
C GLY A 58 -8.31 7.27 3.03
N ILE A 59 -8.01 6.10 2.44
CA ILE A 59 -6.72 5.44 2.67
C ILE A 59 -5.81 5.59 1.44
N GLN A 60 -4.73 6.34 1.63
CA GLN A 60 -3.72 6.56 0.59
C GLN A 60 -2.34 6.69 1.25
N THR A 61 -2.20 6.05 2.40
CA THR A 61 -0.99 6.10 3.19
C THR A 61 -0.52 4.71 3.54
N VAL A 62 0.79 4.51 3.54
CA VAL A 62 1.37 3.21 3.87
C VAL A 62 0.82 2.74 5.22
N GLN A 63 0.66 3.66 6.18
CA GLN A 63 0.11 3.29 7.49
C GLN A 63 -1.30 2.71 7.35
N ASP A 64 -2.20 3.38 6.60
CA ASP A 64 -3.56 2.88 6.42
C ASP A 64 -3.58 1.63 5.55
N LEU A 65 -2.77 1.64 4.50
CA LEU A 65 -2.68 0.52 3.57
C LEU A 65 -2.22 -0.74 4.30
N VAL A 66 -1.18 -0.57 5.13
CA VAL A 66 -0.62 -1.66 5.91
C VAL A 66 -1.61 -2.11 6.99
N THR A 67 -2.18 -1.13 7.69
CA THR A 67 -3.14 -1.43 8.76
C THR A 67 -4.33 -2.18 8.19
N TYR A 68 -4.82 -1.72 7.04
CA TYR A 68 -5.98 -2.33 6.40
C TYR A 68 -5.68 -3.75 5.91
N VAL A 69 -4.61 -3.90 5.11
CA VAL A 69 -4.27 -5.22 4.57
C VAL A 69 -3.95 -6.17 5.71
N GLU A 70 -3.13 -5.70 6.63
CA GLU A 70 -2.71 -6.50 7.78
C GLU A 70 -3.89 -6.84 8.70
N LYS A 71 -4.75 -5.85 8.97
CA LYS A 71 -5.90 -6.07 9.86
C LYS A 71 -6.86 -7.06 9.20
N GLN A 72 -7.13 -6.83 7.92
CA GLN A 72 -8.03 -7.68 7.15
C GLN A 72 -7.45 -9.08 6.98
N GLN A 73 -6.14 -9.19 6.75
CA GLN A 73 -5.50 -10.50 6.55
C GLN A 73 -5.55 -11.35 7.83
N ALA A 74 -5.75 -10.68 8.98
CA ALA A 74 -5.80 -11.36 10.27
C ALA A 74 -6.98 -12.32 10.31
N ASN A 75 -6.78 -13.47 10.95
CA ASN A 75 -7.83 -14.48 11.07
C ASN A 75 -7.91 -15.01 12.50
N MET A 1 5.44 -9.36 9.05
CA MET A 1 6.20 -8.49 8.12
C MET A 1 5.40 -8.26 6.83
N VAL A 2 4.08 -8.10 6.99
CA VAL A 2 3.22 -7.83 5.84
C VAL A 2 3.65 -6.50 5.23
N PHE A 3 3.86 -5.51 6.10
CA PHE A 3 4.28 -4.18 5.65
C PHE A 3 5.57 -4.27 4.85
N GLU A 4 6.40 -5.24 5.20
CA GLU A 4 7.65 -5.48 4.49
C GLU A 4 7.30 -5.83 3.04
N LYS A 5 6.18 -6.57 2.91
CA LYS A 5 5.70 -7.03 1.61
C LYS A 5 4.97 -5.94 0.85
N ILE A 6 4.07 -5.23 1.55
CA ILE A 6 3.33 -4.13 0.95
C ILE A 6 4.35 -3.10 0.46
N GLN A 7 5.36 -2.88 1.29
CA GLN A 7 6.45 -1.98 0.96
C GLN A 7 7.17 -2.53 -0.27
N ALA A 8 7.34 -3.86 -0.33
CA ALA A 8 8.00 -4.49 -1.47
C ALA A 8 7.21 -4.25 -2.74
N ILE A 9 5.88 -4.32 -2.64
CA ILE A 9 5.00 -4.10 -3.78
C ILE A 9 5.08 -2.64 -4.23
N ILE A 10 4.98 -1.71 -3.27
CA ILE A 10 5.02 -0.28 -3.57
C ILE A 10 6.39 0.13 -4.13
N VAL A 11 7.44 -0.33 -3.47
CA VAL A 11 8.80 -0.02 -3.85
C VAL A 11 9.09 -0.55 -5.26
N GLU A 12 8.73 -1.81 -5.51
CA GLU A 12 8.97 -2.42 -6.81
C GLU A 12 8.05 -1.85 -7.90
N GLU A 13 6.77 -1.74 -7.59
CA GLU A 13 5.77 -1.24 -8.54
C GLU A 13 6.03 0.23 -8.89
N LEU A 14 6.37 1.00 -7.88
CA LEU A 14 6.63 2.44 -8.05
C LEU A 14 8.08 2.68 -8.47
N GLY A 15 8.98 1.75 -8.11
CA GLY A 15 10.39 1.87 -8.44
C GLY A 15 11.04 2.94 -7.57
N LYS A 16 10.58 3.04 -6.31
CA LYS A 16 11.10 4.01 -5.36
C LYS A 16 12.01 3.30 -4.36
N ASP A 17 12.46 4.02 -3.32
CA ASP A 17 13.32 3.43 -2.29
C ASP A 17 12.50 3.03 -1.06
N ALA A 18 13.06 2.14 -0.25
CA ALA A 18 12.38 1.68 0.96
C ALA A 18 12.12 2.85 1.90
N GLU A 19 13.11 3.75 2.01
CA GLU A 19 12.98 4.92 2.87
C GLU A 19 11.88 5.87 2.38
N GLU A 20 11.65 5.87 1.06
CA GLU A 20 10.64 6.72 0.45
C GLU A 20 9.23 6.27 0.84
N VAL A 21 9.08 4.99 1.20
CA VAL A 21 7.77 4.47 1.64
C VAL A 21 7.68 4.60 3.16
N GLN A 22 6.82 5.49 3.62
CA GLN A 22 6.64 5.73 5.07
C GLN A 22 5.18 5.62 5.47
N LEU A 23 4.94 5.05 6.64
CA LEU A 23 3.59 4.87 7.17
C LEU A 23 2.89 6.22 7.38
N THR A 24 3.63 7.17 7.96
CA THR A 24 3.08 8.50 8.23
C THR A 24 2.90 9.32 6.94
N THR A 25 3.65 8.97 5.90
CA THR A 25 3.59 9.68 4.62
C THR A 25 2.45 9.16 3.74
N ASN A 26 1.76 10.09 3.07
CA ASN A 26 0.66 9.74 2.16
C ASN A 26 1.24 9.67 0.75
N ILE A 27 1.17 8.51 0.13
CA ILE A 27 1.73 8.28 -1.21
C ILE A 27 1.03 9.13 -2.29
N GLN A 28 -0.30 9.26 -2.22
CA GLN A 28 -1.02 10.02 -3.25
C GLN A 28 -0.54 11.47 -3.30
N GLU A 29 -0.12 12.01 -2.15
CA GLU A 29 0.37 13.39 -2.09
C GLU A 29 1.90 13.45 -2.16
N GLU A 30 2.55 12.50 -1.49
CA GLU A 30 4.00 12.44 -1.45
C GLU A 30 4.55 12.14 -2.83
N LEU A 31 4.00 11.11 -3.45
CA LEU A 31 4.43 10.69 -4.78
C LEU A 31 3.47 11.17 -5.88
N ASP A 32 2.45 11.98 -5.51
CA ASP A 32 1.49 12.47 -6.49
C ASP A 32 0.82 11.28 -7.19
N ALA A 33 0.44 10.29 -6.38
CA ALA A 33 -0.18 9.07 -6.90
C ALA A 33 -1.69 9.25 -7.10
N ASP A 34 -2.18 8.67 -8.18
CA ASP A 34 -3.60 8.73 -8.52
C ASP A 34 -4.31 7.46 -8.06
N SER A 35 -5.61 7.35 -8.40
CA SER A 35 -6.39 6.18 -8.02
C SER A 35 -5.78 4.90 -8.58
N LEU A 36 -5.28 4.98 -9.82
CA LEU A 36 -4.66 3.81 -10.46
C LEU A 36 -3.42 3.36 -9.70
N ASP A 37 -2.60 4.32 -9.25
CA ASP A 37 -1.37 3.97 -8.53
C ASP A 37 -1.69 3.18 -7.26
N LEU A 38 -2.66 3.68 -6.49
CA LEU A 38 -3.07 3.00 -5.25
C LEU A 38 -3.82 1.72 -5.58
N PHE A 39 -4.64 1.76 -6.62
CA PHE A 39 -5.42 0.62 -7.06
C PHE A 39 -4.48 -0.52 -7.43
N GLN A 40 -3.45 -0.21 -8.23
CA GLN A 40 -2.47 -1.20 -8.66
C GLN A 40 -1.69 -1.76 -7.49
N ILE A 41 -1.32 -0.91 -6.52
CA ILE A 41 -0.59 -1.36 -5.35
C ILE A 41 -1.48 -2.37 -4.60
N ILE A 42 -2.77 -2.06 -4.56
CA ILE A 42 -3.76 -2.91 -3.93
C ILE A 42 -3.94 -4.18 -4.77
N ASN A 43 -3.85 -4.04 -6.10
CA ASN A 43 -3.96 -5.20 -6.98
C ASN A 43 -2.76 -6.11 -6.72
N GLU A 44 -1.61 -5.47 -6.52
CA GLU A 44 -0.35 -6.17 -6.25
C GLU A 44 -0.39 -6.87 -4.90
N ILE A 45 -0.87 -6.17 -3.86
CA ILE A 45 -0.96 -6.82 -2.55
C ILE A 45 -2.08 -7.86 -2.59
N GLU A 46 -3.10 -7.60 -3.42
CA GLU A 46 -4.19 -8.54 -3.60
C GLU A 46 -3.63 -9.80 -4.27
N ASP A 47 -2.76 -9.61 -5.25
CA ASP A 47 -2.13 -10.74 -5.92
C ASP A 47 -1.15 -11.46 -4.98
N GLU A 48 -0.47 -10.68 -4.14
CA GLU A 48 0.54 -11.22 -3.22
C GLU A 48 -0.10 -11.95 -2.02
N PHE A 49 -0.84 -11.21 -1.20
CA PHE A 49 -1.48 -11.78 0.00
C PHE A 49 -2.95 -12.15 -0.24
N ASP A 50 -3.56 -11.53 -1.26
CA ASP A 50 -4.99 -11.73 -1.55
C ASP A 50 -5.79 -11.63 -0.26
N VAL A 51 -5.82 -10.39 0.23
CA VAL A 51 -6.50 -10.03 1.47
C VAL A 51 -7.54 -8.95 1.18
N LYS A 52 -8.16 -8.40 2.22
CA LYS A 52 -9.20 -7.38 1.99
C LYS A 52 -8.72 -5.96 2.34
N ILE A 53 -8.33 -5.20 1.32
CA ILE A 53 -7.90 -3.83 1.52
C ILE A 53 -8.97 -2.90 0.95
N GLU A 54 -9.74 -2.28 1.85
CA GLU A 54 -10.80 -1.37 1.45
C GLU A 54 -10.19 0.00 1.16
N THR A 55 -9.98 0.29 -0.12
CA THR A 55 -9.38 1.56 -0.54
C THR A 55 -10.42 2.54 -1.03
N GLU A 56 -9.96 3.74 -1.36
CA GLU A 56 -10.85 4.81 -1.82
C GLU A 56 -11.87 5.14 -0.71
N ASP A 57 -11.53 4.78 0.53
CA ASP A 57 -12.39 5.06 1.68
C ASP A 57 -11.70 6.09 2.59
N GLY A 58 -10.87 6.94 1.98
CA GLY A 58 -10.13 7.95 2.72
C GLY A 58 -8.72 7.48 3.06
N ILE A 59 -8.28 6.36 2.45
CA ILE A 59 -6.95 5.81 2.71
C ILE A 59 -6.06 5.90 1.47
N GLN A 60 -4.92 6.56 1.66
CA GLN A 60 -3.91 6.74 0.60
C GLN A 60 -2.54 6.89 1.26
N THR A 61 -2.36 6.16 2.35
CA THR A 61 -1.14 6.20 3.13
C THR A 61 -0.68 4.79 3.43
N VAL A 62 0.64 4.60 3.49
CA VAL A 62 1.20 3.30 3.78
C VAL A 62 0.62 2.80 5.12
N GLN A 63 0.44 3.71 6.09
CA GLN A 63 -0.11 3.32 7.38
C GLN A 63 -1.52 2.71 7.20
N ASP A 64 -2.42 3.38 6.47
CA ASP A 64 -3.77 2.84 6.29
C ASP A 64 -3.77 1.62 5.38
N LEU A 65 -2.98 1.67 4.31
CA LEU A 65 -2.90 0.56 3.37
C LEU A 65 -2.42 -0.69 4.10
N VAL A 66 -1.35 -0.52 4.87
CA VAL A 66 -0.76 -1.60 5.66
C VAL A 66 -1.70 -2.04 6.77
N THR A 67 -2.31 -1.08 7.47
CA THR A 67 -3.22 -1.39 8.57
C THR A 67 -4.40 -2.19 8.04
N TYR A 68 -4.93 -1.77 6.88
CA TYR A 68 -6.07 -2.45 6.28
C TYR A 68 -5.71 -3.87 5.85
N VAL A 69 -4.63 -4.03 5.08
CA VAL A 69 -4.22 -5.36 4.63
C VAL A 69 -3.87 -6.22 5.83
N GLU A 70 -3.09 -5.65 6.73
CA GLU A 70 -2.62 -6.36 7.91
C GLU A 70 -3.79 -6.74 8.83
N LYS A 71 -4.73 -5.83 9.01
CA LYS A 71 -5.89 -6.08 9.87
C LYS A 71 -6.82 -7.11 9.26
N GLN A 72 -7.12 -6.93 7.96
CA GLN A 72 -8.03 -7.84 7.26
C GLN A 72 -7.38 -9.21 7.03
N GLN A 73 -6.10 -9.19 6.70
CA GLN A 73 -5.33 -10.42 6.47
C GLN A 73 -5.22 -11.20 7.78
N ALA A 74 -5.07 -10.47 8.88
CA ALA A 74 -4.95 -11.07 10.20
C ALA A 74 -6.21 -11.84 10.56
N ASN A 75 -6.03 -12.98 11.23
CA ASN A 75 -7.14 -13.83 11.64
C ASN A 75 -7.39 -13.72 13.14
N MET A 1 5.72 -8.96 8.91
CA MET A 1 6.47 -8.42 7.73
C MET A 1 5.50 -8.09 6.59
N VAL A 2 4.22 -7.91 6.93
CA VAL A 2 3.21 -7.56 5.92
C VAL A 2 3.61 -6.22 5.31
N PHE A 3 4.05 -5.33 6.18
CA PHE A 3 4.50 -3.99 5.79
C PHE A 3 5.67 -4.11 4.83
N GLU A 4 6.61 -4.99 5.17
CA GLU A 4 7.78 -5.21 4.33
C GLU A 4 7.34 -5.68 2.94
N LYS A 5 6.25 -6.45 2.91
CA LYS A 5 5.72 -6.99 1.65
C LYS A 5 5.01 -5.91 0.85
N ILE A 6 4.14 -5.17 1.53
CA ILE A 6 3.41 -4.06 0.92
C ILE A 6 4.43 -3.05 0.40
N GLN A 7 5.48 -2.87 1.21
CA GLN A 7 6.59 -2.01 0.86
C GLN A 7 7.25 -2.58 -0.40
N ALA A 8 7.33 -3.91 -0.48
CA ALA A 8 7.91 -4.59 -1.64
C ALA A 8 7.10 -4.26 -2.89
N ILE A 9 5.77 -4.28 -2.73
CA ILE A 9 4.84 -3.99 -3.83
C ILE A 9 4.94 -2.51 -4.25
N ILE A 10 4.98 -1.61 -3.27
CA ILE A 10 5.05 -0.17 -3.54
C ILE A 10 6.41 0.18 -4.16
N VAL A 11 7.46 -0.40 -3.59
CA VAL A 11 8.82 -0.19 -4.04
C VAL A 11 9.04 -0.76 -5.44
N GLU A 12 8.49 -1.95 -5.71
CA GLU A 12 8.67 -2.56 -7.02
C GLU A 12 7.75 -1.91 -8.07
N GLU A 13 6.52 -1.60 -7.65
CA GLU A 13 5.54 -0.99 -8.55
C GLU A 13 5.92 0.45 -8.90
N LEU A 14 6.37 1.20 -7.89
CA LEU A 14 6.75 2.60 -8.09
C LEU A 14 8.25 2.74 -8.40
N GLY A 15 9.03 1.70 -8.06
CA GLY A 15 10.48 1.73 -8.30
C GLY A 15 11.22 2.62 -7.30
N LYS A 16 10.58 2.90 -6.15
CA LYS A 16 11.19 3.74 -5.11
C LYS A 16 12.03 2.87 -4.17
N ASP A 17 12.57 3.49 -3.11
CA ASP A 17 13.37 2.76 -2.13
C ASP A 17 12.53 2.38 -0.91
N ALA A 18 12.99 1.38 -0.16
CA ALA A 18 12.28 0.94 1.04
C ALA A 18 12.18 2.10 2.03
N GLU A 19 13.28 2.85 2.16
CA GLU A 19 13.32 4.00 3.05
C GLU A 19 12.36 5.11 2.58
N GLU A 20 12.07 5.11 1.27
CA GLU A 20 11.18 6.11 0.68
C GLU A 20 9.74 5.90 1.15
N VAL A 21 9.37 4.64 1.46
CA VAL A 21 8.01 4.34 1.93
C VAL A 21 7.91 4.68 3.41
N GLN A 22 7.02 5.62 3.74
CA GLN A 22 6.81 6.04 5.12
C GLN A 22 5.35 5.92 5.52
N LEU A 23 5.12 5.35 6.71
CA LEU A 23 3.78 5.14 7.22
C LEU A 23 3.04 6.46 7.43
N THR A 24 3.74 7.45 7.97
CA THR A 24 3.15 8.77 8.24
C THR A 24 2.99 9.62 6.98
N THR A 25 3.69 9.25 5.91
CA THR A 25 3.64 10.00 4.66
C THR A 25 2.44 9.56 3.80
N ASN A 26 1.83 10.52 3.12
CA ASN A 26 0.70 10.25 2.23
C ASN A 26 1.26 10.10 0.83
N ILE A 27 1.10 8.93 0.23
CA ILE A 27 1.63 8.65 -1.11
C ILE A 27 0.89 9.40 -2.21
N GLN A 28 -0.44 9.51 -2.09
CA GLN A 28 -1.21 10.20 -3.12
C GLN A 28 -0.80 11.67 -3.23
N GLU A 29 -0.34 12.25 -2.11
CA GLU A 29 0.10 13.65 -2.09
C GLU A 29 1.61 13.77 -2.22
N GLU A 30 2.33 12.86 -1.55
CA GLU A 30 3.79 12.87 -1.58
C GLU A 30 4.31 12.51 -2.97
N LEU A 31 3.69 11.50 -3.57
CA LEU A 31 4.08 11.04 -4.90
C LEU A 31 3.06 11.46 -5.97
N ASP A 32 2.03 12.22 -5.58
CA ASP A 32 1.00 12.64 -6.54
C ASP A 32 0.39 11.39 -7.19
N ALA A 33 0.07 10.41 -6.35
CA ALA A 33 -0.48 9.15 -6.82
C ALA A 33 -1.99 9.22 -7.00
N ASP A 34 -2.44 8.79 -8.18
CA ASP A 34 -3.85 8.77 -8.50
C ASP A 34 -4.49 7.43 -8.07
N SER A 35 -5.77 7.26 -8.37
CA SER A 35 -6.48 6.05 -8.00
C SER A 35 -5.87 4.81 -8.64
N LEU A 36 -5.32 4.97 -9.86
CA LEU A 36 -4.70 3.86 -10.57
C LEU A 36 -3.48 3.31 -9.85
N ASP A 37 -2.60 4.21 -9.40
CA ASP A 37 -1.38 3.81 -8.71
C ASP A 37 -1.71 3.07 -7.42
N LEU A 38 -2.68 3.61 -6.69
CA LEU A 38 -3.13 2.99 -5.44
C LEU A 38 -3.84 1.68 -5.72
N PHE A 39 -4.63 1.70 -6.78
CA PHE A 39 -5.38 0.53 -7.22
C PHE A 39 -4.41 -0.60 -7.55
N GLN A 40 -3.36 -0.27 -8.31
CA GLN A 40 -2.37 -1.26 -8.70
C GLN A 40 -1.59 -1.80 -7.51
N ILE A 41 -1.23 -0.93 -6.57
CA ILE A 41 -0.50 -1.37 -5.37
C ILE A 41 -1.38 -2.36 -4.61
N ILE A 42 -2.67 -2.04 -4.56
CA ILE A 42 -3.66 -2.88 -3.90
C ILE A 42 -3.89 -4.15 -4.73
N ASN A 43 -3.79 -4.04 -6.05
CA ASN A 43 -3.95 -5.23 -6.91
C ASN A 43 -2.76 -6.14 -6.67
N GLU A 44 -1.59 -5.51 -6.49
CA GLU A 44 -0.34 -6.20 -6.24
C GLU A 44 -0.35 -6.87 -4.88
N ILE A 45 -0.82 -6.16 -3.84
CA ILE A 45 -0.90 -6.78 -2.53
C ILE A 45 -2.03 -7.82 -2.55
N GLU A 46 -3.05 -7.56 -3.36
CA GLU A 46 -4.16 -8.50 -3.52
C GLU A 46 -3.60 -9.78 -4.16
N ASP A 47 -2.72 -9.61 -5.13
CA ASP A 47 -2.10 -10.75 -5.79
C ASP A 47 -1.12 -11.45 -4.85
N GLU A 48 -0.44 -10.66 -4.01
CA GLU A 48 0.56 -11.20 -3.07
C GLU A 48 -0.08 -11.89 -1.86
N PHE A 49 -0.80 -11.11 -1.03
CA PHE A 49 -1.45 -11.64 0.18
C PHE A 49 -2.91 -12.04 -0.07
N ASP A 50 -3.53 -11.46 -1.10
CA ASP A 50 -4.95 -11.71 -1.40
C ASP A 50 -5.77 -11.63 -0.12
N VAL A 51 -5.95 -10.39 0.32
CA VAL A 51 -6.67 -10.08 1.55
C VAL A 51 -7.83 -9.14 1.23
N LYS A 52 -8.67 -8.86 2.23
CA LYS A 52 -9.79 -7.96 2.00
C LYS A 52 -9.26 -6.56 1.83
N ILE A 53 -9.11 -6.15 0.58
CA ILE A 53 -8.56 -4.83 0.24
C ILE A 53 -9.63 -3.74 0.17
N GLU A 54 -9.63 -2.87 1.18
CA GLU A 54 -10.55 -1.75 1.23
C GLU A 54 -9.76 -0.47 1.02
N THR A 55 -10.08 0.26 -0.05
CA THR A 55 -9.38 1.51 -0.37
C THR A 55 -10.30 2.53 -1.00
N GLU A 56 -9.75 3.70 -1.30
CA GLU A 56 -10.52 4.81 -1.89
C GLU A 56 -11.62 5.28 -0.94
N ASP A 57 -11.44 4.98 0.35
CA ASP A 57 -12.40 5.39 1.37
C ASP A 57 -11.78 6.46 2.28
N GLY A 58 -10.75 7.14 1.77
CA GLY A 58 -10.03 8.15 2.54
C GLY A 58 -8.65 7.63 2.99
N ILE A 59 -8.35 6.37 2.63
CA ILE A 59 -7.08 5.74 3.00
C ILE A 59 -6.16 5.56 1.79
N GLN A 60 -5.04 6.27 1.84
CA GLN A 60 -4.02 6.23 0.78
C GLN A 60 -2.63 6.03 1.41
N THR A 61 -2.48 6.64 2.58
CA THR A 61 -1.26 6.58 3.36
C THR A 61 -0.84 5.15 3.61
N VAL A 62 0.48 4.92 3.60
CA VAL A 62 1.04 3.60 3.82
C VAL A 62 0.55 3.06 5.16
N GLN A 63 0.43 3.94 6.17
CA GLN A 63 -0.06 3.51 7.48
C GLN A 63 -1.45 2.89 7.35
N ASP A 64 -2.38 3.56 6.65
CA ASP A 64 -3.73 3.02 6.49
C ASP A 64 -3.74 1.79 5.59
N LEU A 65 -2.96 1.83 4.51
CA LEU A 65 -2.88 0.71 3.56
C LEU A 65 -2.35 -0.55 4.26
N VAL A 66 -1.22 -0.41 4.94
CA VAL A 66 -0.60 -1.53 5.63
C VAL A 66 -1.48 -2.01 6.78
N THR A 67 -2.04 -1.06 7.53
CA THR A 67 -2.91 -1.40 8.65
C THR A 67 -4.13 -2.14 8.13
N TYR A 68 -4.68 -1.69 7.00
CA TYR A 68 -5.87 -2.31 6.42
C TYR A 68 -5.56 -3.72 5.88
N VAL A 69 -4.51 -3.83 5.05
CA VAL A 69 -4.16 -5.14 4.49
C VAL A 69 -3.80 -6.10 5.62
N GLU A 70 -2.96 -5.62 6.51
CA GLU A 70 -2.49 -6.41 7.64
C GLU A 70 -3.63 -6.79 8.59
N LYS A 71 -4.50 -5.82 8.89
CA LYS A 71 -5.63 -6.07 9.79
C LYS A 71 -6.59 -7.07 9.16
N GLN A 72 -6.88 -6.84 7.88
CA GLN A 72 -7.78 -7.71 7.14
C GLN A 72 -7.18 -9.11 6.95
N GLN A 73 -5.87 -9.18 6.68
CA GLN A 73 -5.20 -10.47 6.48
C GLN A 73 -5.17 -11.30 7.78
N ALA A 74 -5.36 -10.63 8.92
CA ALA A 74 -5.34 -11.29 10.22
C ALA A 74 -6.47 -12.31 10.31
N ASN A 75 -6.18 -13.45 10.96
CA ASN A 75 -7.16 -14.52 11.13
C ASN A 75 -7.67 -15.01 9.77
N MET A 1 6.33 -7.58 8.98
CA MET A 1 6.46 -8.62 7.91
C MET A 1 5.50 -8.29 6.77
N VAL A 2 4.25 -8.01 7.13
CA VAL A 2 3.24 -7.67 6.11
C VAL A 2 3.65 -6.37 5.43
N PHE A 3 3.99 -5.37 6.24
CA PHE A 3 4.41 -4.08 5.72
C PHE A 3 5.66 -4.23 4.86
N GLU A 4 6.47 -5.22 5.20
CA GLU A 4 7.67 -5.51 4.43
C GLU A 4 7.25 -5.92 3.01
N LYS A 5 6.10 -6.59 2.94
CA LYS A 5 5.55 -7.09 1.67
C LYS A 5 4.82 -5.99 0.92
N ILE A 6 3.96 -5.26 1.63
CA ILE A 6 3.21 -4.16 1.03
C ILE A 6 4.22 -3.13 0.51
N GLN A 7 5.26 -2.91 1.33
CA GLN A 7 6.34 -2.03 0.96
C GLN A 7 7.05 -2.60 -0.27
N ALA A 8 7.18 -3.94 -0.29
CA ALA A 8 7.82 -4.62 -1.44
C ALA A 8 7.03 -4.35 -2.71
N ILE A 9 5.70 -4.36 -2.57
CA ILE A 9 4.78 -4.14 -3.70
C ILE A 9 4.84 -2.66 -4.14
N ILE A 10 4.81 -1.75 -3.16
CA ILE A 10 4.82 -0.31 -3.46
C ILE A 10 6.18 0.11 -4.04
N VAL A 11 7.25 -0.39 -3.45
CA VAL A 11 8.61 -0.09 -3.88
C VAL A 11 8.83 -0.58 -5.30
N GLU A 12 8.37 -1.79 -5.59
CA GLU A 12 8.54 -2.37 -6.93
C GLU A 12 7.56 -1.75 -7.94
N GLU A 13 6.30 -1.67 -7.56
CA GLU A 13 5.24 -1.14 -8.44
C GLU A 13 5.48 0.34 -8.75
N LEU A 14 5.90 1.07 -7.74
CA LEU A 14 6.16 2.51 -7.87
C LEU A 14 7.60 2.78 -8.29
N GLY A 15 8.50 1.83 -7.97
CA GLY A 15 9.91 1.97 -8.31
C GLY A 15 10.56 3.07 -7.47
N LYS A 16 10.07 3.22 -6.23
CA LYS A 16 10.60 4.24 -5.32
C LYS A 16 11.60 3.59 -4.37
N ASP A 17 12.19 4.38 -3.46
CA ASP A 17 13.16 3.86 -2.51
C ASP A 17 12.49 3.56 -1.18
N ALA A 18 13.17 2.79 -0.34
CA ALA A 18 12.65 2.42 0.98
C ALA A 18 12.42 3.65 1.85
N GLU A 19 13.35 4.61 1.75
CA GLU A 19 13.25 5.85 2.53
C GLU A 19 12.02 6.68 2.12
N GLU A 20 11.67 6.62 0.83
CA GLU A 20 10.52 7.36 0.30
C GLU A 20 9.20 6.78 0.83
N VAL A 21 9.18 5.47 1.09
CA VAL A 21 7.98 4.80 1.60
C VAL A 21 7.97 4.76 3.12
N GLN A 22 6.95 5.39 3.71
CA GLN A 22 6.82 5.44 5.17
C GLN A 22 5.34 5.46 5.56
N LEU A 23 5.03 4.75 6.65
CA LEU A 23 3.65 4.65 7.13
C LEU A 23 3.07 6.04 7.39
N THR A 24 3.84 6.88 8.06
CA THR A 24 3.38 8.25 8.35
C THR A 24 3.15 9.03 7.06
N THR A 25 4.05 8.82 6.10
CA THR A 25 4.01 9.50 4.81
C THR A 25 2.83 9.01 3.94
N ASN A 26 2.16 9.96 3.28
CA ASN A 26 1.05 9.65 2.39
C ASN A 26 1.58 9.61 0.97
N ILE A 27 1.45 8.46 0.31
CA ILE A 27 1.95 8.27 -1.06
C ILE A 27 1.21 9.14 -2.09
N GLN A 28 -0.11 9.27 -1.94
CA GLN A 28 -0.87 10.05 -2.91
C GLN A 28 -0.40 11.51 -2.96
N GLU A 29 0.09 12.01 -1.83
CA GLU A 29 0.59 13.39 -1.75
C GLU A 29 2.11 13.44 -1.88
N GLU A 30 2.78 12.49 -1.24
CA GLU A 30 4.25 12.42 -1.25
C GLU A 30 4.75 12.13 -2.66
N LEU A 31 4.15 11.12 -3.29
CA LEU A 31 4.54 10.72 -4.64
C LEU A 31 3.53 11.15 -5.70
N ASP A 32 2.53 11.95 -5.31
CA ASP A 32 1.51 12.41 -6.26
C ASP A 32 0.86 11.19 -6.93
N ALA A 33 0.43 10.24 -6.11
CA ALA A 33 -0.18 9.01 -6.60
C ALA A 33 -1.67 9.18 -6.87
N ASP A 34 -2.13 8.55 -7.94
CA ASP A 34 -3.53 8.61 -8.34
C ASP A 34 -4.24 7.32 -7.94
N SER A 35 -5.54 7.24 -8.26
CA SER A 35 -6.34 6.08 -7.92
C SER A 35 -5.79 4.82 -8.57
N LEU A 36 -5.31 4.94 -9.81
CA LEU A 36 -4.74 3.79 -10.53
C LEU A 36 -3.50 3.24 -9.84
N ASP A 37 -2.62 4.13 -9.38
CA ASP A 37 -1.38 3.72 -8.73
C ASP A 37 -1.70 2.94 -7.46
N LEU A 38 -2.66 3.45 -6.69
CA LEU A 38 -3.07 2.78 -5.45
C LEU A 38 -3.83 1.50 -5.79
N PHE A 39 -4.63 1.57 -6.83
CA PHE A 39 -5.41 0.45 -7.31
C PHE A 39 -4.46 -0.70 -7.64
N GLN A 40 -3.38 -0.38 -8.36
CA GLN A 40 -2.38 -1.38 -8.73
C GLN A 40 -1.64 -1.92 -7.51
N ILE A 41 -1.31 -1.05 -6.56
CA ILE A 41 -0.62 -1.48 -5.34
C ILE A 41 -1.52 -2.48 -4.62
N ILE A 42 -2.80 -2.15 -4.58
CA ILE A 42 -3.80 -3.01 -3.95
C ILE A 42 -3.96 -4.28 -4.78
N ASN A 43 -3.85 -4.17 -6.11
CA ASN A 43 -3.94 -5.35 -6.96
C ASN A 43 -2.75 -6.25 -6.68
N GLU A 44 -1.59 -5.61 -6.46
CA GLU A 44 -0.35 -6.30 -6.18
C GLU A 44 -0.38 -6.98 -4.82
N ILE A 45 -0.88 -6.27 -3.78
CA ILE A 45 -0.98 -6.90 -2.47
C ILE A 45 -2.09 -7.94 -2.51
N GLU A 46 -3.12 -7.66 -3.32
CA GLU A 46 -4.23 -8.60 -3.50
C GLU A 46 -3.66 -9.87 -4.15
N ASP A 47 -2.80 -9.69 -5.12
CA ASP A 47 -2.18 -10.83 -5.79
C ASP A 47 -1.19 -11.54 -4.85
N GLU A 48 -0.55 -10.76 -3.97
CA GLU A 48 0.44 -11.32 -3.04
C GLU A 48 -0.22 -12.01 -1.82
N PHE A 49 -0.92 -11.23 -0.99
CA PHE A 49 -1.59 -11.76 0.21
C PHE A 49 -3.05 -12.14 -0.04
N ASP A 50 -3.66 -11.56 -1.09
CA ASP A 50 -5.07 -11.79 -1.40
C ASP A 50 -5.91 -11.67 -0.13
N VAL A 51 -6.01 -10.42 0.31
CA VAL A 51 -6.74 -10.05 1.53
C VAL A 51 -7.72 -8.92 1.19
N LYS A 52 -8.56 -8.53 2.14
CA LYS A 52 -9.51 -7.44 1.89
C LYS A 52 -8.79 -6.11 2.04
N ILE A 53 -8.65 -5.39 0.91
CA ILE A 53 -7.98 -4.08 0.92
C ILE A 53 -8.96 -3.00 0.47
N GLU A 54 -9.67 -2.42 1.44
CA GLU A 54 -10.60 -1.35 1.14
C GLU A 54 -9.81 -0.17 0.58
N THR A 55 -10.28 0.38 -0.54
CA THR A 55 -9.57 1.49 -1.20
C THR A 55 -10.51 2.60 -1.64
N GLU A 56 -9.95 3.79 -1.77
CA GLU A 56 -10.71 4.98 -2.16
C GLU A 56 -11.71 5.36 -1.06
N ASP A 57 -11.43 4.93 0.17
CA ASP A 57 -12.27 5.24 1.33
C ASP A 57 -11.52 6.20 2.26
N GLY A 58 -10.52 6.91 1.70
CA GLY A 58 -9.69 7.82 2.48
C GLY A 58 -8.32 7.20 2.75
N ILE A 59 -8.15 5.91 2.39
CA ILE A 59 -6.89 5.20 2.61
C ILE A 59 -5.97 5.30 1.39
N GLN A 60 -4.81 5.91 1.61
CA GLN A 60 -3.79 6.08 0.57
C GLN A 60 -2.40 5.89 1.18
N THR A 61 -2.26 6.41 2.39
CA THR A 61 -1.03 6.37 3.15
C THR A 61 -0.62 4.94 3.47
N VAL A 62 0.69 4.72 3.47
CA VAL A 62 1.25 3.42 3.76
C VAL A 62 0.71 2.91 5.11
N GLN A 63 0.57 3.82 6.09
CA GLN A 63 0.05 3.41 7.39
C GLN A 63 -1.35 2.80 7.23
N ASP A 64 -2.25 3.50 6.50
CA ASP A 64 -3.61 2.99 6.31
C ASP A 64 -3.61 1.72 5.46
N LEU A 65 -2.82 1.73 4.38
CA LEU A 65 -2.73 0.58 3.48
C LEU A 65 -2.22 -0.66 4.22
N VAL A 66 -1.16 -0.46 5.01
CA VAL A 66 -0.57 -1.52 5.79
C VAL A 66 -1.53 -1.99 6.88
N THR A 67 -2.13 -1.03 7.58
CA THR A 67 -3.06 -1.33 8.65
C THR A 67 -4.27 -2.09 8.11
N TYR A 68 -4.76 -1.66 6.95
CA TYR A 68 -5.92 -2.29 6.34
C TYR A 68 -5.60 -3.70 5.84
N VAL A 69 -4.53 -3.84 5.05
CA VAL A 69 -4.15 -5.16 4.52
C VAL A 69 -3.84 -6.09 5.67
N GLU A 70 -3.04 -5.60 6.60
CA GLU A 70 -2.62 -6.39 7.76
C GLU A 70 -3.81 -6.74 8.66
N LYS A 71 -4.68 -5.76 8.92
CA LYS A 71 -5.83 -5.99 9.79
C LYS A 71 -6.78 -6.99 9.13
N GLN A 72 -7.05 -6.76 7.85
CA GLN A 72 -7.95 -7.61 7.09
C GLN A 72 -7.36 -9.01 6.90
N GLN A 73 -6.04 -9.10 6.67
CA GLN A 73 -5.40 -10.40 6.46
C GLN A 73 -5.43 -11.26 7.75
N ALA A 74 -5.62 -10.59 8.89
CA ALA A 74 -5.67 -11.27 10.18
C ALA A 74 -6.86 -12.23 10.24
N ASN A 75 -6.65 -13.37 10.87
CA ASN A 75 -7.71 -14.39 11.00
C ASN A 75 -8.57 -14.11 12.24
N MET A 1 6.14 -7.97 9.03
CA MET A 1 6.49 -8.84 7.87
C MET A 1 5.59 -8.49 6.68
N VAL A 2 4.32 -8.24 6.97
CA VAL A 2 3.37 -7.89 5.92
C VAL A 2 3.81 -6.58 5.28
N PHE A 3 4.11 -5.60 6.13
CA PHE A 3 4.54 -4.30 5.66
C PHE A 3 5.80 -4.43 4.80
N GLU A 4 6.60 -5.45 5.10
CA GLU A 4 7.79 -5.71 4.33
C GLU A 4 7.38 -6.06 2.89
N LYS A 5 6.23 -6.73 2.78
CA LYS A 5 5.69 -7.17 1.50
C LYS A 5 4.97 -6.04 0.79
N ILE A 6 4.12 -5.33 1.51
CA ILE A 6 3.40 -4.19 0.96
C ILE A 6 4.45 -3.17 0.48
N GLN A 7 5.49 -3.03 1.29
CA GLN A 7 6.61 -2.16 0.97
C GLN A 7 7.29 -2.68 -0.28
N ALA A 8 7.39 -4.02 -0.41
CA ALA A 8 8.02 -4.61 -1.60
C ALA A 8 7.23 -4.22 -2.85
N ILE A 9 5.90 -4.30 -2.72
CA ILE A 9 4.98 -3.94 -3.80
C ILE A 9 5.05 -2.44 -4.13
N ILE A 10 5.06 -1.60 -3.11
CA ILE A 10 5.10 -0.15 -3.29
C ILE A 10 6.47 0.27 -3.84
N VAL A 11 7.52 -0.34 -3.33
CA VAL A 11 8.88 -0.06 -3.76
C VAL A 11 9.04 -0.43 -5.24
N GLU A 12 8.51 -1.58 -5.63
CA GLU A 12 8.63 -2.03 -7.01
C GLU A 12 7.66 -1.29 -7.95
N GLU A 13 6.42 -1.11 -7.50
CA GLU A 13 5.40 -0.43 -8.30
C GLU A 13 5.69 1.07 -8.44
N LEU A 14 6.07 1.68 -7.32
CA LEU A 14 6.38 3.12 -7.28
C LEU A 14 7.80 3.39 -7.78
N GLY A 15 8.65 2.35 -7.73
CA GLY A 15 10.06 2.52 -8.13
C GLY A 15 10.78 3.39 -7.11
N LYS A 16 10.33 3.28 -5.86
CA LYS A 16 10.88 4.05 -4.76
C LYS A 16 11.56 3.13 -3.77
N ASP A 17 12.54 3.64 -3.04
CA ASP A 17 13.27 2.84 -2.06
C ASP A 17 12.41 2.56 -0.83
N ALA A 18 12.86 1.60 -0.02
CA ALA A 18 12.12 1.24 1.20
C ALA A 18 12.02 2.44 2.13
N GLU A 19 13.12 3.22 2.21
CA GLU A 19 13.14 4.41 3.05
C GLU A 19 12.19 5.49 2.50
N GLU A 20 12.03 5.49 1.16
CA GLU A 20 11.15 6.46 0.51
C GLU A 20 9.68 6.18 0.85
N VAL A 21 9.34 4.91 1.09
CA VAL A 21 7.97 4.54 1.44
C VAL A 21 7.86 4.55 2.97
N GLN A 22 7.04 5.47 3.49
CA GLN A 22 6.86 5.61 4.93
C GLN A 22 5.37 5.64 5.32
N LEU A 23 5.06 4.93 6.40
CA LEU A 23 3.70 4.85 6.91
C LEU A 23 3.12 6.24 7.15
N THR A 24 3.90 7.09 7.81
CA THR A 24 3.48 8.45 8.10
C THR A 24 3.24 9.22 6.79
N THR A 25 4.07 8.91 5.79
CA THR A 25 4.01 9.57 4.49
C THR A 25 2.79 9.12 3.66
N ASN A 26 2.11 10.08 3.04
CA ASN A 26 0.98 9.82 2.16
C ASN A 26 1.46 9.90 0.72
N ILE A 27 1.43 8.76 0.03
CA ILE A 27 1.90 8.67 -1.35
C ILE A 27 1.06 9.50 -2.34
N GLN A 28 -0.26 9.51 -2.16
CA GLN A 28 -1.12 10.25 -3.08
C GLN A 28 -0.78 11.75 -3.07
N GLU A 29 -0.31 12.26 -1.93
CA GLU A 29 0.06 13.68 -1.82
C GLU A 29 1.58 13.87 -1.97
N GLU A 30 2.33 12.93 -1.42
CA GLU A 30 3.80 12.99 -1.46
C GLU A 30 4.31 12.81 -2.87
N LEU A 31 3.72 11.86 -3.60
CA LEU A 31 4.13 11.58 -4.97
C LEU A 31 3.04 11.95 -5.99
N ASP A 32 1.94 12.60 -5.52
CA ASP A 32 0.86 12.97 -6.43
C ASP A 32 0.34 11.71 -7.13
N ALA A 33 0.05 10.69 -6.32
CA ALA A 33 -0.40 9.40 -6.85
C ALA A 33 -1.91 9.40 -7.11
N ASP A 34 -2.29 8.68 -8.17
CA ASP A 34 -3.68 8.56 -8.56
C ASP A 34 -4.28 7.26 -8.08
N SER A 35 -5.58 7.10 -8.31
CA SER A 35 -6.30 5.89 -7.89
C SER A 35 -5.70 4.65 -8.54
N LEU A 36 -5.12 4.80 -9.73
CA LEU A 36 -4.51 3.66 -10.44
C LEU A 36 -3.27 3.17 -9.68
N ASP A 37 -2.46 4.11 -9.20
CA ASP A 37 -1.24 3.74 -8.48
C ASP A 37 -1.59 2.93 -7.23
N LEU A 38 -2.58 3.41 -6.47
CA LEU A 38 -3.03 2.72 -5.28
C LEU A 38 -3.76 1.43 -5.65
N PHE A 39 -4.55 1.50 -6.71
CA PHE A 39 -5.32 0.37 -7.20
C PHE A 39 -4.36 -0.76 -7.55
N GLN A 40 -3.30 -0.44 -8.28
CA GLN A 40 -2.30 -1.43 -8.66
C GLN A 40 -1.55 -1.99 -7.45
N ILE A 41 -1.23 -1.14 -6.49
CA ILE A 41 -0.54 -1.59 -5.27
C ILE A 41 -1.48 -2.58 -4.56
N ILE A 42 -2.77 -2.25 -4.55
CA ILE A 42 -3.79 -3.10 -3.95
C ILE A 42 -3.93 -4.37 -4.79
N ASN A 43 -3.80 -4.26 -6.11
CA ASN A 43 -3.89 -5.43 -6.98
C ASN A 43 -2.71 -6.35 -6.70
N GLU A 44 -1.56 -5.72 -6.47
CA GLU A 44 -0.32 -6.42 -6.20
C GLU A 44 -0.36 -7.09 -4.84
N ILE A 45 -0.84 -6.38 -3.81
CA ILE A 45 -0.95 -7.00 -2.48
C ILE A 45 -2.08 -8.03 -2.54
N GLU A 46 -3.09 -7.76 -3.35
CA GLU A 46 -4.19 -8.69 -3.53
C GLU A 46 -3.63 -9.96 -4.18
N ASP A 47 -2.74 -9.79 -5.14
CA ASP A 47 -2.11 -10.93 -5.81
C ASP A 47 -1.13 -11.63 -4.87
N GLU A 48 -0.47 -10.85 -4.00
CA GLU A 48 0.52 -11.39 -3.07
C GLU A 48 -0.13 -12.06 -1.84
N PHE A 49 -0.82 -11.26 -1.02
CA PHE A 49 -1.49 -11.76 0.20
C PHE A 49 -2.97 -12.08 -0.04
N ASP A 50 -3.57 -11.51 -1.09
CA ASP A 50 -4.99 -11.70 -1.38
C ASP A 50 -5.83 -11.51 -0.11
N VAL A 51 -5.96 -10.24 0.27
CA VAL A 51 -6.68 -9.83 1.47
C VAL A 51 -7.76 -8.83 1.09
N LYS A 52 -8.76 -8.64 1.97
CA LYS A 52 -9.83 -7.69 1.68
C LYS A 52 -9.38 -6.27 2.06
N ILE A 53 -9.40 -5.37 1.08
CA ILE A 53 -8.94 -3.99 1.33
C ILE A 53 -10.00 -2.97 0.98
N GLU A 54 -10.42 -2.20 1.99
CA GLU A 54 -11.40 -1.13 1.76
C GLU A 54 -10.65 0.07 1.17
N THR A 55 -10.55 0.07 -0.16
CA THR A 55 -9.82 1.13 -0.87
C THR A 55 -10.73 2.26 -1.32
N GLU A 56 -10.12 3.42 -1.53
CA GLU A 56 -10.86 4.62 -1.93
C GLU A 56 -11.86 5.01 -0.83
N ASP A 57 -11.57 4.58 0.40
CA ASP A 57 -12.42 4.90 1.55
C ASP A 57 -11.68 5.85 2.49
N GLY A 58 -10.71 6.58 1.94
CA GLY A 58 -9.90 7.51 2.72
C GLY A 58 -8.48 6.97 2.94
N ILE A 59 -8.14 5.85 2.26
CA ILE A 59 -6.82 5.25 2.43
C ILE A 59 -5.96 5.40 1.16
N GLN A 60 -4.74 5.85 1.38
CA GLN A 60 -3.74 6.05 0.32
C GLN A 60 -2.34 5.91 0.94
N THR A 61 -2.22 6.46 2.14
CA THR A 61 -1.00 6.45 2.91
C THR A 61 -0.56 5.03 3.23
N VAL A 62 0.76 4.84 3.26
CA VAL A 62 1.35 3.54 3.55
C VAL A 62 0.84 3.05 4.90
N GLN A 63 0.68 3.95 5.88
CA GLN A 63 0.18 3.53 7.20
C GLN A 63 -1.20 2.87 7.05
N ASP A 64 -2.11 3.53 6.31
CA ASP A 64 -3.45 2.99 6.11
C ASP A 64 -3.40 1.73 5.25
N LEU A 65 -2.55 1.76 4.22
CA LEU A 65 -2.41 0.62 3.31
C LEU A 65 -1.92 -0.62 4.05
N VAL A 66 -0.92 -0.42 4.90
CA VAL A 66 -0.33 -1.50 5.70
C VAL A 66 -1.30 -1.96 6.79
N THR A 67 -1.88 -0.98 7.49
CA THR A 67 -2.81 -1.27 8.58
C THR A 67 -4.02 -2.01 8.05
N TYR A 68 -4.53 -1.58 6.90
CA TYR A 68 -5.72 -2.19 6.31
C TYR A 68 -5.42 -3.61 5.81
N VAL A 69 -4.35 -3.77 5.01
CA VAL A 69 -4.01 -5.10 4.48
C VAL A 69 -3.75 -6.04 5.64
N GLU A 70 -2.93 -5.58 6.57
CA GLU A 70 -2.55 -6.36 7.73
C GLU A 70 -3.72 -6.66 8.66
N LYS A 71 -4.55 -5.64 8.93
CA LYS A 71 -5.69 -5.82 9.83
C LYS A 71 -6.72 -6.76 9.20
N GLN A 72 -7.02 -6.50 7.93
CA GLN A 72 -7.98 -7.30 7.19
C GLN A 72 -7.48 -8.72 6.97
N GLN A 73 -6.19 -8.88 6.70
CA GLN A 73 -5.64 -10.23 6.46
C GLN A 73 -5.72 -11.10 7.72
N ALA A 74 -5.81 -10.44 8.88
CA ALA A 74 -5.90 -11.13 10.16
C ALA A 74 -7.19 -11.92 10.25
N ASN A 75 -7.13 -13.09 10.89
CA ASN A 75 -8.31 -13.95 11.06
C ASN A 75 -9.42 -13.19 11.78
N MET A 1 5.98 -7.65 9.27
CA MET A 1 6.38 -8.57 8.16
C MET A 1 5.50 -8.30 6.95
N VAL A 2 4.21 -8.07 7.19
CA VAL A 2 3.28 -7.78 6.10
C VAL A 2 3.72 -6.48 5.42
N PHE A 3 3.98 -5.47 6.24
CA PHE A 3 4.40 -4.17 5.74
C PHE A 3 5.66 -4.31 4.91
N GLU A 4 6.48 -5.30 5.25
CA GLU A 4 7.70 -5.56 4.50
C GLU A 4 7.31 -5.94 3.08
N LYS A 5 6.17 -6.64 2.97
CA LYS A 5 5.65 -7.12 1.71
C LYS A 5 4.92 -6.02 0.95
N ILE A 6 4.02 -5.31 1.64
CA ILE A 6 3.28 -4.21 1.03
C ILE A 6 4.29 -3.18 0.54
N GLN A 7 5.31 -2.95 1.37
CA GLN A 7 6.40 -2.06 1.03
C GLN A 7 7.11 -2.63 -0.21
N ALA A 8 7.24 -3.96 -0.26
CA ALA A 8 7.89 -4.62 -1.39
C ALA A 8 7.11 -4.33 -2.67
N ILE A 9 5.78 -4.41 -2.57
CA ILE A 9 4.89 -4.14 -3.71
C ILE A 9 5.00 -2.67 -4.15
N ILE A 10 4.97 -1.76 -3.18
CA ILE A 10 5.03 -0.32 -3.46
C ILE A 10 6.40 0.05 -4.03
N VAL A 11 7.44 -0.48 -3.40
CA VAL A 11 8.81 -0.22 -3.80
C VAL A 11 9.07 -0.77 -5.20
N GLU A 12 8.61 -1.99 -5.48
CA GLU A 12 8.84 -2.60 -6.80
C GLU A 12 7.94 -1.98 -7.88
N GLU A 13 6.66 -1.77 -7.54
CA GLU A 13 5.69 -1.21 -8.48
C GLU A 13 6.02 0.25 -8.79
N LEU A 14 6.34 1.01 -7.75
CA LEU A 14 6.67 2.44 -7.90
C LEU A 14 8.14 2.62 -8.29
N GLY A 15 8.98 1.65 -7.91
CA GLY A 15 10.42 1.75 -8.21
C GLY A 15 11.06 2.83 -7.35
N LYS A 16 10.54 2.99 -6.12
CA LYS A 16 11.04 3.99 -5.20
C LYS A 16 12.08 3.35 -4.26
N ASP A 17 12.66 4.17 -3.37
CA ASP A 17 13.67 3.68 -2.42
C ASP A 17 13.04 3.35 -1.07
N ALA A 18 13.77 2.61 -0.25
CA ALA A 18 13.29 2.21 1.08
C ALA A 18 13.01 3.44 1.93
N GLU A 19 13.89 4.44 1.85
CA GLU A 19 13.72 5.67 2.62
C GLU A 19 12.52 6.48 2.12
N GLU A 20 12.23 6.37 0.82
CA GLU A 20 11.11 7.09 0.20
C GLU A 20 9.76 6.53 0.65
N VAL A 21 9.72 5.26 1.07
CA VAL A 21 8.47 4.64 1.53
C VAL A 21 8.35 4.80 3.05
N GLN A 22 7.53 5.78 3.46
CA GLN A 22 7.31 6.06 4.88
C GLN A 22 5.92 5.67 5.32
N LEU A 23 5.83 5.23 6.57
CA LEU A 23 4.58 4.78 7.16
C LEU A 23 3.57 5.92 7.31
N THR A 24 4.01 7.05 7.87
CA THR A 24 3.12 8.19 8.11
C THR A 24 2.91 9.04 6.86
N THR A 25 3.76 8.85 5.85
CA THR A 25 3.64 9.63 4.64
C THR A 25 2.50 9.13 3.76
N ASN A 26 1.71 10.08 3.27
CA ASN A 26 0.59 9.78 2.36
C ASN A 26 1.14 9.85 0.93
N ILE A 27 1.12 8.71 0.25
CA ILE A 27 1.66 8.59 -1.11
C ILE A 27 0.87 9.42 -2.14
N GLN A 28 -0.46 9.45 -2.03
CA GLN A 28 -1.25 10.20 -3.01
C GLN A 28 -0.87 11.68 -3.03
N GLU A 29 -0.45 12.21 -1.87
CA GLU A 29 -0.04 13.61 -1.77
C GLU A 29 1.47 13.76 -1.86
N GLU A 30 2.18 12.82 -1.24
CA GLU A 30 3.64 12.84 -1.22
C GLU A 30 4.19 12.65 -2.63
N LEU A 31 3.69 11.62 -3.32
CA LEU A 31 4.14 11.32 -4.66
C LEU A 31 3.12 11.71 -5.73
N ASP A 32 2.03 12.40 -5.33
CA ASP A 32 1.00 12.80 -6.29
C ASP A 32 0.46 11.55 -7.00
N ALA A 33 0.11 10.54 -6.19
CA ALA A 33 -0.39 9.28 -6.73
C ALA A 33 -1.89 9.34 -7.03
N ASP A 34 -2.26 8.71 -8.14
CA ASP A 34 -3.66 8.67 -8.57
C ASP A 34 -4.32 7.39 -8.09
N SER A 35 -5.62 7.28 -8.36
CA SER A 35 -6.39 6.11 -7.96
C SER A 35 -5.83 4.84 -8.61
N LEU A 36 -5.22 4.99 -9.80
CA LEU A 36 -4.66 3.84 -10.51
C LEU A 36 -3.49 3.24 -9.73
N ASP A 37 -2.60 4.10 -9.23
CA ASP A 37 -1.44 3.63 -8.48
C ASP A 37 -1.88 2.90 -7.23
N LEU A 38 -2.85 3.48 -6.53
CA LEU A 38 -3.38 2.86 -5.31
C LEU A 38 -4.11 1.57 -5.66
N PHE A 39 -4.84 1.61 -6.76
CA PHE A 39 -5.60 0.47 -7.25
C PHE A 39 -4.65 -0.69 -7.58
N GLN A 40 -3.56 -0.38 -8.29
CA GLN A 40 -2.58 -1.39 -8.69
C GLN A 40 -1.80 -1.94 -7.50
N ILE A 41 -1.44 -1.06 -6.57
CA ILE A 41 -0.70 -1.49 -5.37
C ILE A 41 -1.58 -2.46 -4.58
N ILE A 42 -2.87 -2.14 -4.54
CA ILE A 42 -3.85 -2.98 -3.87
C ILE A 42 -4.05 -4.26 -4.69
N ASN A 43 -3.97 -4.15 -6.02
CA ASN A 43 -4.09 -5.33 -6.87
C ASN A 43 -2.89 -6.24 -6.61
N GLU A 44 -1.73 -5.61 -6.43
CA GLU A 44 -0.48 -6.31 -6.16
C GLU A 44 -0.51 -6.98 -4.80
N ILE A 45 -0.97 -6.26 -3.76
CA ILE A 45 -1.07 -6.88 -2.45
C ILE A 45 -2.20 -7.91 -2.47
N GLU A 46 -3.21 -7.65 -3.32
CA GLU A 46 -4.32 -8.57 -3.49
C GLU A 46 -3.77 -9.85 -4.15
N ASP A 47 -2.88 -9.69 -5.11
CA ASP A 47 -2.27 -10.83 -5.78
C ASP A 47 -1.33 -11.56 -4.82
N GLU A 48 -0.64 -10.79 -3.97
CA GLU A 48 0.33 -11.36 -3.02
C GLU A 48 -0.35 -12.00 -1.79
N PHE A 49 -1.02 -11.17 -0.96
CA PHE A 49 -1.72 -11.68 0.24
C PHE A 49 -3.18 -12.02 -0.02
N ASP A 50 -3.76 -11.46 -1.10
CA ASP A 50 -5.18 -11.65 -1.42
C ASP A 50 -6.03 -11.44 -0.18
N VAL A 51 -6.15 -10.17 0.16
CA VAL A 51 -6.89 -9.72 1.34
C VAL A 51 -7.92 -8.68 0.91
N LYS A 52 -8.79 -8.27 1.82
CA LYS A 52 -9.81 -7.27 1.47
C LYS A 52 -9.43 -5.88 1.96
N ILE A 53 -8.88 -5.07 1.06
CA ILE A 53 -8.45 -3.72 1.41
C ILE A 53 -9.49 -2.70 0.92
N GLU A 54 -10.16 -2.06 1.88
CA GLU A 54 -11.15 -1.03 1.53
C GLU A 54 -10.44 0.16 0.87
N THR A 55 -10.31 0.08 -0.46
CA THR A 55 -9.62 1.12 -1.23
C THR A 55 -10.56 2.26 -1.63
N GLU A 56 -9.97 3.42 -1.88
CA GLU A 56 -10.73 4.62 -2.26
C GLU A 56 -11.70 5.02 -1.14
N ASP A 57 -11.48 4.49 0.07
CA ASP A 57 -12.31 4.81 1.23
C ASP A 57 -11.50 5.65 2.22
N GLY A 58 -10.48 6.36 1.71
CA GLY A 58 -9.62 7.19 2.55
C GLY A 58 -8.27 6.55 2.80
N ILE A 59 -7.92 5.50 2.02
CA ILE A 59 -6.64 4.81 2.20
C ILE A 59 -5.68 5.22 1.08
N GLN A 60 -4.69 6.03 1.43
CA GLN A 60 -3.66 6.49 0.49
C GLN A 60 -2.32 6.71 1.21
N THR A 61 -2.18 6.09 2.38
CA THR A 61 -1.00 6.22 3.20
C THR A 61 -0.50 4.82 3.55
N VAL A 62 0.81 4.66 3.62
CA VAL A 62 1.39 3.35 3.93
C VAL A 62 0.81 2.83 5.25
N GLN A 63 0.60 3.73 6.22
CA GLN A 63 0.06 3.33 7.51
C GLN A 63 -1.34 2.72 7.35
N ASP A 64 -2.23 3.41 6.63
CA ASP A 64 -3.60 2.90 6.43
C ASP A 64 -3.62 1.67 5.53
N LEU A 65 -2.78 1.70 4.50
CA LEU A 65 -2.69 0.58 3.54
C LEU A 65 -2.24 -0.67 4.28
N VAL A 66 -1.13 -0.53 5.00
CA VAL A 66 -0.55 -1.61 5.78
C VAL A 66 -1.50 -2.07 6.88
N THR A 67 -2.07 -1.10 7.59
CA THR A 67 -2.98 -1.41 8.69
C THR A 67 -4.20 -2.16 8.15
N TYR A 68 -4.73 -1.70 7.03
CA TYR A 68 -5.91 -2.32 6.43
C TYR A 68 -5.61 -3.72 5.89
N VAL A 69 -4.55 -3.84 5.08
CA VAL A 69 -4.19 -5.15 4.51
C VAL A 69 -3.88 -6.11 5.64
N GLU A 70 -3.05 -5.65 6.56
CA GLU A 70 -2.62 -6.46 7.69
C GLU A 70 -3.78 -6.82 8.63
N LYS A 71 -4.64 -5.84 8.93
CA LYS A 71 -5.77 -6.07 9.81
C LYS A 71 -6.76 -7.03 9.16
N GLN A 72 -7.07 -6.76 7.90
CA GLN A 72 -8.02 -7.58 7.15
C GLN A 72 -7.47 -8.96 6.83
N GLN A 73 -6.15 -9.05 6.57
CA GLN A 73 -5.54 -10.36 6.26
C GLN A 73 -5.59 -11.30 7.48
N ALA A 74 -5.77 -10.71 8.66
CA ALA A 74 -5.83 -11.48 9.91
C ALA A 74 -7.04 -12.39 9.92
N ASN A 75 -6.88 -13.59 10.48
CA ASN A 75 -7.98 -14.56 10.57
C ASN A 75 -8.55 -14.84 9.18
N MET A 1 6.14 -7.31 9.30
CA MET A 1 6.51 -8.28 8.23
C MET A 1 5.63 -8.03 7.00
N VAL A 2 4.34 -7.79 7.25
CA VAL A 2 3.41 -7.54 6.15
C VAL A 2 3.82 -6.25 5.46
N PHE A 3 4.08 -5.21 6.25
CA PHE A 3 4.49 -3.93 5.71
C PHE A 3 5.75 -4.08 4.87
N GLU A 4 6.57 -5.07 5.23
CA GLU A 4 7.78 -5.34 4.48
C GLU A 4 7.38 -5.75 3.06
N LYS A 5 6.24 -6.46 2.99
CA LYS A 5 5.71 -6.97 1.73
C LYS A 5 4.97 -5.89 0.96
N ILE A 6 4.09 -5.16 1.65
CA ILE A 6 3.35 -4.08 1.03
C ILE A 6 4.35 -3.05 0.51
N GLN A 7 5.39 -2.81 1.31
CA GLN A 7 6.48 -1.92 0.94
C GLN A 7 7.16 -2.51 -0.29
N ALA A 8 7.32 -3.84 -0.30
CA ALA A 8 7.95 -4.51 -1.44
C ALA A 8 7.14 -4.28 -2.72
N ILE A 9 5.82 -4.34 -2.56
CA ILE A 9 4.88 -4.14 -3.67
C ILE A 9 4.92 -2.68 -4.15
N ILE A 10 4.88 -1.75 -3.21
CA ILE A 10 4.88 -0.32 -3.53
C ILE A 10 6.22 0.08 -4.17
N VAL A 11 7.29 -0.41 -3.57
CA VAL A 11 8.64 -0.12 -4.02
C VAL A 11 8.86 -0.69 -5.43
N GLU A 12 8.43 -1.94 -5.66
CA GLU A 12 8.63 -2.57 -6.96
C GLU A 12 7.64 -2.04 -8.02
N GLU A 13 6.38 -1.89 -7.62
CA GLU A 13 5.34 -1.41 -8.54
C GLU A 13 5.56 0.06 -8.90
N LEU A 14 5.88 0.87 -7.90
CA LEU A 14 6.12 2.30 -8.10
C LEU A 14 7.55 2.55 -8.58
N GLY A 15 8.47 1.64 -8.26
CA GLY A 15 9.88 1.80 -8.64
C GLY A 15 10.53 2.89 -7.78
N LYS A 16 10.07 2.99 -6.53
CA LYS A 16 10.59 3.98 -5.60
C LYS A 16 11.58 3.30 -4.64
N ASP A 17 12.04 4.04 -3.62
CA ASP A 17 12.98 3.48 -2.65
C ASP A 17 12.23 3.03 -1.40
N ALA A 18 12.78 2.03 -0.71
CA ALA A 18 12.17 1.52 0.51
C ALA A 18 12.07 2.62 1.56
N GLU A 19 13.13 3.44 1.65
CA GLU A 19 13.17 4.55 2.59
C GLU A 19 12.12 5.61 2.26
N GLU A 20 11.81 5.76 0.98
CA GLU A 20 10.81 6.73 0.52
C GLU A 20 9.39 6.33 0.94
N VAL A 21 9.19 5.04 1.25
CA VAL A 21 7.86 4.58 1.68
C VAL A 21 7.79 4.63 3.20
N GLN A 22 6.94 5.52 3.72
CA GLN A 22 6.77 5.68 5.16
C GLN A 22 5.31 5.59 5.57
N LEU A 23 5.07 4.98 6.72
CA LEU A 23 3.72 4.79 7.24
C LEU A 23 3.04 6.13 7.50
N THR A 24 3.76 7.03 8.14
CA THR A 24 3.24 8.36 8.47
C THR A 24 3.00 9.19 7.21
N THR A 25 3.90 9.02 6.23
CA THR A 25 3.84 9.77 4.99
C THR A 25 2.68 9.35 4.08
N ASN A 26 2.11 10.33 3.38
CA ASN A 26 1.01 10.12 2.44
C ASN A 26 1.59 10.11 1.02
N ILE A 27 1.52 8.97 0.36
CA ILE A 27 2.05 8.81 -1.00
C ILE A 27 1.25 9.58 -2.05
N GLN A 28 -0.08 9.61 -1.92
CA GLN A 28 -0.90 10.30 -2.90
C GLN A 28 -0.55 11.80 -2.97
N GLU A 29 -0.12 12.36 -1.84
CA GLU A 29 0.26 13.77 -1.78
C GLU A 29 1.76 13.96 -1.91
N GLU A 30 2.52 13.05 -1.28
CA GLU A 30 3.98 13.13 -1.31
C GLU A 30 4.49 12.86 -2.72
N LEU A 31 4.00 11.79 -3.33
CA LEU A 31 4.42 11.40 -4.67
C LEU A 31 3.39 11.78 -5.73
N ASP A 32 2.30 12.46 -5.34
CA ASP A 32 1.26 12.85 -6.29
C ASP A 32 0.72 11.59 -6.98
N ALA A 33 0.35 10.60 -6.16
CA ALA A 33 -0.16 9.33 -6.68
C ALA A 33 -1.64 9.40 -6.99
N ASP A 34 -2.03 8.68 -8.04
CA ASP A 34 -3.42 8.65 -8.48
C ASP A 34 -4.12 7.36 -8.03
N SER A 35 -5.41 7.25 -8.34
CA SER A 35 -6.21 6.09 -7.97
C SER A 35 -5.63 4.82 -8.59
N LEU A 36 -5.17 4.91 -9.84
CA LEU A 36 -4.61 3.75 -10.52
C LEU A 36 -3.36 3.22 -9.82
N ASP A 37 -2.49 4.13 -9.39
CA ASP A 37 -1.25 3.73 -8.72
C ASP A 37 -1.56 2.97 -7.44
N LEU A 38 -2.53 3.48 -6.68
CA LEU A 38 -2.96 2.83 -5.44
C LEU A 38 -3.70 1.53 -5.75
N PHE A 39 -4.51 1.58 -6.79
CA PHE A 39 -5.28 0.45 -7.25
C PHE A 39 -4.35 -0.70 -7.59
N GLN A 40 -3.28 -0.38 -8.33
CA GLN A 40 -2.28 -1.38 -8.71
C GLN A 40 -1.54 -1.93 -7.49
N ILE A 41 -1.22 -1.05 -6.54
CA ILE A 41 -0.53 -1.47 -5.31
C ILE A 41 -1.44 -2.47 -4.58
N ILE A 42 -2.74 -2.16 -4.58
CA ILE A 42 -3.73 -3.01 -3.95
C ILE A 42 -3.87 -4.29 -4.78
N ASN A 43 -3.75 -4.19 -6.11
CA ASN A 43 -3.82 -5.38 -6.96
C ASN A 43 -2.63 -6.28 -6.65
N GLU A 44 -1.48 -5.62 -6.44
CA GLU A 44 -0.23 -6.29 -6.12
C GLU A 44 -0.27 -6.96 -4.76
N ILE A 45 -0.78 -6.25 -3.75
CA ILE A 45 -0.90 -6.85 -2.43
C ILE A 45 -2.00 -7.91 -2.46
N GLU A 46 -3.01 -7.66 -3.30
CA GLU A 46 -4.11 -8.61 -3.49
C GLU A 46 -3.52 -9.89 -4.11
N ASP A 47 -2.63 -9.72 -5.07
CA ASP A 47 -1.99 -10.86 -5.71
C ASP A 47 -1.03 -11.56 -4.74
N GLU A 48 -0.37 -10.76 -3.89
CA GLU A 48 0.61 -11.28 -2.93
C GLU A 48 -0.06 -11.95 -1.71
N PHE A 49 -0.76 -11.15 -0.89
CA PHE A 49 -1.43 -11.66 0.31
C PHE A 49 -2.88 -12.06 0.05
N ASP A 50 -3.48 -11.52 -1.02
CA ASP A 50 -4.89 -11.77 -1.35
C ASP A 50 -5.74 -11.61 -0.10
N VAL A 51 -5.92 -10.35 0.27
CA VAL A 51 -6.67 -9.96 1.44
C VAL A 51 -7.74 -8.95 1.01
N LYS A 52 -8.70 -8.65 1.89
CA LYS A 52 -9.76 -7.71 1.51
C LYS A 52 -9.31 -6.27 1.79
N ILE A 53 -8.88 -5.58 0.74
CA ILE A 53 -8.39 -4.20 0.88
C ILE A 53 -9.47 -3.21 0.48
N GLU A 54 -10.04 -2.53 1.48
CA GLU A 54 -11.04 -1.50 1.22
C GLU A 54 -10.33 -0.18 0.95
N THR A 55 -10.07 0.08 -0.34
CA THR A 55 -9.35 1.29 -0.75
C THR A 55 -10.30 2.37 -1.25
N GLU A 56 -9.72 3.55 -1.56
CA GLU A 56 -10.50 4.69 -2.01
C GLU A 56 -11.56 5.05 -0.97
N ASP A 57 -11.37 4.57 0.27
CA ASP A 57 -12.29 4.85 1.37
C ASP A 57 -11.62 5.84 2.33
N GLY A 58 -10.76 6.70 1.77
CA GLY A 58 -10.04 7.68 2.57
C GLY A 58 -8.64 7.18 2.94
N ILE A 59 -8.20 6.06 2.32
CA ILE A 59 -6.90 5.49 2.61
C ILE A 59 -5.98 5.50 1.40
N GLN A 60 -4.77 6.03 1.62
CA GLN A 60 -3.73 6.13 0.59
C GLN A 60 -2.38 5.91 1.28
N THR A 61 -2.24 6.56 2.42
CA THR A 61 -1.05 6.49 3.26
C THR A 61 -0.66 5.05 3.53
N VAL A 62 0.65 4.81 3.57
CA VAL A 62 1.18 3.48 3.83
C VAL A 62 0.64 2.96 5.16
N GLN A 63 0.50 3.85 6.17
CA GLN A 63 -0.03 3.41 7.45
C GLN A 63 -1.43 2.81 7.28
N ASP A 64 -2.31 3.50 6.53
CA ASP A 64 -3.66 2.98 6.32
C ASP A 64 -3.64 1.73 5.44
N LEU A 65 -2.82 1.75 4.39
CA LEU A 65 -2.71 0.62 3.47
C LEU A 65 -2.22 -0.63 4.22
N VAL A 66 -1.19 -0.43 5.02
CA VAL A 66 -0.60 -1.51 5.81
C VAL A 66 -1.57 -1.99 6.88
N THR A 67 -2.17 -1.03 7.60
CA THR A 67 -3.10 -1.36 8.66
C THR A 67 -4.29 -2.12 8.10
N TYR A 68 -4.79 -1.66 6.96
CA TYR A 68 -5.93 -2.30 6.32
C TYR A 68 -5.60 -3.71 5.85
N VAL A 69 -4.53 -3.85 5.05
CA VAL A 69 -4.15 -5.17 4.52
C VAL A 69 -3.83 -6.09 5.68
N GLU A 70 -3.01 -5.61 6.58
CA GLU A 70 -2.56 -6.39 7.73
C GLU A 70 -3.71 -6.75 8.67
N LYS A 71 -4.62 -5.81 8.91
CA LYS A 71 -5.74 -6.06 9.81
C LYS A 71 -6.73 -7.02 9.15
N GLN A 72 -7.07 -6.71 7.90
CA GLN A 72 -8.02 -7.52 7.16
C GLN A 72 -7.47 -8.92 6.90
N GLN A 73 -6.15 -9.04 6.69
CA GLN A 73 -5.54 -10.34 6.43
C GLN A 73 -5.61 -11.26 7.66
N ALA A 74 -5.78 -10.64 8.83
CA ALA A 74 -5.86 -11.39 10.09
C ALA A 74 -7.06 -12.33 10.09
N ASN A 75 -6.88 -13.52 10.65
CA ASN A 75 -7.94 -14.51 10.72
C ASN A 75 -7.91 -15.22 12.08
N MET A 1 5.76 -8.87 9.15
CA MET A 1 6.51 -8.09 8.12
C MET A 1 5.64 -7.91 6.86
N VAL A 2 4.35 -7.68 7.08
CA VAL A 2 3.44 -7.45 5.95
C VAL A 2 3.89 -6.19 5.24
N PHE A 3 4.17 -5.15 6.03
CA PHE A 3 4.61 -3.87 5.49
C PHE A 3 5.86 -4.06 4.65
N GLU A 4 6.66 -5.06 5.01
CA GLU A 4 7.86 -5.37 4.25
C GLU A 4 7.44 -5.74 2.83
N LYS A 5 6.30 -6.43 2.75
CA LYS A 5 5.74 -6.90 1.49
C LYS A 5 5.04 -5.79 0.73
N ILE A 6 4.18 -5.04 1.42
CA ILE A 6 3.47 -3.92 0.81
C ILE A 6 4.52 -2.93 0.29
N GLN A 7 5.56 -2.73 1.11
CA GLN A 7 6.67 -1.87 0.75
C GLN A 7 7.33 -2.45 -0.50
N ALA A 8 7.45 -3.78 -0.55
CA ALA A 8 8.05 -4.44 -1.70
C ALA A 8 7.24 -4.13 -2.96
N ILE A 9 5.91 -4.19 -2.82
CA ILE A 9 4.98 -3.90 -3.91
C ILE A 9 5.07 -2.43 -4.35
N ILE A 10 5.06 -1.51 -3.38
CA ILE A 10 5.11 -0.08 -3.68
C ILE A 10 6.46 0.28 -4.31
N VAL A 11 7.51 -0.25 -3.71
CA VAL A 11 8.87 0.00 -4.17
C VAL A 11 9.06 -0.53 -5.60
N GLU A 12 8.62 -1.77 -5.83
CA GLU A 12 8.80 -2.39 -7.16
C GLU A 12 7.84 -1.81 -8.20
N GLU A 13 6.59 -1.59 -7.80
CA GLU A 13 5.56 -1.06 -8.70
C GLU A 13 5.79 0.41 -9.05
N LEU A 14 6.11 1.21 -8.03
CA LEU A 14 6.33 2.65 -8.21
C LEU A 14 7.78 2.98 -8.55
N GLY A 15 8.70 2.10 -8.16
CA GLY A 15 10.13 2.34 -8.39
C GLY A 15 10.72 3.25 -7.30
N LYS A 16 10.06 3.28 -6.14
CA LYS A 16 10.50 4.10 -5.01
C LYS A 16 11.42 3.25 -4.11
N ASP A 17 12.04 3.89 -3.12
CA ASP A 17 12.94 3.16 -2.21
C ASP A 17 12.19 2.77 -0.94
N ALA A 18 12.62 1.67 -0.32
CA ALA A 18 12.00 1.19 0.92
C ALA A 18 12.12 2.26 2.00
N GLU A 19 13.29 2.90 2.06
CA GLU A 19 13.53 3.98 3.02
C GLU A 19 12.65 5.20 2.73
N GLU A 20 12.22 5.33 1.46
CA GLU A 20 11.38 6.44 1.04
C GLU A 20 9.90 6.19 1.32
N VAL A 21 9.54 4.96 1.71
CA VAL A 21 8.14 4.64 2.02
C VAL A 21 7.91 4.86 3.53
N GLN A 22 7.01 5.79 3.86
CA GLN A 22 6.70 6.11 5.26
C GLN A 22 5.24 5.83 5.58
N LEU A 23 5.02 5.27 6.78
CA LEU A 23 3.68 4.94 7.24
C LEU A 23 2.80 6.19 7.37
N THR A 24 3.35 7.21 8.02
CA THR A 24 2.64 8.47 8.24
C THR A 24 2.37 9.20 6.92
N THR A 25 3.34 9.12 6.01
CA THR A 25 3.26 9.81 4.72
C THR A 25 2.19 9.21 3.80
N ASN A 26 1.49 10.09 3.08
CA ASN A 26 0.47 9.70 2.11
C ASN A 26 1.10 9.69 0.73
N ILE A 27 1.15 8.52 0.11
CA ILE A 27 1.77 8.34 -1.20
C ILE A 27 1.06 9.14 -2.31
N GLN A 28 -0.27 9.20 -2.28
CA GLN A 28 -0.99 9.92 -3.32
C GLN A 28 -0.58 11.40 -3.35
N GLU A 29 -0.20 11.93 -2.18
CA GLU A 29 0.22 13.33 -2.09
C GLU A 29 1.75 13.47 -2.15
N GLU A 30 2.45 12.55 -1.48
CA GLU A 30 3.92 12.58 -1.46
C GLU A 30 4.46 12.32 -2.85
N LEU A 31 3.96 11.25 -3.45
CA LEU A 31 4.40 10.85 -4.79
C LEU A 31 3.44 11.33 -5.88
N ASP A 32 2.39 12.08 -5.50
CA ASP A 32 1.42 12.56 -6.49
C ASP A 32 0.82 11.35 -7.23
N ALA A 33 0.48 10.32 -6.46
CA ALA A 33 -0.05 9.07 -7.02
C ALA A 33 -1.55 9.19 -7.27
N ASP A 34 -1.97 8.62 -8.41
CA ASP A 34 -3.37 8.63 -8.80
C ASP A 34 -4.07 7.35 -8.32
N SER A 35 -5.36 7.22 -8.64
CA SER A 35 -6.13 6.06 -8.24
C SER A 35 -5.52 4.78 -8.79
N LEU A 36 -4.94 4.86 -9.99
CA LEU A 36 -4.32 3.68 -10.62
C LEU A 36 -3.12 3.20 -9.81
N ASP A 37 -2.29 4.14 -9.33
CA ASP A 37 -1.10 3.78 -8.57
C ASP A 37 -1.50 3.02 -7.30
N LEU A 38 -2.49 3.55 -6.58
CA LEU A 38 -2.97 2.90 -5.35
C LEU A 38 -3.72 1.61 -5.69
N PHE A 39 -4.49 1.66 -6.77
CA PHE A 39 -5.28 0.52 -7.21
C PHE A 39 -4.34 -0.64 -7.53
N GLN A 40 -3.29 -0.35 -8.30
CA GLN A 40 -2.32 -1.37 -8.68
C GLN A 40 -1.57 -1.93 -7.48
N ILE A 41 -1.21 -1.06 -6.53
CA ILE A 41 -0.52 -1.51 -5.32
C ILE A 41 -1.44 -2.47 -4.57
N ILE A 42 -2.72 -2.15 -4.57
CA ILE A 42 -3.74 -2.98 -3.93
C ILE A 42 -3.96 -4.24 -4.76
N ASN A 43 -3.85 -4.13 -6.09
CA ASN A 43 -3.98 -5.31 -6.95
C ASN A 43 -2.82 -6.25 -6.66
N GLU A 44 -1.65 -5.64 -6.46
CA GLU A 44 -0.43 -6.37 -6.17
C GLU A 44 -0.46 -6.99 -4.79
N ILE A 45 -0.92 -6.24 -3.77
CA ILE A 45 -1.02 -6.82 -2.43
C ILE A 45 -2.14 -7.87 -2.45
N GLU A 46 -3.15 -7.63 -3.29
CA GLU A 46 -4.25 -8.57 -3.46
C GLU A 46 -3.67 -9.86 -4.09
N ASP A 47 -2.78 -9.70 -5.05
CA ASP A 47 -2.15 -10.85 -5.69
C ASP A 47 -1.17 -11.54 -4.74
N GLU A 48 -0.51 -10.74 -3.91
CA GLU A 48 0.49 -11.25 -2.96
C GLU A 48 -0.15 -11.91 -1.73
N PHE A 49 -0.86 -11.12 -0.92
CA PHE A 49 -1.52 -11.64 0.30
C PHE A 49 -2.98 -12.01 0.07
N ASP A 50 -3.59 -11.46 -0.99
CA ASP A 50 -5.01 -11.69 -1.29
C ASP A 50 -5.84 -11.53 -0.03
N VAL A 51 -6.00 -10.26 0.33
CA VAL A 51 -6.75 -9.85 1.53
C VAL A 51 -7.80 -8.82 1.11
N LYS A 52 -8.52 -8.25 2.08
CA LYS A 52 -9.54 -7.26 1.75
C LYS A 52 -9.11 -5.85 2.16
N ILE A 53 -8.56 -5.10 1.20
CA ILE A 53 -8.14 -3.73 1.49
C ILE A 53 -9.23 -2.78 1.01
N GLU A 54 -9.94 -2.19 1.97
CA GLU A 54 -11.01 -1.26 1.66
C GLU A 54 -10.40 0.11 1.34
N THR A 55 -10.09 0.32 0.06
CA THR A 55 -9.48 1.56 -0.41
C THR A 55 -10.52 2.56 -0.89
N GLU A 56 -10.06 3.74 -1.27
CA GLU A 56 -10.95 4.80 -1.74
C GLU A 56 -11.93 5.18 -0.62
N ASP A 57 -11.61 4.80 0.62
CA ASP A 57 -12.45 5.12 1.77
C ASP A 57 -11.74 6.14 2.66
N GLY A 58 -10.88 6.96 2.03
CA GLY A 58 -10.12 7.97 2.74
C GLY A 58 -8.72 7.46 3.08
N ILE A 59 -8.31 6.32 2.50
CA ILE A 59 -6.98 5.76 2.75
C ILE A 59 -6.09 5.78 1.51
N GLN A 60 -4.98 6.49 1.65
CA GLN A 60 -3.98 6.64 0.58
C GLN A 60 -2.61 6.85 1.24
N THR A 61 -2.41 6.10 2.31
CA THR A 61 -1.20 6.19 3.11
C THR A 61 -0.70 4.79 3.41
N VAL A 62 0.61 4.64 3.48
CA VAL A 62 1.22 3.35 3.77
C VAL A 62 0.66 2.83 5.09
N GLN A 63 0.49 3.73 6.08
CA GLN A 63 -0.06 3.31 7.38
C GLN A 63 -1.46 2.71 7.23
N ASP A 64 -2.38 3.39 6.49
CA ASP A 64 -3.74 2.85 6.33
C ASP A 64 -3.75 1.63 5.44
N LEU A 65 -2.97 1.67 4.37
CA LEU A 65 -2.89 0.56 3.42
C LEU A 65 -2.39 -0.68 4.16
N VAL A 66 -1.32 -0.50 4.93
CA VAL A 66 -0.72 -1.59 5.69
C VAL A 66 -1.64 -2.04 6.82
N THR A 67 -2.22 -1.08 7.54
CA THR A 67 -3.12 -1.42 8.64
C THR A 67 -4.30 -2.21 8.11
N TYR A 68 -4.85 -1.78 6.97
CA TYR A 68 -6.00 -2.43 6.37
C TYR A 68 -5.65 -3.84 5.87
N VAL A 69 -4.61 -3.94 5.05
CA VAL A 69 -4.20 -5.24 4.50
C VAL A 69 -3.84 -6.19 5.63
N GLU A 70 -3.02 -5.69 6.53
CA GLU A 70 -2.52 -6.46 7.66
C GLU A 70 -3.64 -6.84 8.64
N LYS A 71 -4.55 -5.89 8.92
CA LYS A 71 -5.66 -6.15 9.84
C LYS A 71 -6.60 -7.17 9.23
N GLN A 72 -6.93 -6.96 7.94
CA GLN A 72 -7.85 -7.86 7.24
C GLN A 72 -7.22 -9.22 6.98
N GLN A 73 -5.91 -9.26 6.72
CA GLN A 73 -5.25 -10.55 6.45
C GLN A 73 -5.25 -11.44 7.71
N ALA A 74 -5.49 -10.83 8.87
CA ALA A 74 -5.53 -11.55 10.14
C ALA A 74 -6.69 -12.55 10.15
N ASN A 75 -6.45 -13.71 10.76
CA ASN A 75 -7.48 -14.75 10.85
C ASN A 75 -7.30 -15.57 12.13
N MET A 1 5.92 -9.33 8.38
CA MET A 1 6.59 -8.58 7.28
C MET A 1 5.58 -8.22 6.18
N VAL A 2 4.32 -8.00 6.59
CA VAL A 2 3.26 -7.63 5.64
C VAL A 2 3.63 -6.29 5.01
N PHE A 3 4.08 -5.36 5.86
CA PHE A 3 4.45 -4.02 5.43
C PHE A 3 5.68 -4.07 4.53
N GLU A 4 6.55 -5.05 4.77
CA GLU A 4 7.72 -5.23 3.91
C GLU A 4 7.25 -5.61 2.50
N LYS A 5 6.07 -6.26 2.44
CA LYS A 5 5.50 -6.70 1.17
C LYS A 5 4.72 -5.56 0.51
N ILE A 6 3.88 -4.90 1.29
CA ILE A 6 3.10 -3.78 0.78
C ILE A 6 4.07 -2.71 0.29
N GLN A 7 5.12 -2.51 1.08
CA GLN A 7 6.20 -1.58 0.74
C GLN A 7 6.92 -2.09 -0.50
N ALA A 8 7.10 -3.42 -0.59
CA ALA A 8 7.78 -4.02 -1.73
C ALA A 8 7.00 -3.75 -3.02
N ILE A 9 5.68 -3.86 -2.92
CA ILE A 9 4.79 -3.62 -4.07
C ILE A 9 4.92 -2.17 -4.54
N ILE A 10 4.90 -1.26 -3.57
CA ILE A 10 4.97 0.17 -3.84
C ILE A 10 6.36 0.54 -4.38
N VAL A 11 7.37 -0.03 -3.75
CA VAL A 11 8.77 0.20 -4.12
C VAL A 11 9.04 -0.33 -5.52
N GLU A 12 8.48 -1.50 -5.86
CA GLU A 12 8.71 -2.09 -7.18
C GLU A 12 7.82 -1.43 -8.24
N GLU A 13 6.55 -1.18 -7.89
CA GLU A 13 5.59 -0.57 -8.82
C GLU A 13 5.98 0.88 -9.14
N LEU A 14 6.33 1.62 -8.10
CA LEU A 14 6.74 3.02 -8.26
C LEU A 14 8.22 3.14 -8.59
N GLY A 15 8.99 2.09 -8.29
CA GLY A 15 10.44 2.13 -8.52
C GLY A 15 11.07 3.17 -7.61
N LYS A 16 10.43 3.38 -6.45
CA LYS A 16 10.88 4.35 -5.47
C LYS A 16 11.68 3.65 -4.38
N ASP A 17 12.12 4.40 -3.36
CA ASP A 17 12.91 3.82 -2.28
C ASP A 17 12.04 3.48 -1.09
N ALA A 18 12.44 2.45 -0.33
CA ALA A 18 11.70 2.04 0.86
C ALA A 18 11.63 3.18 1.87
N GLU A 19 12.74 3.93 1.98
CA GLU A 19 12.81 5.06 2.90
C GLU A 19 11.75 6.11 2.55
N GLU A 20 11.46 6.25 1.25
CA GLU A 20 10.46 7.21 0.77
C GLU A 20 9.06 6.78 1.20
N VAL A 21 8.83 5.46 1.32
CA VAL A 21 7.52 4.95 1.73
C VAL A 21 7.49 4.85 3.26
N GLN A 22 6.63 5.65 3.88
CA GLN A 22 6.51 5.68 5.34
C GLN A 22 5.06 5.62 5.79
N LEU A 23 4.86 5.01 6.96
CA LEU A 23 3.52 4.85 7.52
C LEU A 23 2.84 6.20 7.71
N THR A 24 3.56 7.14 8.30
CA THR A 24 3.03 8.49 8.54
C THR A 24 2.81 9.23 7.22
N THR A 25 3.72 8.99 6.28
CA THR A 25 3.68 9.65 4.97
C THR A 25 2.55 9.12 4.08
N ASN A 26 1.94 10.03 3.32
CA ASN A 26 0.87 9.69 2.37
C ASN A 26 1.48 9.53 0.99
N ILE A 27 1.28 8.37 0.38
CA ILE A 27 1.84 8.06 -0.95
C ILE A 27 1.24 8.91 -2.07
N GLN A 28 -0.08 9.14 -2.03
CA GLN A 28 -0.73 9.91 -3.10
C GLN A 28 -0.15 11.32 -3.18
N GLU A 29 0.28 11.87 -2.05
CA GLU A 29 0.87 13.21 -2.01
C GLU A 29 2.40 13.16 -2.05
N GLU A 30 2.97 12.18 -1.33
CA GLU A 30 4.42 12.03 -1.26
C GLU A 30 5.00 11.60 -2.60
N LEU A 31 4.34 10.63 -3.23
CA LEU A 31 4.79 10.12 -4.52
C LEU A 31 3.88 10.56 -5.67
N ASP A 32 2.91 11.45 -5.38
CA ASP A 32 1.98 11.92 -6.42
C ASP A 32 1.27 10.72 -7.06
N ALA A 33 0.78 9.83 -6.19
CA ALA A 33 0.11 8.61 -6.65
C ALA A 33 -1.37 8.88 -6.96
N ASP A 34 -1.83 8.26 -8.04
CA ASP A 34 -3.21 8.40 -8.47
C ASP A 34 -4.01 7.15 -8.08
N SER A 35 -5.29 7.14 -8.44
CA SER A 35 -6.17 6.01 -8.12
C SER A 35 -5.65 4.72 -8.76
N LEU A 36 -5.14 4.83 -9.98
CA LEU A 36 -4.62 3.65 -10.68
C LEU A 36 -3.41 3.05 -9.97
N ASP A 37 -2.49 3.90 -9.52
CA ASP A 37 -1.27 3.44 -8.85
C ASP A 37 -1.65 2.69 -7.57
N LEU A 38 -2.57 3.26 -6.82
CA LEU A 38 -3.05 2.64 -5.58
C LEU A 38 -3.83 1.38 -5.91
N PHE A 39 -4.63 1.47 -6.96
CA PHE A 39 -5.44 0.37 -7.44
C PHE A 39 -4.53 -0.82 -7.74
N GLN A 40 -3.43 -0.56 -8.46
CA GLN A 40 -2.47 -1.60 -8.79
C GLN A 40 -1.73 -2.14 -7.58
N ILE A 41 -1.35 -1.25 -6.65
CA ILE A 41 -0.63 -1.70 -5.45
C ILE A 41 -1.55 -2.64 -4.67
N ILE A 42 -2.82 -2.26 -4.59
CA ILE A 42 -3.83 -3.07 -3.91
C ILE A 42 -4.09 -4.34 -4.72
N ASN A 43 -4.01 -4.25 -6.05
CA ASN A 43 -4.19 -5.44 -6.88
C ASN A 43 -3.02 -6.39 -6.63
N GLU A 44 -1.83 -5.81 -6.45
CA GLU A 44 -0.61 -6.55 -6.19
C GLU A 44 -0.63 -7.19 -4.82
N ILE A 45 -1.07 -6.45 -3.79
CA ILE A 45 -1.14 -7.02 -2.45
C ILE A 45 -2.27 -8.06 -2.46
N GLU A 46 -3.31 -7.76 -3.23
CA GLU A 46 -4.43 -8.68 -3.39
C GLU A 46 -3.91 -9.96 -4.06
N ASP A 47 -3.05 -9.79 -5.05
CA ASP A 47 -2.48 -10.94 -5.75
C ASP A 47 -1.52 -11.71 -4.85
N GLU A 48 -0.78 -10.98 -4.01
CA GLU A 48 0.20 -11.61 -3.12
C GLU A 48 -0.45 -12.24 -1.88
N PHE A 49 -1.04 -11.39 -1.03
CA PHE A 49 -1.70 -11.86 0.21
C PHE A 49 -3.17 -12.24 -0.01
N ASP A 50 -3.81 -11.65 -1.03
CA ASP A 50 -5.23 -11.88 -1.30
C ASP A 50 -6.04 -11.76 0.00
N VAL A 51 -6.09 -10.52 0.47
CA VAL A 51 -6.79 -10.15 1.69
C VAL A 51 -7.72 -8.97 1.40
N LYS A 52 -8.61 -8.66 2.34
CA LYS A 52 -9.54 -7.55 2.14
C LYS A 52 -8.80 -6.22 2.25
N ILE A 53 -8.60 -5.55 1.10
CA ILE A 53 -7.90 -4.28 1.08
C ILE A 53 -8.83 -3.14 0.68
N GLU A 54 -9.45 -2.53 1.69
CA GLU A 54 -10.34 -1.40 1.44
C GLU A 54 -9.50 -0.17 1.14
N THR A 55 -9.77 0.47 0.00
CA THR A 55 -9.01 1.66 -0.40
C THR A 55 -9.87 2.65 -1.18
N GLU A 56 -9.26 3.78 -1.52
CA GLU A 56 -9.96 4.83 -2.26
C GLU A 56 -11.16 5.34 -1.45
N ASP A 57 -11.03 5.29 -0.12
CA ASP A 57 -12.09 5.77 0.77
C ASP A 57 -11.50 6.74 1.79
N GLY A 58 -10.43 7.44 1.37
CA GLY A 58 -9.74 8.39 2.24
C GLY A 58 -8.42 7.81 2.76
N ILE A 59 -8.22 6.50 2.56
CA ILE A 59 -7.00 5.83 3.02
C ILE A 59 -6.06 5.52 1.85
N GLN A 60 -4.96 6.25 1.83
CA GLN A 60 -3.91 6.10 0.80
C GLN A 60 -2.54 5.91 1.47
N THR A 61 -2.43 6.46 2.67
CA THR A 61 -1.21 6.41 3.46
C THR A 61 -0.83 4.98 3.77
N VAL A 62 0.48 4.74 3.81
CA VAL A 62 1.02 3.42 4.10
C VAL A 62 0.45 2.93 5.44
N GLN A 63 0.30 3.86 6.40
CA GLN A 63 -0.24 3.47 7.71
C GLN A 63 -1.64 2.86 7.54
N ASP A 64 -2.53 3.51 6.76
CA ASP A 64 -3.88 2.97 6.58
C ASP A 64 -3.88 1.72 5.71
N LEU A 65 -3.13 1.76 4.60
CA LEU A 65 -3.04 0.62 3.69
C LEU A 65 -2.47 -0.62 4.38
N VAL A 66 -1.34 -0.44 5.05
CA VAL A 66 -0.67 -1.53 5.77
C VAL A 66 -1.54 -2.05 6.90
N THR A 67 -2.11 -1.13 7.68
CA THR A 67 -2.96 -1.51 8.80
C THR A 67 -4.19 -2.24 8.28
N TYR A 68 -4.74 -1.79 7.15
CA TYR A 68 -5.92 -2.41 6.58
C TYR A 68 -5.62 -3.81 6.06
N VAL A 69 -4.58 -3.94 5.21
CA VAL A 69 -4.22 -5.25 4.66
C VAL A 69 -3.83 -6.19 5.78
N GLU A 70 -2.97 -5.70 6.65
CA GLU A 70 -2.47 -6.48 7.77
C GLU A 70 -3.58 -6.87 8.75
N LYS A 71 -4.48 -5.92 9.05
CA LYS A 71 -5.58 -6.20 9.98
C LYS A 71 -6.57 -7.17 9.36
N GLN A 72 -6.88 -6.93 8.08
CA GLN A 72 -7.81 -7.78 7.36
C GLN A 72 -7.24 -9.18 7.14
N GLN A 73 -5.93 -9.25 6.86
CA GLN A 73 -5.29 -10.55 6.60
C GLN A 73 -5.25 -11.40 7.88
N ALA A 74 -5.40 -10.76 9.04
CA ALA A 74 -5.37 -11.46 10.33
C ALA A 74 -6.52 -12.45 10.42
N ASN A 75 -6.25 -13.61 11.02
CA ASN A 75 -7.26 -14.65 11.18
C ASN A 75 -8.17 -14.33 12.35
N MET A 1 6.59 -7.50 8.30
CA MET A 1 6.64 -8.43 7.14
C MET A 1 5.55 -8.07 6.15
N VAL A 2 4.34 -7.82 6.66
CA VAL A 2 3.22 -7.45 5.81
C VAL A 2 3.51 -6.09 5.18
N PHE A 3 3.97 -5.16 6.01
CA PHE A 3 4.33 -3.83 5.54
C PHE A 3 5.54 -3.92 4.62
N GLU A 4 6.39 -4.91 4.88
CA GLU A 4 7.56 -5.15 4.05
C GLU A 4 7.10 -5.55 2.65
N LYS A 5 5.95 -6.22 2.61
CA LYS A 5 5.36 -6.71 1.35
C LYS A 5 4.59 -5.61 0.63
N ILE A 6 3.80 -4.88 1.41
CA ILE A 6 3.02 -3.77 0.87
C ILE A 6 4.02 -2.72 0.35
N GLN A 7 5.06 -2.49 1.14
CA GLN A 7 6.15 -1.58 0.78
C GLN A 7 6.89 -2.15 -0.42
N ALA A 8 7.06 -3.48 -0.45
CA ALA A 8 7.73 -4.14 -1.56
C ALA A 8 6.98 -3.88 -2.86
N ILE A 9 5.65 -3.91 -2.78
CA ILE A 9 4.78 -3.66 -3.94
C ILE A 9 4.98 -2.23 -4.46
N ILE A 10 4.98 -1.27 -3.54
CA ILE A 10 5.11 0.14 -3.90
C ILE A 10 6.52 0.41 -4.45
N VAL A 11 7.50 -0.16 -3.76
CA VAL A 11 8.90 -0.02 -4.09
C VAL A 11 9.21 -0.67 -5.46
N GLU A 12 8.63 -1.85 -5.71
CA GLU A 12 8.88 -2.56 -6.96
C GLU A 12 8.04 -1.98 -8.11
N GLU A 13 6.77 -1.69 -7.82
CA GLU A 13 5.85 -1.14 -8.83
C GLU A 13 6.31 0.25 -9.25
N LEU A 14 6.61 1.08 -8.26
CA LEU A 14 7.07 2.45 -8.51
C LEU A 14 8.56 2.48 -8.82
N GLY A 15 9.31 1.47 -8.34
CA GLY A 15 10.75 1.41 -8.55
C GLY A 15 11.42 2.55 -7.77
N LYS A 16 10.91 2.80 -6.57
CA LYS A 16 11.44 3.85 -5.71
C LYS A 16 12.27 3.24 -4.57
N ASP A 17 12.67 4.07 -3.61
CA ASP A 17 13.45 3.60 -2.47
C ASP A 17 12.54 3.35 -1.26
N ALA A 18 12.98 2.48 -0.36
CA ALA A 18 12.21 2.16 0.83
C ALA A 18 11.99 3.43 1.65
N GLU A 19 13.03 4.25 1.75
CA GLU A 19 12.96 5.50 2.51
C GLU A 19 11.89 6.43 1.94
N GLU A 20 11.61 6.32 0.64
CA GLU A 20 10.60 7.17 0.01
C GLU A 20 9.21 6.82 0.54
N VAL A 21 8.99 5.53 0.86
CA VAL A 21 7.70 5.10 1.42
C VAL A 21 7.79 5.20 2.93
N GLN A 22 6.92 6.03 3.52
CA GLN A 22 6.93 6.27 4.96
C GLN A 22 5.79 5.53 5.67
N LEU A 23 5.51 5.92 6.92
CA LEU A 23 4.47 5.29 7.71
C LEU A 23 3.19 6.13 7.73
N THR A 24 3.33 7.42 8.05
CA THR A 24 2.15 8.30 8.15
C THR A 24 2.02 9.27 6.97
N THR A 25 3.01 9.29 6.08
CA THR A 25 2.94 10.19 4.93
C THR A 25 2.17 9.54 3.79
N ASN A 26 1.07 10.19 3.38
CA ASN A 26 0.22 9.67 2.30
C ASN A 26 1.06 9.46 1.03
N ILE A 27 0.92 8.28 0.43
CA ILE A 27 1.65 7.93 -0.80
C ILE A 27 1.15 8.77 -1.98
N GLN A 28 -0.17 8.98 -2.04
CA GLN A 28 -0.74 9.73 -3.15
C GLN A 28 -0.12 11.13 -3.24
N GLU A 29 0.25 11.70 -2.08
CA GLU A 29 0.87 13.02 -2.04
C GLU A 29 2.39 12.93 -1.98
N GLU A 30 2.88 11.97 -1.18
CA GLU A 30 4.33 11.77 -1.01
C GLU A 30 4.97 11.38 -2.33
N LEU A 31 4.37 10.37 -2.95
CA LEU A 31 4.88 9.85 -4.22
C LEU A 31 4.05 10.35 -5.41
N ASP A 32 3.10 11.28 -5.16
CA ASP A 32 2.25 11.81 -6.24
C ASP A 32 1.52 10.65 -6.93
N ALA A 33 1.03 9.72 -6.11
CA ALA A 33 0.33 8.55 -6.63
C ALA A 33 -1.15 8.87 -6.88
N ASP A 34 -1.63 8.40 -8.02
CA ASP A 34 -3.02 8.60 -8.42
C ASP A 34 -3.84 7.36 -8.05
N SER A 35 -5.15 7.44 -8.32
CA SER A 35 -6.05 6.33 -8.00
C SER A 35 -5.57 5.03 -8.67
N LEU A 36 -4.96 5.15 -9.85
CA LEU A 36 -4.44 3.98 -10.55
C LEU A 36 -3.26 3.37 -9.79
N ASP A 37 -2.37 4.23 -9.29
CA ASP A 37 -1.20 3.74 -8.56
C ASP A 37 -1.63 2.96 -7.32
N LEU A 38 -2.52 3.55 -6.54
CA LEU A 38 -3.03 2.90 -5.33
C LEU A 38 -3.85 1.67 -5.70
N PHE A 39 -4.64 1.80 -6.76
CA PHE A 39 -5.47 0.70 -7.25
C PHE A 39 -4.57 -0.48 -7.58
N GLN A 40 -3.49 -0.20 -8.32
CA GLN A 40 -2.54 -1.24 -8.71
C GLN A 40 -1.79 -1.81 -7.52
N ILE A 41 -1.39 -0.96 -6.57
CA ILE A 41 -0.68 -1.45 -5.38
C ILE A 41 -1.61 -2.42 -4.64
N ILE A 42 -2.87 -2.02 -4.51
CA ILE A 42 -3.89 -2.84 -3.87
C ILE A 42 -4.13 -4.11 -4.72
N ASN A 43 -4.05 -3.97 -6.05
CA ASN A 43 -4.21 -5.12 -6.92
C ASN A 43 -3.06 -6.08 -6.68
N GLU A 44 -1.88 -5.50 -6.46
CA GLU A 44 -0.66 -6.23 -6.21
C GLU A 44 -0.68 -6.90 -4.84
N ILE A 45 -1.13 -6.20 -3.79
CA ILE A 45 -1.20 -6.83 -2.47
C ILE A 45 -2.30 -7.88 -2.52
N GLU A 46 -3.34 -7.58 -3.30
CA GLU A 46 -4.44 -8.52 -3.51
C GLU A 46 -3.87 -9.78 -4.19
N ASP A 47 -2.99 -9.57 -5.16
CA ASP A 47 -2.37 -10.70 -5.86
C ASP A 47 -1.34 -11.41 -4.96
N GLU A 48 -0.68 -10.65 -4.09
CA GLU A 48 0.35 -11.19 -3.20
C GLU A 48 -0.26 -11.92 -1.98
N PHE A 49 -0.95 -11.17 -1.13
CA PHE A 49 -1.57 -11.73 0.09
C PHE A 49 -3.03 -12.15 -0.14
N ASP A 50 -3.68 -11.57 -1.16
CA ASP A 50 -5.10 -11.84 -1.43
C ASP A 50 -5.89 -11.74 -0.13
N VAL A 51 -5.97 -10.51 0.35
CA VAL A 51 -6.66 -10.15 1.59
C VAL A 51 -7.62 -9.01 1.30
N LYS A 52 -8.52 -8.72 2.25
CA LYS A 52 -9.45 -7.61 2.05
C LYS A 52 -8.68 -6.31 2.18
N ILE A 53 -8.73 -5.49 1.13
CA ILE A 53 -8.02 -4.20 1.13
C ILE A 53 -8.99 -3.10 0.74
N GLU A 54 -9.66 -2.53 1.73
CA GLU A 54 -10.61 -1.47 1.48
C GLU A 54 -9.87 -0.26 0.94
N THR A 55 -10.43 0.38 -0.09
CA THR A 55 -9.79 1.53 -0.72
C THR A 55 -10.81 2.60 -1.12
N GLU A 56 -10.28 3.74 -1.57
CA GLU A 56 -11.11 4.88 -1.99
C GLU A 56 -12.03 5.35 -0.85
N ASP A 57 -11.76 4.88 0.37
CA ASP A 57 -12.54 5.28 1.54
C ASP A 57 -11.67 6.15 2.46
N GLY A 58 -10.68 6.83 1.87
CA GLY A 58 -9.76 7.66 2.62
C GLY A 58 -8.38 7.00 2.75
N ILE A 59 -8.26 5.73 2.32
CA ILE A 59 -6.99 5.00 2.42
C ILE A 59 -6.07 5.36 1.26
N GLN A 60 -5.03 6.13 1.57
CA GLN A 60 -4.02 6.52 0.60
C GLN A 60 -2.67 6.73 1.31
N THR A 61 -2.53 6.13 2.50
CA THR A 61 -1.32 6.24 3.30
C THR A 61 -0.83 4.87 3.71
N VAL A 62 0.48 4.75 3.86
CA VAL A 62 1.09 3.48 4.22
C VAL A 62 0.49 2.96 5.53
N GLN A 63 0.26 3.85 6.51
CA GLN A 63 -0.31 3.42 7.78
C GLN A 63 -1.69 2.77 7.58
N ASP A 64 -2.59 3.46 6.85
CA ASP A 64 -3.93 2.92 6.63
C ASP A 64 -3.90 1.66 5.77
N LEU A 65 -3.12 1.70 4.69
CA LEU A 65 -3.01 0.57 3.77
C LEU A 65 -2.47 -0.66 4.52
N VAL A 66 -1.34 -0.47 5.18
CA VAL A 66 -0.69 -1.53 5.93
C VAL A 66 -1.61 -2.03 7.05
N THR A 67 -2.20 -1.10 7.78
CA THR A 67 -3.09 -1.47 8.88
C THR A 67 -4.28 -2.25 8.35
N TYR A 68 -4.82 -1.81 7.22
CA TYR A 68 -5.98 -2.45 6.62
C TYR A 68 -5.64 -3.84 6.08
N VAL A 69 -4.60 -3.93 5.24
CA VAL A 69 -4.21 -5.23 4.67
C VAL A 69 -3.83 -6.18 5.78
N GLU A 70 -3.00 -5.68 6.70
CA GLU A 70 -2.52 -6.48 7.81
C GLU A 70 -3.67 -6.90 8.74
N LYS A 71 -4.55 -5.95 9.07
CA LYS A 71 -5.67 -6.24 9.97
C LYS A 71 -6.61 -7.26 9.31
N GLN A 72 -6.92 -6.99 8.04
CA GLN A 72 -7.82 -7.85 7.28
C GLN A 72 -7.20 -9.22 7.03
N GLN A 73 -5.90 -9.27 6.75
CA GLN A 73 -5.23 -10.56 6.48
C GLN A 73 -5.21 -11.45 7.74
N ALA A 74 -5.37 -10.84 8.91
CA ALA A 74 -5.37 -11.58 10.17
C ALA A 74 -6.54 -12.57 10.22
N ASN A 75 -6.28 -13.75 10.79
CA ASN A 75 -7.30 -14.79 10.89
C ASN A 75 -8.42 -14.34 11.83
#